data_2ZW2
# 
_entry.id   2ZW2 
# 
_audit_conform.dict_name       mmcif_pdbx.dic 
_audit_conform.dict_version    5.380 
_audit_conform.dict_location   http://mmcif.pdb.org/dictionaries/ascii/mmcif_pdbx.dic 
# 
loop_
_database_2.database_id 
_database_2.database_code 
_database_2.pdbx_database_accession 
_database_2.pdbx_DOI 
PDB   2ZW2         pdb_00002zw2 10.2210/pdb2zw2/pdb 
RCSB  RCSB028497   ?            ?                   
WWPDB D_1000028497 ?            ?                   
# 
_pdbx_database_status.status_code                     REL 
_pdbx_database_status.entry_id                        2ZW2 
_pdbx_database_status.recvd_initial_deposition_date   2008-11-27 
_pdbx_database_status.deposit_site                    PDBJ 
_pdbx_database_status.process_site                    PDBJ 
_pdbx_database_status.status_code_sf                  REL 
_pdbx_database_status.status_code_mr                  ? 
_pdbx_database_status.SG_entry                        ? 
_pdbx_database_status.pdb_format_compatible           Y 
_pdbx_database_status.status_code_cs                  ? 
_pdbx_database_status.status_code_nmr_data            ? 
_pdbx_database_status.methods_development_category    ? 
# 
loop_
_audit_author.name 
_audit_author.pdbx_ordinal 
'Suzuki, S.'    1  
'Tamura, S.'    2  
'Okada, K.'     3  
'Baba, S.'      4  
'Kumasaka, T.'  5  
'Nakagawa, N.'  6  
'Masui, R.'     7  
'Kuramitsu, S.' 8  
'Sampei, G.'    9  
'Kawai, G.'     10 
# 
_citation.id                        primary 
_citation.title                     
'Crystal Structure of Formylglycinamide Ribonucleotide Amidotransferase III from SULFOLOBUS TOKODAII (STPURS)' 
_citation.journal_abbrev            'To be Published' 
_citation.journal_volume            ? 
_citation.page_first                ? 
_citation.page_last                 ? 
_citation.year                      ? 
_citation.journal_id_ASTM           ? 
_citation.country                   ? 
_citation.journal_id_ISSN           ? 
_citation.journal_id_CSD            0353 
_citation.book_publisher            ? 
_citation.pdbx_database_id_PubMed   ? 
_citation.pdbx_database_id_DOI      ? 
# 
loop_
_citation_author.citation_id 
_citation_author.name 
_citation_author.ordinal 
_citation_author.identifier_ORCID 
primary 'Suzuki, S.'    1  ? 
primary 'Tamura, S.'    2  ? 
primary 'Okada, K.'     3  ? 
primary 'Baba, S.'      4  ? 
primary 'Kumasaka, T.'  5  ? 
primary 'Nakagawa, N.'  6  ? 
primary 'Masui, R.'     7  ? 
primary 'Kuramitsu, S.' 8  ? 
primary 'Sampei, G.'    9  ? 
primary 'Kawai, G.'     10 ? 
# 
_cell.entry_id           2ZW2 
_cell.length_a           35.821 
_cell.length_b           68.390 
_cell.length_c           68.403 
_cell.angle_alpha        90.00 
_cell.angle_beta         90.00 
_cell.angle_gamma        90.00 
_cell.Z_PDB              8 
_cell.pdbx_unique_axis   ? 
_cell.length_a_esd       ? 
_cell.length_b_esd       ? 
_cell.length_c_esd       ? 
_cell.angle_alpha_esd    ? 
_cell.angle_beta_esd     ? 
_cell.angle_gamma_esd    ? 
# 
_symmetry.entry_id                         2ZW2 
_symmetry.space_group_name_H-M             'P 21 21 21' 
_symmetry.pdbx_full_space_group_name_H-M   ? 
_symmetry.cell_setting                     ? 
_symmetry.Int_Tables_number                19 
_symmetry.space_group_name_Hall            ? 
# 
loop_
_entity.id 
_entity.type 
_entity.src_method 
_entity.pdbx_description 
_entity.formula_weight 
_entity.pdbx_number_of_molecules 
_entity.pdbx_ec 
_entity.pdbx_mutation 
_entity.pdbx_fragment 
_entity.details 
1 polymer     man 'Putative uncharacterized protein STS178' 10763.329 2   6.3.5.3 ? ? ? 
2 non-polymer syn GLYCEROL                                  92.094    2   ?       ? ? ? 
3 water       nat water                                     18.015    200 ?       ? ? ? 
# 
_entity_name_com.entity_id   1 
_entity_name_com.name        
'Formylglycinamide Ribonucleotide Amidotransferase III, Phosphoribosylformylglycinamidine synthase III, PurS, STS178' 
# 
_entity_poly.entity_id                      1 
_entity_poly.type                           'polypeptide(L)' 
_entity_poly.nstd_linkage                   no 
_entity_poly.nstd_monomer                   no 
_entity_poly.pdbx_seq_one_letter_code       
;MSKMLYRVELIITNKEGVRDPEGETIQRYVVSRFSDKIIETRAGKYLVFRVNSSSQQEATELVKKLADEMRLYNPIVHKI
EIRANRIEDSSN
;
_entity_poly.pdbx_seq_one_letter_code_can   
;MSKMLYRVELIITNKEGVRDPEGETIQRYVVSRFSDKIIETRAGKYLVFRVNSSSQQEATELVKKLADEMRLYNPIVHKI
EIRANRIEDSSN
;
_entity_poly.pdbx_strand_id                 A,B 
_entity_poly.pdbx_target_identifier         ? 
# 
loop_
_entity_poly_seq.entity_id 
_entity_poly_seq.num 
_entity_poly_seq.mon_id 
_entity_poly_seq.hetero 
1 1  MET n 
1 2  SER n 
1 3  LYS n 
1 4  MET n 
1 5  LEU n 
1 6  TYR n 
1 7  ARG n 
1 8  VAL n 
1 9  GLU n 
1 10 LEU n 
1 11 ILE n 
1 12 ILE n 
1 13 THR n 
1 14 ASN n 
1 15 LYS n 
1 16 GLU n 
1 17 GLY n 
1 18 VAL n 
1 19 ARG n 
1 20 ASP n 
1 21 PRO n 
1 22 GLU n 
1 23 GLY n 
1 24 GLU n 
1 25 THR n 
1 26 ILE n 
1 27 GLN n 
1 28 ARG n 
1 29 TYR n 
1 30 VAL n 
1 31 VAL n 
1 32 SER n 
1 33 ARG n 
1 34 PHE n 
1 35 SER n 
1 36 ASP n 
1 37 LYS n 
1 38 ILE n 
1 39 ILE n 
1 40 GLU n 
1 41 THR n 
1 42 ARG n 
1 43 ALA n 
1 44 GLY n 
1 45 LYS n 
1 46 TYR n 
1 47 LEU n 
1 48 VAL n 
1 49 PHE n 
1 50 ARG n 
1 51 VAL n 
1 52 ASN n 
1 53 SER n 
1 54 SER n 
1 55 SER n 
1 56 GLN n 
1 57 GLN n 
1 58 GLU n 
1 59 ALA n 
1 60 THR n 
1 61 GLU n 
1 62 LEU n 
1 63 VAL n 
1 64 LYS n 
1 65 LYS n 
1 66 LEU n 
1 67 ALA n 
1 68 ASP n 
1 69 GLU n 
1 70 MET n 
1 71 ARG n 
1 72 LEU n 
1 73 TYR n 
1 74 ASN n 
1 75 PRO n 
1 76 ILE n 
1 77 VAL n 
1 78 HIS n 
1 79 LYS n 
1 80 ILE n 
1 81 GLU n 
1 82 ILE n 
1 83 ARG n 
1 84 ALA n 
1 85 ASN n 
1 86 ARG n 
1 87 ILE n 
1 88 GLU n 
1 89 ASP n 
1 90 SER n 
1 91 SER n 
1 92 ASN n 
# 
_entity_src_gen.entity_id                          1 
_entity_src_gen.pdbx_src_id                        1 
_entity_src_gen.pdbx_alt_source_flag               sample 
_entity_src_gen.pdbx_seq_type                      ? 
_entity_src_gen.pdbx_beg_seq_num                   ? 
_entity_src_gen.pdbx_end_seq_num                   ? 
_entity_src_gen.gene_src_common_name               ? 
_entity_src_gen.gene_src_genus                     ? 
_entity_src_gen.pdbx_gene_src_gene                 purS 
_entity_src_gen.gene_src_species                   ? 
_entity_src_gen.gene_src_strain                    7 
_entity_src_gen.gene_src_tissue                    ? 
_entity_src_gen.gene_src_tissue_fraction           ? 
_entity_src_gen.gene_src_details                   ? 
_entity_src_gen.pdbx_gene_src_fragment             ? 
_entity_src_gen.pdbx_gene_src_scientific_name      'Sulfolobus tokodaii' 
_entity_src_gen.pdbx_gene_src_ncbi_taxonomy_id     111955 
_entity_src_gen.pdbx_gene_src_variant              ? 
_entity_src_gen.pdbx_gene_src_cell_line            ? 
_entity_src_gen.pdbx_gene_src_atcc                 ? 
_entity_src_gen.pdbx_gene_src_organ                ? 
_entity_src_gen.pdbx_gene_src_organelle            ? 
_entity_src_gen.pdbx_gene_src_cell                 ? 
_entity_src_gen.pdbx_gene_src_cellular_location    ? 
_entity_src_gen.host_org_common_name               ? 
_entity_src_gen.pdbx_host_org_scientific_name      'Escherichia coli' 
_entity_src_gen.pdbx_host_org_ncbi_taxonomy_id     562 
_entity_src_gen.host_org_genus                     ? 
_entity_src_gen.pdbx_host_org_gene                 ? 
_entity_src_gen.pdbx_host_org_organ                ? 
_entity_src_gen.host_org_species                   ? 
_entity_src_gen.pdbx_host_org_tissue               ? 
_entity_src_gen.pdbx_host_org_tissue_fraction      ? 
_entity_src_gen.pdbx_host_org_strain               'Rosetta gami (DE3)' 
_entity_src_gen.pdbx_host_org_variant              ? 
_entity_src_gen.pdbx_host_org_cell_line            ? 
_entity_src_gen.pdbx_host_org_atcc                 ? 
_entity_src_gen.pdbx_host_org_culture_collection   ? 
_entity_src_gen.pdbx_host_org_cell                 ? 
_entity_src_gen.pdbx_host_org_organelle            ? 
_entity_src_gen.pdbx_host_org_cellular_location    ? 
_entity_src_gen.pdbx_host_org_vector_type          PLASMID 
_entity_src_gen.pdbx_host_org_vector               ? 
_entity_src_gen.host_org_details                   ? 
_entity_src_gen.expression_system_id               ? 
_entity_src_gen.plasmid_name                       pET-11a 
_entity_src_gen.plasmid_details                    ? 
_entity_src_gen.pdbx_description                   ? 
# 
_struct_ref.id                         1 
_struct_ref.db_name                    UNP 
_struct_ref.db_code                    Q970V8_SULTO 
_struct_ref.pdbx_db_accession          Q970V8 
_struct_ref.entity_id                  1 
_struct_ref.pdbx_seq_one_letter_code   
;MSKMLYRVELIITNKEGVRDPEGETIQRYVVSRFSDKIIETRAGKYLVFRVNSSSQQEATELVKKLADEMRLYNPIVHKI
EIRANRIEDSSN
;
_struct_ref.pdbx_align_begin           1 
_struct_ref.pdbx_db_isoform            ? 
# 
loop_
_struct_ref_seq.align_id 
_struct_ref_seq.ref_id 
_struct_ref_seq.pdbx_PDB_id_code 
_struct_ref_seq.pdbx_strand_id 
_struct_ref_seq.seq_align_beg 
_struct_ref_seq.pdbx_seq_align_beg_ins_code 
_struct_ref_seq.seq_align_end 
_struct_ref_seq.pdbx_seq_align_end_ins_code 
_struct_ref_seq.pdbx_db_accession 
_struct_ref_seq.db_align_beg 
_struct_ref_seq.pdbx_db_align_beg_ins_code 
_struct_ref_seq.db_align_end 
_struct_ref_seq.pdbx_db_align_end_ins_code 
_struct_ref_seq.pdbx_auth_seq_align_beg 
_struct_ref_seq.pdbx_auth_seq_align_end 
1 1 2ZW2 A 1 ? 92 ? Q970V8 1 ? 92 ? 1 92 
2 1 2ZW2 B 1 ? 92 ? Q970V8 1 ? 92 ? 1 92 
# 
loop_
_chem_comp.id 
_chem_comp.type 
_chem_comp.mon_nstd_flag 
_chem_comp.name 
_chem_comp.pdbx_synonyms 
_chem_comp.formula 
_chem_comp.formula_weight 
ALA 'L-peptide linking' y ALANINE         ?                               'C3 H7 N O2'     89.093  
ARG 'L-peptide linking' y ARGININE        ?                               'C6 H15 N4 O2 1' 175.209 
ASN 'L-peptide linking' y ASPARAGINE      ?                               'C4 H8 N2 O3'    132.118 
ASP 'L-peptide linking' y 'ASPARTIC ACID' ?                               'C4 H7 N O4'     133.103 
GLN 'L-peptide linking' y GLUTAMINE       ?                               'C5 H10 N2 O3'   146.144 
GLU 'L-peptide linking' y 'GLUTAMIC ACID' ?                               'C5 H9 N O4'     147.129 
GLY 'peptide linking'   y GLYCINE         ?                               'C2 H5 N O2'     75.067  
GOL non-polymer         . GLYCEROL        'GLYCERIN; PROPANE-1,2,3-TRIOL' 'C3 H8 O3'       92.094  
HIS 'L-peptide linking' y HISTIDINE       ?                               'C6 H10 N3 O2 1' 156.162 
HOH non-polymer         . WATER           ?                               'H2 O'           18.015  
ILE 'L-peptide linking' y ISOLEUCINE      ?                               'C6 H13 N O2'    131.173 
LEU 'L-peptide linking' y LEUCINE         ?                               'C6 H13 N O2'    131.173 
LYS 'L-peptide linking' y LYSINE          ?                               'C6 H15 N2 O2 1' 147.195 
MET 'L-peptide linking' y METHIONINE      ?                               'C5 H11 N O2 S'  149.211 
PHE 'L-peptide linking' y PHENYLALANINE   ?                               'C9 H11 N O2'    165.189 
PRO 'L-peptide linking' y PROLINE         ?                               'C5 H9 N O2'     115.130 
SER 'L-peptide linking' y SERINE          ?                               'C3 H7 N O3'     105.093 
THR 'L-peptide linking' y THREONINE       ?                               'C4 H9 N O3'     119.119 
TYR 'L-peptide linking' y TYROSINE        ?                               'C9 H11 N O3'    181.189 
VAL 'L-peptide linking' y VALINE          ?                               'C5 H11 N O2'    117.146 
# 
_exptl.entry_id          2ZW2 
_exptl.method            'X-RAY DIFFRACTION' 
_exptl.crystals_number   1 
# 
_exptl_crystal.id                    1 
_exptl_crystal.density_meas          ? 
_exptl_crystal.density_Matthews      1.95 
_exptl_crystal.density_percent_sol   36.80 
_exptl_crystal.description           ? 
_exptl_crystal.F_000                 ? 
_exptl_crystal.preparation           ? 
# 
_exptl_crystal_grow.crystal_id      1 
_exptl_crystal_grow.method          'VAPOR DIFFUSION, HANGING DROP' 
_exptl_crystal_grow.temp            293.0 
_exptl_crystal_grow.temp_details    ? 
_exptl_crystal_grow.pH              7.5 
_exptl_crystal_grow.pdbx_details    
'0.1M HEPES sodium pH7.5, 0.8M potassium sodium tartrate tetrahydrate, VAPOR DIFFUSION, HANGING DROP, temperature 293.0K' 
_exptl_crystal_grow.pdbx_pH_range   . 
# 
_diffrn.id                     1 
_diffrn.ambient_temp           100 
_diffrn.ambient_temp_details   ? 
_diffrn.crystal_id             1 
# 
_diffrn_detector.diffrn_id              1 
_diffrn_detector.detector               CCD 
_diffrn_detector.type                   'RIGAKU JUPITER 210' 
_diffrn_detector.pdbx_collection_date   2008-06-30 
_diffrn_detector.details                ? 
# 
_diffrn_radiation.diffrn_id                        1 
_diffrn_radiation.wavelength_id                    1 
_diffrn_radiation.pdbx_monochromatic_or_laue_m_l   M 
_diffrn_radiation.monochromator                    'Fixed exit Si 111 double crystal monochromator' 
_diffrn_radiation.pdbx_diffrn_protocol             'SINGLE WAVELENGTH' 
_diffrn_radiation.pdbx_scattering_type             x-ray 
# 
_diffrn_radiation_wavelength.id           1 
_diffrn_radiation_wavelength.wavelength   1.0000 
_diffrn_radiation_wavelength.wt           1.0 
# 
_diffrn_source.diffrn_id                   1 
_diffrn_source.source                      SYNCHROTRON 
_diffrn_source.type                        'SPRING-8 BEAMLINE BL38B1' 
_diffrn_source.pdbx_synchrotron_site       SPring-8 
_diffrn_source.pdbx_synchrotron_beamline   BL38B1 
_diffrn_source.pdbx_wavelength             ? 
_diffrn_source.pdbx_wavelength_list        1.0000 
# 
_reflns.entry_id                     2ZW2 
_reflns.observed_criterion_sigma_I   ? 
_reflns.observed_criterion_sigma_F   ? 
_reflns.d_resolution_low             50.0 
_reflns.d_resolution_high            1.55 
_reflns.number_obs                   24008 
_reflns.number_all                   24008 
_reflns.percent_possible_obs         97.3 
_reflns.pdbx_Rmerge_I_obs            0.030 
_reflns.pdbx_Rsym_value              ? 
_reflns.pdbx_netI_over_sigmaI        17.4 
_reflns.B_iso_Wilson_estimate        21.4 
_reflns.pdbx_redundancy              6.9 
_reflns.R_free_details               ? 
_reflns.limit_h_max                  ? 
_reflns.limit_h_min                  ? 
_reflns.limit_k_max                  ? 
_reflns.limit_k_min                  ? 
_reflns.limit_l_max                  ? 
_reflns.limit_l_min                  ? 
_reflns.observed_criterion_F_max     ? 
_reflns.observed_criterion_F_min     ? 
_reflns.pdbx_chi_squared             ? 
_reflns.pdbx_scaling_rejects         ? 
_reflns.pdbx_ordinal                 1 
_reflns.pdbx_diffrn_id               1 
# 
_reflns_shell.d_res_high             1.55 
_reflns_shell.d_res_low              1.61 
_reflns_shell.percent_possible_all   79.7 
_reflns_shell.Rmerge_I_obs           0.329 
_reflns_shell.pdbx_Rsym_value        ? 
_reflns_shell.meanI_over_sigI_obs    3.3 
_reflns_shell.pdbx_redundancy        4.9 
_reflns_shell.percent_possible_obs   ? 
_reflns_shell.number_unique_all      1925 
_reflns_shell.number_measured_all    ? 
_reflns_shell.number_measured_obs    ? 
_reflns_shell.number_unique_obs      ? 
_reflns_shell.pdbx_chi_squared       ? 
_reflns_shell.pdbx_ordinal           1 
_reflns_shell.pdbx_diffrn_id         1 
# 
_refine.entry_id                                 2ZW2 
_refine.ls_number_reflns_obs                     23650 
_refine.ls_number_reflns_all                     ? 
_refine.pdbx_ls_sigma_I                          ? 
_refine.pdbx_ls_sigma_F                          0.0 
_refine.pdbx_data_cutoff_high_absF               315431.83 
_refine.pdbx_data_cutoff_low_absF                0.000000 
_refine.pdbx_data_cutoff_high_rms_absF           ? 
_refine.ls_d_res_low                             24.74 
_refine.ls_d_res_high                            1.55 
_refine.ls_percent_reflns_obs                    95.6 
_refine.ls_R_factor_obs                          0.212 
_refine.ls_R_factor_all                          ? 
_refine.ls_R_factor_R_work                       0.212 
_refine.ls_R_factor_R_free                       0.242 
_refine.ls_R_factor_R_free_error                 0.005 
_refine.ls_R_factor_R_free_error_details         ? 
_refine.ls_percent_reflns_R_free                 9.9 
_refine.ls_number_reflns_R_free                  2341 
_refine.ls_number_parameters                     ? 
_refine.ls_number_restraints                     ? 
_refine.occupancy_min                            ? 
_refine.occupancy_max                            ? 
_refine.correlation_coeff_Fo_to_Fc               ? 
_refine.correlation_coeff_Fo_to_Fc_free          ? 
_refine.B_iso_mean                               21.9 
_refine.aniso_B[1][1]                            -2.66 
_refine.aniso_B[2][2]                            1.34 
_refine.aniso_B[3][3]                            1.32 
_refine.aniso_B[1][2]                            0.00 
_refine.aniso_B[1][3]                            0.00 
_refine.aniso_B[2][3]                            0.00 
_refine.solvent_model_details                    'FLAT MODEL' 
_refine.solvent_model_param_ksol                 0.408065 
_refine.solvent_model_param_bsol                 65.154 
_refine.pdbx_solvent_vdw_probe_radii             ? 
_refine.pdbx_solvent_ion_probe_radii             ? 
_refine.pdbx_solvent_shrinkage_radii             ? 
_refine.pdbx_ls_cross_valid_method               THROUGHOUT 
_refine.details                                  ? 
_refine.pdbx_starting_model                      'PDB ENTRY 1VQ3' 
_refine.pdbx_method_to_determine_struct          'MOLECULAR REPLACEMENT' 
_refine.pdbx_isotropic_thermal_model             RESTRAINED 
_refine.pdbx_stereochemistry_target_values       ? 
_refine.pdbx_stereochem_target_val_spec_case     ? 
_refine.pdbx_R_Free_selection_details            RANDOM 
_refine.pdbx_overall_ESU_R                       ? 
_refine.pdbx_overall_ESU_R_Free                  ? 
_refine.overall_SU_ML                            ? 
_refine.overall_SU_B                             ? 
_refine.ls_redundancy_reflns_obs                 ? 
_refine.B_iso_min                                ? 
_refine.B_iso_max                                ? 
_refine.overall_SU_R_Cruickshank_DPI             ? 
_refine.overall_SU_R_free                        ? 
_refine.ls_wR_factor_R_free                      ? 
_refine.ls_wR_factor_R_work                      ? 
_refine.overall_FOM_free_R_set                   ? 
_refine.overall_FOM_work_R_set                   ? 
_refine.pdbx_refine_id                           'X-RAY DIFFRACTION' 
_refine.pdbx_overall_phase_error                 ? 
_refine.pdbx_diffrn_id                           1 
_refine.pdbx_TLS_residual_ADP_flag               ? 
_refine.pdbx_overall_SU_R_free_Cruickshank_DPI   ? 
_refine.pdbx_overall_SU_R_Blow_DPI               ? 
_refine.pdbx_overall_SU_R_free_Blow_DPI          ? 
# 
_refine_analyze.entry_id                        2ZW2 
_refine_analyze.Luzzati_coordinate_error_obs    0.20 
_refine_analyze.Luzzati_sigma_a_obs             0.15 
_refine_analyze.Luzzati_d_res_low_obs           5.00 
_refine_analyze.Luzzati_coordinate_error_free   0.23 
_refine_analyze.Luzzati_sigma_a_free            0.18 
_refine_analyze.Luzzati_d_res_low_free          ? 
_refine_analyze.number_disordered_residues      ? 
_refine_analyze.occupancy_sum_hydrogen          ? 
_refine_analyze.occupancy_sum_non_hydrogen      ? 
_refine_analyze.pdbx_Luzzati_d_res_high_obs     ? 
_refine_analyze.pdbx_refine_id                  'X-RAY DIFFRACTION' 
# 
_refine_hist.pdbx_refine_id                   'X-RAY DIFFRACTION' 
_refine_hist.cycle_id                         LAST 
_refine_hist.pdbx_number_atoms_protein        1404 
_refine_hist.pdbx_number_atoms_nucleic_acid   0 
_refine_hist.pdbx_number_atoms_ligand         12 
_refine_hist.number_atoms_solvent             200 
_refine_hist.number_atoms_total               1616 
_refine_hist.d_res_high                       1.55 
_refine_hist.d_res_low                        24.74 
# 
loop_
_refine_ls_restr.type 
_refine_ls_restr.dev_ideal 
_refine_ls_restr.dev_ideal_target 
_refine_ls_restr.weight 
_refine_ls_restr.number 
_refine_ls_restr.pdbx_refine_id 
_refine_ls_restr.pdbx_restraint_function 
c_bond_d                0.005 ? ? ? 'X-RAY DIFFRACTION' ? 
c_bond_d_na             ?     ? ? ? 'X-RAY DIFFRACTION' ? 
c_bond_d_prot           ?     ? ? ? 'X-RAY DIFFRACTION' ? 
c_angle_d               ?     ? ? ? 'X-RAY DIFFRACTION' ? 
c_angle_d_na            ?     ? ? ? 'X-RAY DIFFRACTION' ? 
c_angle_d_prot          ?     ? ? ? 'X-RAY DIFFRACTION' ? 
c_angle_deg             1.3   ? ? ? 'X-RAY DIFFRACTION' ? 
c_angle_deg_na          ?     ? ? ? 'X-RAY DIFFRACTION' ? 
c_angle_deg_prot        ?     ? ? ? 'X-RAY DIFFRACTION' ? 
c_dihedral_angle_d      23.7  ? ? ? 'X-RAY DIFFRACTION' ? 
c_dihedral_angle_d_na   ?     ? ? ? 'X-RAY DIFFRACTION' ? 
c_dihedral_angle_d_prot ?     ? ? ? 'X-RAY DIFFRACTION' ? 
c_improper_angle_d      0.68  ? ? ? 'X-RAY DIFFRACTION' ? 
c_improper_angle_d_na   ?     ? ? ? 'X-RAY DIFFRACTION' ? 
c_improper_angle_d_prot ?     ? ? ? 'X-RAY DIFFRACTION' ? 
c_mcbond_it             ?     ? ? ? 'X-RAY DIFFRACTION' ? 
c_mcangle_it            ?     ? ? ? 'X-RAY DIFFRACTION' ? 
c_scbond_it             ?     ? ? ? 'X-RAY DIFFRACTION' ? 
c_scangle_it            ?     ? ? ? 'X-RAY DIFFRACTION' ? 
# 
_refine_ls_shell.pdbx_total_number_of_bins_used   6 
_refine_ls_shell.d_res_high                       1.55 
_refine_ls_shell.d_res_low                        1.65 
_refine_ls_shell.number_reflns_R_work             2597 
_refine_ls_shell.R_factor_R_work                  0.267 
_refine_ls_shell.percent_reflns_obs               69.9 
_refine_ls_shell.R_factor_R_free                  0.284 
_refine_ls_shell.R_factor_R_free_error            0.017 
_refine_ls_shell.percent_reflns_R_free            9.6 
_refine_ls_shell.number_reflns_R_free             275 
_refine_ls_shell.number_reflns_all                ? 
_refine_ls_shell.R_factor_all                     ? 
_refine_ls_shell.number_reflns_obs                ? 
_refine_ls_shell.redundancy_reflns_obs            ? 
_refine_ls_shell.pdbx_refine_id                   'X-RAY DIFFRACTION' 
# 
loop_
_pdbx_xplor_file.serial_no 
_pdbx_xplor_file.param_file 
_pdbx_xplor_file.topol_file 
_pdbx_xplor_file.pdbx_refine_id 
1 protein_rep.param protein.top   'X-RAY DIFFRACTION' 
2 water_rep.param   water_rep.top 'X-RAY DIFFRACTION' 
3 gol.param         gol.top       'X-RAY DIFFRACTION' 
# 
_struct.entry_id                  2ZW2 
_struct.title                     
'Crystal Structure of Formylglycinamide Ribonucleotide Amidotransferase III from SULFOLOBUS TOKODAII (STPURS)' 
_struct.pdbx_model_details        ? 
_struct.pdbx_CASP_flag            ? 
_struct.pdbx_model_type_details   ? 
# 
_struct_keywords.entry_id        2ZW2 
_struct_keywords.pdbx_keywords   LIGASE 
_struct_keywords.text            'Purine metabolism, Ligase' 
# 
loop_
_struct_asym.id 
_struct_asym.pdbx_blank_PDB_chainid_flag 
_struct_asym.pdbx_modified 
_struct_asym.entity_id 
_struct_asym.details 
A N N 1 ? 
B N N 1 ? 
C N N 2 ? 
D N N 2 ? 
E N N 3 ? 
F N N 3 ? 
# 
_struct_biol.id        1 
_struct_biol.details   ? 
# 
loop_
_struct_conf.conf_type_id 
_struct_conf.id 
_struct_conf.pdbx_PDB_helix_id 
_struct_conf.beg_label_comp_id 
_struct_conf.beg_label_asym_id 
_struct_conf.beg_label_seq_id 
_struct_conf.pdbx_beg_PDB_ins_code 
_struct_conf.end_label_comp_id 
_struct_conf.end_label_asym_id 
_struct_conf.end_label_seq_id 
_struct_conf.pdbx_end_PDB_ins_code 
_struct_conf.beg_auth_comp_id 
_struct_conf.beg_auth_asym_id 
_struct_conf.beg_auth_seq_id 
_struct_conf.end_auth_comp_id 
_struct_conf.end_auth_asym_id 
_struct_conf.end_auth_seq_id 
_struct_conf.pdbx_PDB_helix_class 
_struct_conf.details 
_struct_conf.pdbx_PDB_helix_length 
HELX_P HELX_P1 1 ASP A 20 ? VAL A 30 ? ASP A 20 VAL A 30 1 ? 11 
HELX_P HELX_P2 2 VAL A 30 ? SER A 35 ? VAL A 30 SER A 35 1 ? 6  
HELX_P HELX_P3 3 SER A 55 ? MET A 70 ? SER A 55 MET A 70 1 ? 16 
HELX_P HELX_P4 4 ASP B 20 ? VAL B 30 ? ASP B 20 VAL B 30 1 ? 11 
HELX_P HELX_P5 5 VAL B 30 ? SER B 35 ? VAL B 30 SER B 35 1 ? 6  
HELX_P HELX_P6 6 SER B 55 ? MET B 70 ? SER B 55 MET B 70 1 ? 16 
# 
_struct_conf_type.id          HELX_P 
_struct_conf_type.criteria    ? 
_struct_conf_type.reference   ? 
# 
_struct_sheet.id               A 
_struct_sheet.type             ? 
_struct_sheet.number_strands   6 
_struct_sheet.details          ? 
# 
loop_
_struct_sheet_order.sheet_id 
_struct_sheet_order.range_id_1 
_struct_sheet_order.range_id_2 
_struct_sheet_order.offset 
_struct_sheet_order.sense 
A 1 2 ? anti-parallel 
A 2 3 ? anti-parallel 
A 3 4 ? anti-parallel 
A 4 5 ? anti-parallel 
A 5 6 ? anti-parallel 
# 
loop_
_struct_sheet_range.sheet_id 
_struct_sheet_range.id 
_struct_sheet_range.beg_label_comp_id 
_struct_sheet_range.beg_label_asym_id 
_struct_sheet_range.beg_label_seq_id 
_struct_sheet_range.pdbx_beg_PDB_ins_code 
_struct_sheet_range.end_label_comp_id 
_struct_sheet_range.end_label_asym_id 
_struct_sheet_range.end_label_seq_id 
_struct_sheet_range.pdbx_end_PDB_ins_code 
_struct_sheet_range.beg_auth_comp_id 
_struct_sheet_range.beg_auth_asym_id 
_struct_sheet_range.beg_auth_seq_id 
_struct_sheet_range.end_auth_comp_id 
_struct_sheet_range.end_auth_asym_id 
_struct_sheet_range.end_auth_seq_id 
A 1 HIS A 78 ? ILE A 87 ? HIS A 78 ILE A 87 
A 2 LEU A 5  ? ASN A 14 ? LEU A 5  ASN A 14 
A 3 ILE A 38 ? ASN A 52 ? ILE A 38 ASN A 52 
A 4 ILE B 38 ? ASN B 52 ? ILE B 38 ASN B 52 
A 5 LEU B 5  ? ASN B 14 ? LEU B 5  ASN B 14 
A 6 HIS B 78 ? ARG B 86 ? HIS B 78 ARG B 86 
# 
loop_
_pdbx_struct_sheet_hbond.sheet_id 
_pdbx_struct_sheet_hbond.range_id_1 
_pdbx_struct_sheet_hbond.range_id_2 
_pdbx_struct_sheet_hbond.range_1_label_atom_id 
_pdbx_struct_sheet_hbond.range_1_label_comp_id 
_pdbx_struct_sheet_hbond.range_1_label_asym_id 
_pdbx_struct_sheet_hbond.range_1_label_seq_id 
_pdbx_struct_sheet_hbond.range_1_PDB_ins_code 
_pdbx_struct_sheet_hbond.range_1_auth_atom_id 
_pdbx_struct_sheet_hbond.range_1_auth_comp_id 
_pdbx_struct_sheet_hbond.range_1_auth_asym_id 
_pdbx_struct_sheet_hbond.range_1_auth_seq_id 
_pdbx_struct_sheet_hbond.range_2_label_atom_id 
_pdbx_struct_sheet_hbond.range_2_label_comp_id 
_pdbx_struct_sheet_hbond.range_2_label_asym_id 
_pdbx_struct_sheet_hbond.range_2_label_seq_id 
_pdbx_struct_sheet_hbond.range_2_PDB_ins_code 
_pdbx_struct_sheet_hbond.range_2_auth_atom_id 
_pdbx_struct_sheet_hbond.range_2_auth_comp_id 
_pdbx_struct_sheet_hbond.range_2_auth_asym_id 
_pdbx_struct_sheet_hbond.range_2_auth_seq_id 
A 1 2 O LYS A 79 ? O LYS A 79 N THR A 13 ? N THR A 13 
A 2 3 N TYR A 6  ? N TYR A 6  O VAL A 51 ? O VAL A 51 
A 3 4 N GLY A 44 ? N GLY A 44 O TYR B 46 ? O TYR B 46 
A 4 5 O VAL B 51 ? O VAL B 51 N TYR B 6  ? N TYR B 6  
A 5 6 N GLU B 9  ? N GLU B 9  O ARG B 83 ? O ARG B 83 
# 
loop_
_struct_site.id 
_struct_site.pdbx_evidence_code 
_struct_site.pdbx_auth_asym_id 
_struct_site.pdbx_auth_comp_id 
_struct_site.pdbx_auth_seq_id 
_struct_site.pdbx_auth_ins_code 
_struct_site.pdbx_num_residues 
_struct_site.details 
AC1 Software A GOL 93 ? 9  'BINDING SITE FOR RESIDUE GOL A 93' 
AC2 Software B GOL 93 ? 10 'BINDING SITE FOR RESIDUE GOL B 93' 
# 
loop_
_struct_site_gen.id 
_struct_site_gen.site_id 
_struct_site_gen.pdbx_num_res 
_struct_site_gen.label_comp_id 
_struct_site_gen.label_asym_id 
_struct_site_gen.label_seq_id 
_struct_site_gen.pdbx_auth_ins_code 
_struct_site_gen.auth_comp_id 
_struct_site_gen.auth_asym_id 
_struct_site_gen.auth_seq_id 
_struct_site_gen.label_atom_id 
_struct_site_gen.label_alt_id 
_struct_site_gen.symmetry 
_struct_site_gen.details 
1  AC1 9  ARG A 28 ? ARG A 28  . ? 4_465 ? 
2  AC1 9  LYS A 45 ? LYS A 45  . ? 1_555 ? 
3  AC1 9  LEU A 72 ? LEU A 72  . ? 1_555 ? 
4  AC1 9  HIS A 78 ? HIS A 78  . ? 1_555 ? 
5  AC1 9  HOH E .  ? HOH A 113 . ? 1_555 ? 
6  AC1 9  HOH E .  ? HOH A 125 . ? 1_555 ? 
7  AC1 9  HOH E .  ? HOH A 159 . ? 1_555 ? 
8  AC1 9  HOH E .  ? HOH A 185 . ? 1_555 ? 
9  AC1 9  HOH F .  ? HOH B 152 . ? 4_565 ? 
10 AC2 10 HOH E .  ? HOH A 123 . ? 4_465 ? 
11 AC2 10 HOH E .  ? HOH A 168 . ? 4_465 ? 
12 AC2 10 ARG B 28 ? ARG B 28  . ? 4_565 ? 
13 AC2 10 LYS B 45 ? LYS B 45  . ? 1_555 ? 
14 AC2 10 LEU B 72 ? LEU B 72  . ? 1_555 ? 
15 AC2 10 HIS B 78 ? HIS B 78  . ? 1_555 ? 
16 AC2 10 HOH F .  ? HOH B 129 . ? 1_555 ? 
17 AC2 10 HOH F .  ? HOH B 132 . ? 1_555 ? 
18 AC2 10 HOH F .  ? HOH B 190 . ? 4_565 ? 
19 AC2 10 HOH F .  ? HOH B 191 . ? 4_565 ? 
# 
_atom_sites.entry_id                    2ZW2 
_atom_sites.fract_transf_matrix[1][1]   -0.01632031 
_atom_sites.fract_transf_matrix[1][2]   -0.01966689 
_atom_sites.fract_transf_matrix[1][3]   0.01123476 
_atom_sites.fract_transf_matrix[2][1]   0.01105700 
_atom_sites.fract_transf_matrix[2][2]   -0.00428999 
_atom_sites.fract_transf_matrix[2][3]   0.00855229 
_atom_sites.fract_transf_matrix[3][1]   -0.00429757 
_atom_sites.fract_transf_matrix[3][2]   0.00944745 
_atom_sites.fract_transf_matrix[3][3]   0.01029522 
_atom_sites.fract_transf_vector[1]      0.875148 
_atom_sites.fract_transf_vector[2]      0.615769 
_atom_sites.fract_transf_vector[3]      0.134269 
# 
loop_
_atom_type.symbol 
C 
N 
O 
S 
# 
loop_
_atom_site.group_PDB 
_atom_site.id 
_atom_site.type_symbol 
_atom_site.label_atom_id 
_atom_site.label_alt_id 
_atom_site.label_comp_id 
_atom_site.label_asym_id 
_atom_site.label_entity_id 
_atom_site.label_seq_id 
_atom_site.pdbx_PDB_ins_code 
_atom_site.Cartn_x 
_atom_site.Cartn_y 
_atom_site.Cartn_z 
_atom_site.occupancy 
_atom_site.B_iso_or_equiv 
_atom_site.pdbx_formal_charge 
_atom_site.auth_seq_id 
_atom_site.auth_comp_id 
_atom_site.auth_asym_id 
_atom_site.auth_atom_id 
_atom_site.pdbx_PDB_model_num 
ATOM   1    N N   . MET A 1 4  ? -1.985  18.168  -17.318 1.00 31.33 ? 4   MET A N   1 
ATOM   2    C CA  . MET A 1 4  ? -2.907  17.479  -16.372 1.00 30.78 ? 4   MET A CA  1 
ATOM   3    C C   . MET A 1 4  ? -2.200  16.264  -15.787 1.00 28.77 ? 4   MET A C   1 
ATOM   4    O O   . MET A 1 4  ? -1.910  15.298  -16.494 1.00 28.91 ? 4   MET A O   1 
ATOM   5    C CB  . MET A 1 4  ? -4.175  17.052  -17.103 1.00 33.26 ? 4   MET A CB  1 
ATOM   6    C CG  . MET A 1 4  ? -4.758  18.154  -17.960 1.00 37.25 ? 4   MET A CG  1 
ATOM   7    S SD  . MET A 1 4  ? -6.423  17.796  -18.506 1.00 41.23 ? 4   MET A SD  1 
ATOM   8    C CE  . MET A 1 4  ? -7.352  18.986  -17.541 1.00 42.32 ? 4   MET A CE  1 
ATOM   9    N N   . LEU A 1 5  ? -1.936  16.322  -14.488 1.00 24.99 ? 5   LEU A N   1 
ATOM   10   C CA  . LEU A 1 5  ? -1.222  15.257  -13.802 1.00 22.41 ? 5   LEU A CA  1 
ATOM   11   C C   . LEU A 1 5  ? -2.039  14.646  -12.673 1.00 19.90 ? 5   LEU A C   1 
ATOM   12   O O   . LEU A 1 5  ? -2.688  15.357  -11.910 1.00 18.68 ? 5   LEU A O   1 
ATOM   13   C CB  . LEU A 1 5  ? 0.084   15.825  -13.248 1.00 23.75 ? 5   LEU A CB  1 
ATOM   14   C CG  . LEU A 1 5  ? 1.156   14.874  -12.727 1.00 25.06 ? 5   LEU A CG  1 
ATOM   15   C CD1 . LEU A 1 5  ? 1.624   13.963  -13.846 1.00 25.21 ? 5   LEU A CD1 1 
ATOM   16   C CD2 . LEU A 1 5  ? 2.319   15.689  -12.178 1.00 27.73 ? 5   LEU A CD2 1 
ATOM   17   N N   . TYR A 1 6  ? -1.998  13.321  -12.576 1.00 18.20 ? 6   TYR A N   1 
ATOM   18   C CA  . TYR A 1 6  ? -2.716  12.601  -11.539 1.00 18.33 ? 6   TYR A CA  1 
ATOM   19   C C   . TYR A 1 6  ? -1.766  11.716  -10.751 1.00 17.63 ? 6   TYR A C   1 
ATOM   20   O O   . TYR A 1 6  ? -0.787  11.191  -11.296 1.00 15.69 ? 6   TYR A O   1 
ATOM   21   C CB  . TYR A 1 6  ? -3.795  11.710  -12.156 1.00 18.83 ? 6   TYR A CB  1 
ATOM   22   C CG  . TYR A 1 6  ? -4.894  12.468  -12.844 1.00 19.31 ? 6   TYR A CG  1 
ATOM   23   C CD1 . TYR A 1 6  ? -6.100  12.720  -12.199 1.00 22.43 ? 6   TYR A CD1 1 
ATOM   24   C CD2 . TYR A 1 6  ? -4.723  12.950  -14.144 1.00 21.19 ? 6   TYR A CD2 1 
ATOM   25   C CE1 . TYR A 1 6  ? -7.112  13.433  -12.829 1.00 21.39 ? 6   TYR A CE1 1 
ATOM   26   C CE2 . TYR A 1 6  ? -5.728  13.664  -14.783 1.00 21.23 ? 6   TYR A CE2 1 
ATOM   27   C CZ  . TYR A 1 6  ? -6.918  13.899  -14.117 1.00 23.21 ? 6   TYR A CZ  1 
ATOM   28   O OH  . TYR A 1 6  ? -7.919  14.595  -14.749 1.00 25.99 ? 6   TYR A OH  1 
ATOM   29   N N   . ARG A 1 7  ? -2.057  11.576  -9.464  1.00 15.72 ? 7   ARG A N   1 
ATOM   30   C CA  . ARG A 1 7  ? -1.284  10.711  -8.591  1.00 14.58 ? 7   ARG A CA  1 
ATOM   31   C C   . ARG A 1 7  ? -2.188  9.491   -8.484  1.00 15.25 ? 7   ARG A C   1 
ATOM   32   O O   . ARG A 1 7  ? -3.307  9.576   -7.970  1.00 17.93 ? 7   ARG A O   1 
ATOM   33   C CB  . ARG A 1 7  ? -1.088  11.359  -7.221  1.00 17.83 ? 7   ARG A CB  1 
ATOM   34   C CG  . ARG A 1 7  ? -0.313  10.509  -6.232  1.00 19.01 ? 7   ARG A CG  1 
ATOM   35   C CD  . ARG A 1 7  ? 0.283   11.389  -5.141  1.00 26.98 ? 7   ARG A CD  1 
ATOM   36   N NE  . ARG A 1 7  ? 0.749   10.617  -3.993  1.00 32.95 ? 7   ARG A NE  1 
ATOM   37   C CZ  . ARG A 1 7  ? -0.058  9.991   -3.143  1.00 34.73 ? 7   ARG A CZ  1 
ATOM   38   N NH1 . ARG A 1 7  ? -1.373  10.046  -3.313  1.00 38.19 ? 7   ARG A NH1 1 
ATOM   39   N NH2 . ARG A 1 7  ? 0.450   9.316   -2.121  1.00 36.37 ? 7   ARG A NH2 1 
ATOM   40   N N   . VAL A 1 8  ? -1.721  8.360   -8.987  1.00 12.78 ? 8   VAL A N   1 
ATOM   41   C CA  . VAL A 1 8  ? -2.534  7.153   -8.966  1.00 13.83 ? 8   VAL A CA  1 
ATOM   42   C C   . VAL A 1 8  ? -1.908  6.081   -8.095  1.00 13.50 ? 8   VAL A C   1 
ATOM   43   O O   . VAL A 1 8  ? -0.786  5.652   -8.348  1.00 13.22 ? 8   VAL A O   1 
ATOM   44   C CB  . VAL A 1 8  ? -2.724  6.610   -10.394 1.00 13.57 ? 8   VAL A CB  1 
ATOM   45   C CG1 . VAL A 1 8  ? -3.631  5.409   -10.379 1.00 12.98 ? 8   VAL A CG1 1 
ATOM   46   C CG2 . VAL A 1 8  ? -3.299  7.698   -11.285 1.00 13.76 ? 8   VAL A CG2 1 
ATOM   47   N N   . GLU A 1 9  ? -2.642  5.669   -7.065  1.00 15.87 ? 9   GLU A N   1 
ATOM   48   C CA  . GLU A 1 9  ? -2.181  4.642   -6.140  1.00 15.67 ? 9   GLU A CA  1 
ATOM   49   C C   . GLU A 1 9  ? -2.745  3.299   -6.567  1.00 14.86 ? 9   GLU A C   1 
ATOM   50   O O   . GLU A 1 9  ? -3.878  3.223   -7.034  1.00 17.57 ? 9   GLU A O   1 
ATOM   51   C CB  . GLU A 1 9  ? -2.644  4.953   -4.717  1.00 16.72 ? 9   GLU A CB  1 
ATOM   52   C CG  . GLU A 1 9  ? -2.001  6.177   -4.109  1.00 21.10 ? 9   GLU A CG  1 
ATOM   53   C CD  . GLU A 1 9  ? -2.570  6.509   -2.747  1.00 22.70 ? 9   GLU A CD  1 
ATOM   54   O OE1 . GLU A 1 9  ? -3.767  6.864   -2.672  1.00 27.78 ? 9   GLU A OE1 1 
ATOM   55   O OE2 . GLU A 1 9  ? -1.827  6.415   -1.752  1.00 25.06 ? 9   GLU A OE2 1 
ATOM   56   N N   . LEU A 1 10 ? -1.940  2.254   -6.412  1.00 14.68 ? 10  LEU A N   1 
ATOM   57   C CA  . LEU A 1 10 ? -2.321  0.894   -6.762  1.00 14.25 ? 10  LEU A CA  1 
ATOM   58   C C   . LEU A 1 10 ? -1.976  -0.012  -5.589  1.00 13.45 ? 10  LEU A C   1 
ATOM   59   O O   . LEU A 1 10 ? -0.811  -0.199  -5.260  1.00 12.81 ? 10  LEU A O   1 
ATOM   60   C CB  . LEU A 1 10 ? -1.559  0.438   -8.016  1.00 14.73 ? 10  LEU A CB  1 
ATOM   61   C CG  . LEU A 1 10 ? -1.638  -1.033  -8.437  1.00 13.32 ? 10  LEU A CG  1 
ATOM   62   C CD1 . LEU A 1 10 ? -3.097  -1.441  -8.626  1.00 14.10 ? 10  LEU A CD1 1 
ATOM   63   C CD2 . LEU A 1 10 ? -0.862  -1.228  -9.736  1.00 16.67 ? 10  LEU A CD2 1 
ATOM   64   N N   . ILE A 1 11 ? -2.993  -0.561  -4.937  1.00 13.54 ? 11  ILE A N   1 
ATOM   65   C CA  . ILE A 1 11 ? -2.757  -1.446  -3.806  1.00 13.66 ? 11  ILE A CA  1 
ATOM   66   C C   . ILE A 1 11 ? -3.115  -2.859  -4.248  1.00 14.06 ? 11  ILE A C   1 
ATOM   67   O O   . ILE A 1 11 ? -4.228  -3.105  -4.704  1.00 16.10 ? 11  ILE A O   1 
ATOM   68   C CB  . ILE A 1 11 ? -3.611  -1.023  -2.594  1.00 15.27 ? 11  ILE A CB  1 
ATOM   69   C CG1 . ILE A 1 11 ? -3.216  0.399   -2.172  1.00 18.32 ? 11  ILE A CG1 1 
ATOM   70   C CG2 . ILE A 1 11 ? -3.410  -1.997  -1.435  1.00 19.18 ? 11  ILE A CG2 1 
ATOM   71   C CD1 . ILE A 1 11 ? -4.090  1.002   -1.099  1.00 21.10 ? 11  ILE A CD1 1 
ATOM   72   N N   . ILE A 1 12 ? -2.160  -3.774  -4.129  1.00 13.66 ? 12  ILE A N   1 
ATOM   73   C CA  . ILE A 1 12 ? -2.352  -5.163  -4.538  1.00 14.01 ? 12  ILE A CA  1 
ATOM   74   C C   . ILE A 1 12 ? -2.313  -6.079  -3.314  1.00 15.33 ? 12  ILE A C   1 
ATOM   75   O O   . ILE A 1 12 ? -1.317  -6.111  -2.591  1.00 15.35 ? 12  ILE A O   1 
ATOM   76   C CB  . ILE A 1 12 ? -1.230  -5.597  -5.523  1.00 14.50 ? 12  ILE A CB  1 
ATOM   77   C CG1 . ILE A 1 12 ? -1.089  -4.569  -6.648  1.00 14.56 ? 12  ILE A CG1 1 
ATOM   78   C CG2 . ILE A 1 12 ? -1.543  -6.952  -6.117  1.00 16.59 ? 12  ILE A CG2 1 
ATOM   79   C CD1 . ILE A 1 12 ? 0.072   -4.836  -7.582  1.00 15.85 ? 12  ILE A CD1 1 
ATOM   80   N N   . THR A 1 13 ? -3.393  -6.815  -3.076  1.00 15.39 ? 13  THR A N   1 
ATOM   81   C CA  . THR A 1 13 ? -3.452  -7.724  -1.939  1.00 15.95 ? 13  THR A CA  1 
ATOM   82   C C   . THR A 1 13 ? -3.981  -9.083  -2.373  1.00 15.14 ? 13  THR A C   1 
ATOM   83   O O   . THR A 1 13 ? -4.448  -9.243  -3.499  1.00 14.30 ? 13  THR A O   1 
ATOM   84   C CB  . THR A 1 13 ? -4.376  -7.185  -0.835  1.00 16.52 ? 13  THR A CB  1 
ATOM   85   O OG1 . THR A 1 13 ? -5.671  -6.910  -1.386  1.00 18.02 ? 13  THR A OG1 1 
ATOM   86   C CG2 . THR A 1 13 ? -3.794  -5.914  -0.235  1.00 15.59 ? 13  THR A CG2 1 
ATOM   87   N N   . ASN A 1 14 ? -3.901  -10.066 -1.480  1.00 17.49 ? 14  ASN A N   1 
ATOM   88   C CA  . ASN A 1 14 ? -4.404  -11.398 -1.797  1.00 17.99 ? 14  ASN A CA  1 
ATOM   89   C C   . ASN A 1 14 ? -5.913  -11.426 -1.611  1.00 17.96 ? 14  ASN A C   1 
ATOM   90   O O   . ASN A 1 14 ? -6.467  -10.679 -0.796  1.00 16.13 ? 14  ASN A O   1 
ATOM   91   C CB  . ASN A 1 14 ? -3.787  -12.464 -0.879  1.00 20.15 ? 14  ASN A CB  1 
ATOM   92   C CG  . ASN A 1 14 ? -2.304  -12.679 -1.131  1.00 21.72 ? 14  ASN A CG  1 
ATOM   93   O OD1 . ASN A 1 14 ? -1.688  -13.558 -0.531  1.00 28.75 ? 14  ASN A OD1 1 
ATOM   94   N ND2 . ASN A 1 14 ? -1.728  -11.882 -2.013  1.00 25.89 ? 14  ASN A ND2 1 
ATOM   95   N N   . LYS A 1 15 ? -6.581  -12.275 -2.384  1.00 16.68 ? 15  LYS A N   1 
ATOM   96   C CA  . LYS A 1 15 ? -8.021  -12.415 -2.243  1.00 17.51 ? 15  LYS A CA  1 
ATOM   97   C C   . LYS A 1 15 ? -8.263  -13.025 -0.866  1.00 18.36 ? 15  LYS A C   1 
ATOM   98   O O   . LYS A 1 15 ? -7.400  -13.718 -0.321  1.00 16.10 ? 15  LYS A O   1 
ATOM   99   C CB  . LYS A 1 15 ? -8.583  -13.315 -3.345  1.00 18.46 ? 15  LYS A CB  1 
ATOM   100  C CG  . LYS A 1 15 ? -8.649  -12.635 -4.705  1.00 20.44 ? 15  LYS A CG  1 
ATOM   101  C CD  . LYS A 1 15 ? -9.259  -13.537 -5.767  1.00 21.43 ? 15  LYS A CD  1 
ATOM   102  C CE  . LYS A 1 15 ? -9.462  -12.767 -7.065  1.00 23.82 ? 15  LYS A CE  1 
ATOM   103  N NZ  . LYS A 1 15 ? -10.097 -13.574 -8.145  1.00 25.82 ? 15  LYS A NZ  1 
ATOM   104  N N   . GLU A 1 16 ? -9.436  -12.764 -0.304  1.00 17.42 ? 16  GLU A N   1 
ATOM   105  C CA  . GLU A 1 16 ? -9.778  -13.259 1.022   1.00 20.27 ? 16  GLU A CA  1 
ATOM   106  C C   . GLU A 1 16 ? -9.573  -14.746 1.255   1.00 19.14 ? 16  GLU A C   1 
ATOM   107  O O   . GLU A 1 16 ? -9.211  -15.155 2.358   1.00 23.15 ? 16  GLU A O   1 
ATOM   108  C CB  . GLU A 1 16 ? -11.223 -12.892 1.346   1.00 21.36 ? 16  GLU A CB  1 
ATOM   109  C CG  . GLU A 1 16 ? -11.426 -11.416 1.606   1.00 26.37 ? 16  GLU A CG  1 
ATOM   110  C CD  . GLU A 1 16 ? -12.864 -11.085 1.929   1.00 29.53 ? 16  GLU A CD  1 
ATOM   111  O OE1 . GLU A 1 16 ? -13.493 -11.862 2.683   1.00 31.16 ? 16  GLU A OE1 1 
ATOM   112  O OE2 . GLU A 1 16 ? -13.357 -10.049 1.436   1.00 31.85 ? 16  GLU A OE2 1 
ATOM   113  N N   . GLY A 1 17 ? -9.799  -15.553 0.227   1.00 19.22 ? 17  GLY A N   1 
ATOM   114  C CA  . GLY A 1 17 ? -9.657  -16.992 0.383   1.00 19.31 ? 17  GLY A CA  1 
ATOM   115  C C   . GLY A 1 17 ? -8.304  -17.562 0.020   1.00 18.61 ? 17  GLY A C   1 
ATOM   116  O O   . GLY A 1 17 ? -8.157  -18.779 -0.102  1.00 16.74 ? 17  GLY A O   1 
ATOM   117  N N   . VAL A 1 18 ? -7.314  -16.691 -0.140  1.00 16.78 ? 18  VAL A N   1 
ATOM   118  C CA  . VAL A 1 18 ? -5.962  -17.108 -0.499  1.00 15.73 ? 18  VAL A CA  1 
ATOM   119  C C   . VAL A 1 18 ? -4.963  -16.736 0.595   1.00 14.87 ? 18  VAL A C   1 
ATOM   120  O O   . VAL A 1 18 ? -4.835  -15.570 0.963   1.00 15.75 ? 18  VAL A O   1 
ATOM   121  C CB  . VAL A 1 18 ? -5.518  -16.449 -1.819  1.00 15.35 ? 18  VAL A CB  1 
ATOM   122  C CG1 . VAL A 1 18 ? -4.101  -16.885 -2.165  1.00 18.85 ? 18  VAL A CG1 1 
ATOM   123  C CG2 . VAL A 1 18 ? -6.478  -16.824 -2.941  1.00 16.48 ? 18  VAL A CG2 1 
ATOM   124  N N   . ARG A 1 19 ? -4.242  -17.733 1.099   1.00 14.80 ? 19  ARG A N   1 
ATOM   125  C CA  . ARG A 1 19 ? -3.263  -17.503 2.157   1.00 14.83 ? 19  ARG A CA  1 
ATOM   126  C C   . ARG A 1 19 ? -2.263  -16.390 1.844   1.00 13.23 ? 19  ARG A C   1 
ATOM   127  O O   . ARG A 1 19 ? -1.682  -16.332 0.756   1.00 12.09 ? 19  ARG A O   1 
ATOM   128  C CB  . ARG A 1 19 ? -2.505  -18.802 2.473   1.00 14.77 ? 19  ARG A CB  1 
ATOM   129  C CG  . ARG A 1 19 ? -1.411  -18.637 3.535   1.00 14.32 ? 19  ARG A CG  1 
ATOM   130  C CD  . ARG A 1 19 ? -0.801  -19.973 3.972   1.00 14.20 ? 19  ARG A CD  1 
ATOM   131  N NE  . ARG A 1 19 ? 0.288   -19.773 4.930   1.00 12.29 ? 19  ARG A NE  1 
ATOM   132  C CZ  . ARG A 1 19 ? 1.582   -19.825 4.626   1.00 14.65 ? 19  ARG A CZ  1 
ATOM   133  N NH1 . ARG A 1 19 ? 1.973   -20.084 3.383   1.00 16.70 ? 19  ARG A NH1 1 
ATOM   134  N NH2 . ARG A 1 19 ? 2.491   -19.600 5.564   1.00 12.59 ? 19  ARG A NH2 1 
ATOM   135  N N   . ASP A 1 20 ? -2.077  -15.514 2.827   1.00 12.82 ? 20  ASP A N   1 
ATOM   136  C CA  . ASP A 1 20 ? -1.160  -14.381 2.748   1.00 13.91 ? 20  ASP A CA  1 
ATOM   137  C C   . ASP A 1 20 ? -0.065  -14.700 3.753   1.00 13.69 ? 20  ASP A C   1 
ATOM   138  O O   . ASP A 1 20 ? -0.206  -14.430 4.944   1.00 13.66 ? 20  ASP A O   1 
ATOM   139  C CB  . ASP A 1 20 ? -1.926  -13.100 3.114   1.00 13.99 ? 20  ASP A CB  1 
ATOM   140  C CG  . ASP A 1 20 ? -1.022  -11.952 3.529   1.00 16.55 ? 20  ASP A CG  1 
ATOM   141  O OD1 . ASP A 1 20 ? 0.160   -11.912 3.127   1.00 17.35 ? 20  ASP A OD1 1 
ATOM   142  O OD2 . ASP A 1 20 ? -1.524  -11.067 4.256   1.00 18.31 ? 20  ASP A OD2 1 
ATOM   143  N N   . PRO A 1 21 ? 1.034   -15.327 3.286   1.00 11.25 ? 21  PRO A N   1 
ATOM   144  C CA  . PRO A 1 21 ? 2.144   -15.691 4.168   1.00 11.50 ? 21  PRO A CA  1 
ATOM   145  C C   . PRO A 1 21 ? 2.778   -14.551 4.942   1.00 8.94  ? 21  PRO A C   1 
ATOM   146  O O   . PRO A 1 21 ? 3.155   -14.736 6.101   1.00 11.26 ? 21  PRO A O   1 
ATOM   147  C CB  . PRO A 1 21 ? 3.128   -16.373 3.219   1.00 12.40 ? 21  PRO A CB  1 
ATOM   148  C CG  . PRO A 1 21 ? 2.225   -17.020 2.235   1.00 15.00 ? 21  PRO A CG  1 
ATOM   149  C CD  . PRO A 1 21 ? 1.217   -15.920 1.952   1.00 13.32 ? 21  PRO A CD  1 
ATOM   150  N N   . GLU A 1 22 ? 2.906   -13.378 4.324   1.00 12.66 ? 22  GLU A N   1 
ATOM   151  C CA  . GLU A 1 22 ? 3.506   -12.253 5.033   1.00 12.66 ? 22  GLU A CA  1 
ATOM   152  C C   . GLU A 1 22 ? 2.596   -11.798 6.178   1.00 12.87 ? 22  GLU A C   1 
ATOM   153  O O   . GLU A 1 22 ? 3.033   -11.683 7.327   1.00 13.56 ? 22  GLU A O   1 
ATOM   154  C CB  . GLU A 1 22 ? 3.772   -11.076 4.084   1.00 13.74 ? 22  GLU A CB  1 
ATOM   155  C CG  . GLU A 1 22 ? 4.371   -9.872  4.809   1.00 13.53 ? 22  GLU A CG  1 
ATOM   156  C CD  . GLU A 1 22 ? 4.795   -8.746  3.887   1.00 15.69 ? 22  GLU A CD  1 
ATOM   157  O OE1 . GLU A 1 22 ? 4.562   -8.830  2.664   1.00 13.81 ? 22  GLU A OE1 1 
ATOM   158  O OE2 . GLU A 1 22 ? 5.365   -7.767  4.402   1.00 16.26 ? 22  GLU A OE2 1 
ATOM   159  N N   . GLY A 1 23 ? 1.338   -11.524 5.855   1.00 10.74 ? 23  GLY A N   1 
ATOM   160  C CA  . GLY A 1 23 ? 0.396   -11.104 6.880   1.00 11.87 ? 23  GLY A CA  1 
ATOM   161  C C   . GLY A 1 23 ? 0.286   -12.119 8.006   1.00 12.31 ? 23  GLY A C   1 
ATOM   162  O O   . GLY A 1 23 ? 0.264   -11.759 9.188   1.00 12.56 ? 23  GLY A O   1 
ATOM   163  N N   . GLU A 1 24 ? 0.195   -13.393 7.643   1.00 13.44 ? 24  GLU A N   1 
ATOM   164  C CA  . GLU A 1 24 ? 0.085   -14.462 8.629   1.00 13.18 ? 24  GLU A CA  1 
ATOM   165  C C   . GLU A 1 24 ? 1.285   -14.465 9.558   1.00 13.30 ? 24  GLU A C   1 
ATOM   166  O O   . GLU A 1 24 ? 1.146   -14.558 10.776  1.00 11.83 ? 24  GLU A O   1 
ATOM   167  C CB  . GLU A 1 24 ? -0.006  -15.816 7.927   1.00 13.94 ? 24  GLU A CB  1 
ATOM   168  C CG  . GLU A 1 24 ? -0.002  -17.019 8.856   1.00 12.65 ? 24  GLU A CG  1 
ATOM   169  C CD  . GLU A 1 24 ? 0.183   -18.307 8.091   1.00 14.04 ? 24  GLU A CD  1 
ATOM   170  O OE1 . GLU A 1 24 ? -0.714  -18.649 7.293   1.00 13.50 ? 24  GLU A OE1 1 
ATOM   171  O OE2 . GLU A 1 24 ? 1.234   -18.960 8.278   1.00 17.03 ? 24  GLU A OE2 1 
ATOM   172  N N   . THR A 1 25 ? 2.469   -14.355 8.969   1.00 11.04 ? 25  THR A N   1 
ATOM   173  C CA  . THR A 1 25 ? 3.702   -14.384 9.735   1.00 12.82 ? 25  THR A CA  1 
ATOM   174  C C   . THR A 1 25 ? 3.890   -13.157 10.617  1.00 13.25 ? 25  THR A C   1 
ATOM   175  O O   . THR A 1 25 ? 4.283   -13.286 11.776  1.00 13.13 ? 25  THR A O   1 
ATOM   176  C CB  . THR A 1 25 ? 4.914   -14.565 8.796   1.00 13.28 ? 25  THR A CB  1 
ATOM   177  O OG1 . THR A 1 25 ? 4.762   -15.787 8.062   1.00 15.19 ? 25  THR A OG1 1 
ATOM   178  C CG2 . THR A 1 25 ? 6.211   -14.622 9.597   1.00 17.41 ? 25  THR A CG2 1 
ATOM   179  N N   . ILE A 1 26 ? 3.606   -11.976 10.079  1.00 12.90 ? 26  ILE A N   1 
ATOM   180  C CA  . ILE A 1 26 ? 3.745   -10.745 10.857  1.00 12.95 ? 26  ILE A CA  1 
ATOM   181  C C   . ILE A 1 26 ? 2.796   -10.792 12.053  1.00 14.42 ? 26  ILE A C   1 
ATOM   182  O O   . ILE A 1 26 ? 3.170   -10.455 13.170  1.00 13.85 ? 26  ILE A O   1 
ATOM   183  C CB  . ILE A 1 26 ? 3.412   -9.493  10.002  1.00 16.53 ? 26  ILE A CB  1 
ATOM   184  C CG1 . ILE A 1 26 ? 4.470   -9.312  8.912   1.00 17.16 ? 26  ILE A CG1 1 
ATOM   185  C CG2 . ILE A 1 26 ? 3.323   -8.249  10.889  1.00 18.58 ? 26  ILE A CG2 1 
ATOM   186  C CD1 . ILE A 1 26 ? 4.229   -8.094  8.034   1.00 20.14 ? 26  ILE A CD1 1 
ATOM   187  N N   . GLN A 1 27 ? 1.565   -11.222 11.811  1.00 12.53 ? 27  GLN A N   1 
ATOM   188  C CA  . GLN A 1 27 ? 0.577   -11.288 12.879  1.00 13.83 ? 27  GLN A CA  1 
ATOM   189  C C   . GLN A 1 27 ? 1.018   -12.255 13.965  1.00 13.27 ? 27  GLN A C   1 
ATOM   190  O O   . GLN A 1 27 ? 0.964   -11.940 15.144  1.00 14.46 ? 27  GLN A O   1 
ATOM   191  C CB  . GLN A 1 27 ? -0.780  -11.728 12.316  1.00 12.72 ? 27  GLN A CB  1 
ATOM   192  C CG  . GLN A 1 27 ? -1.912  -11.815 13.335  1.00 13.83 ? 27  GLN A CG  1 
ATOM   193  C CD  . GLN A 1 27 ? -2.264  -10.480 13.956  1.00 10.69 ? 27  GLN A CD  1 
ATOM   194  O OE1 . GLN A 1 27 ? -2.134  -9.432  13.320  1.00 15.09 ? 27  GLN A OE1 1 
ATOM   195  N NE2 . GLN A 1 27 ? -2.742  -10.513 15.200  1.00 13.72 ? 27  GLN A NE2 1 
ATOM   196  N N   . ARG A 1 28 ? 1.488   -13.426 13.558  1.00 13.59 ? 28  ARG A N   1 
ATOM   197  C CA  . ARG A 1 28 ? 1.897   -14.437 14.519  1.00 13.84 ? 28  ARG A CA  1 
ATOM   198  C C   . ARG A 1 28 ? 3.098   -14.129 15.400  1.00 14.91 ? 28  ARG A C   1 
ATOM   199  O O   . ARG A 1 28 ? 3.063   -14.337 16.615  1.00 15.07 ? 28  ARG A O   1 
ATOM   200  C CB  . ARG A 1 28 ? 2.155   -15.762 13.803  1.00 14.07 ? 28  ARG A CB  1 
ATOM   201  C CG  . ARG A 1 28 ? 2.791   -16.802 14.705  1.00 14.93 ? 28  ARG A CG  1 
ATOM   202  C CD  . ARG A 1 28 ? 2.800   -18.163 14.064  1.00 16.83 ? 28  ARG A CD  1 
ATOM   203  N NE  . ARG A 1 28 ? 3.472   -19.131 14.925  1.00 18.30 ? 28  ARG A NE  1 
ATOM   204  C CZ  . ARG A 1 28 ? 3.598   -20.423 14.644  1.00 19.17 ? 28  ARG A CZ  1 
ATOM   205  N NH1 . ARG A 1 28 ? 3.090   -20.915 13.523  1.00 21.31 ? 28  ARG A NH1 1 
ATOM   206  N NH2 . ARG A 1 28 ? 4.250   -21.218 15.480  1.00 19.77 ? 28  ARG A NH2 1 
ATOM   207  N N   . TYR A 1 29 ? 4.166   -13.646 14.782  1.00 13.61 ? 29  TYR A N   1 
ATOM   208  C CA  . TYR A 1 29 ? 5.409   -13.382 15.492  1.00 13.99 ? 29  TYR A CA  1 
ATOM   209  C C   . TYR A 1 29 ? 5.679   -11.952 15.927  1.00 15.44 ? 29  TYR A C   1 
ATOM   210  O O   . TYR A 1 29 ? 6.513   -11.722 16.803  1.00 17.00 ? 29  TYR A O   1 
ATOM   211  C CB  . TYR A 1 29 ? 6.577   -13.853 14.626  1.00 13.91 ? 29  TYR A CB  1 
ATOM   212  C CG  . TYR A 1 29 ? 6.593   -15.342 14.392  1.00 15.40 ? 29  TYR A CG  1 
ATOM   213  C CD1 . TYR A 1 29 ? 6.949   -16.214 15.415  1.00 16.93 ? 29  TYR A CD1 1 
ATOM   214  C CD2 . TYR A 1 29 ? 6.238   -15.881 13.158  1.00 15.86 ? 29  TYR A CD2 1 
ATOM   215  C CE1 . TYR A 1 29 ? 6.956   -17.584 15.221  1.00 18.10 ? 29  TYR A CE1 1 
ATOM   216  C CE2 . TYR A 1 29 ? 6.239   -17.263 12.951  1.00 17.66 ? 29  TYR A CE2 1 
ATOM   217  C CZ  . TYR A 1 29 ? 6.599   -18.104 13.991  1.00 17.08 ? 29  TYR A CZ  1 
ATOM   218  O OH  . TYR A 1 29 ? 6.592   -19.471 13.821  1.00 22.89 ? 29  TYR A OH  1 
ATOM   219  N N   . VAL A 1 30 ? 4.986   -10.991 15.326  1.00 13.91 ? 30  VAL A N   1 
ATOM   220  C CA  . VAL A 1 30 ? 5.232   -9.592  15.649  1.00 14.73 ? 30  VAL A CA  1 
ATOM   221  C C   . VAL A 1 30 ? 4.045   -8.855  16.256  1.00 14.11 ? 30  VAL A C   1 
ATOM   222  O O   . VAL A 1 30 ? 4.134   -8.343  17.368  1.00 14.62 ? 30  VAL A O   1 
ATOM   223  C CB  . VAL A 1 30 ? 5.706   -8.830  14.385  1.00 15.16 ? 30  VAL A CB  1 
ATOM   224  C CG1 . VAL A 1 30 ? 6.005   -7.372  14.720  1.00 16.18 ? 30  VAL A CG1 1 
ATOM   225  C CG2 . VAL A 1 30 ? 6.957   -9.499  13.821  1.00 15.56 ? 30  VAL A CG2 1 
ATOM   226  N N   . VAL A 1 31 ? 2.938   -8.803  15.525  1.00 15.43 ? 31  VAL A N   1 
ATOM   227  C CA  . VAL A 1 31 ? 1.756   -8.097  16.005  1.00 15.96 ? 31  VAL A CA  1 
ATOM   228  C C   . VAL A 1 31 ? 1.132   -8.710  17.244  1.00 17.79 ? 31  VAL A C   1 
ATOM   229  O O   . VAL A 1 31 ? 0.875   -8.012  18.226  1.00 18.05 ? 31  VAL A O   1 
ATOM   230  C CB  . VAL A 1 31 ? 0.675   -8.022  14.924  1.00 17.47 ? 31  VAL A CB  1 
ATOM   231  C CG1 . VAL A 1 31 ? -0.578  -7.382  15.497  1.00 17.82 ? 31  VAL A CG1 1 
ATOM   232  C CG2 . VAL A 1 31 ? 1.184   -7.228  13.751  1.00 17.52 ? 31  VAL A CG2 1 
ATOM   233  N N   . SER A 1 32 ? 0.876   -10.011 17.192  1.00 19.96 ? 32  SER A N   1 
ATOM   234  C CA  . SER A 1 32 ? 0.263   -10.698 18.320  1.00 22.77 ? 32  SER A CA  1 
ATOM   235  C C   . SER A 1 32 ? 1.048   -10.444 19.600  1.00 23.21 ? 32  SER A C   1 
ATOM   236  O O   . SER A 1 32 ? 0.468   -10.324 20.677  1.00 25.84 ? 32  SER A O   1 
ATOM   237  C CB  . SER A 1 32 ? 0.180   -12.204 18.046  1.00 22.92 ? 32  SER A CB  1 
ATOM   238  O OG  . SER A 1 32 ? 1.461   -12.799 18.064  1.00 27.28 ? 32  SER A OG  1 
ATOM   239  N N   . ARG A 1 33 ? 2.369   -10.355 19.478  1.00 22.83 ? 33  ARG A N   1 
ATOM   240  C CA  . ARG A 1 33 ? 3.231   -10.119 20.630  1.00 23.45 ? 33  ARG A CA  1 
ATOM   241  C C   . ARG A 1 33 ? 3.117   -8.688  21.152  1.00 21.04 ? 33  ARG A C   1 
ATOM   242  O O   . ARG A 1 33 ? 3.204   -8.451  22.357  1.00 22.19 ? 33  ARG A O   1 
ATOM   243  C CB  . ARG A 1 33 ? 4.694   -10.396 20.262  1.00 25.66 ? 33  ARG A CB  1 
ATOM   244  C CG  . ARG A 1 33 ? 4.951   -11.796 19.725  1.00 29.91 ? 33  ARG A CG  1 
ATOM   245  C CD  . ARG A 1 33 ? 4.592   -12.870 20.749  1.00 34.82 ? 33  ARG A CD  1 
ATOM   246  N NE  . ARG A 1 33 ? 5.448   -12.808 21.931  1.00 38.41 ? 33  ARG A NE  1 
ATOM   247  C CZ  . ARG A 1 33 ? 5.400   -13.679 22.933  1.00 39.74 ? 33  ARG A CZ  1 
ATOM   248  N NH1 . ARG A 1 33 ? 4.536   -14.685 22.901  1.00 41.38 ? 33  ARG A NH1 1 
ATOM   249  N NH2 . ARG A 1 33 ? 6.220   -13.548 23.967  1.00 41.77 ? 33  ARG A NH2 1 
ATOM   250  N N   . PHE A 1 34 ? 2.925   -7.745  20.235  1.00 19.98 ? 34  PHE A N   1 
ATOM   251  C CA  . PHE A 1 34 ? 2.823   -6.325  20.570  1.00 17.56 ? 34  PHE A CA  1 
ATOM   252  C C   . PHE A 1 34 ? 1.497   -5.907  21.200  1.00 17.74 ? 34  PHE A C   1 
ATOM   253  O O   . PHE A 1 34 ? 1.484   -5.135  22.162  1.00 18.84 ? 34  PHE A O   1 
ATOM   254  C CB  . PHE A 1 34 ? 3.065   -5.485  19.314  1.00 19.26 ? 34  PHE A CB  1 
ATOM   255  C CG  . PHE A 1 34 ? 2.891   -4.011  19.527  1.00 18.63 ? 34  PHE A CG  1 
ATOM   256  C CD1 . PHE A 1 34 ? 3.885   -3.259  20.144  1.00 17.79 ? 34  PHE A CD1 1 
ATOM   257  C CD2 . PHE A 1 34 ? 1.722   -3.376  19.125  1.00 18.92 ? 34  PHE A CD2 1 
ATOM   258  C CE1 . PHE A 1 34 ? 3.715   -1.894  20.355  1.00 19.57 ? 34  PHE A CE1 1 
ATOM   259  C CE2 . PHE A 1 34 ? 1.541   -2.012  19.331  1.00 20.54 ? 34  PHE A CE2 1 
ATOM   260  C CZ  . PHE A 1 34 ? 2.539   -1.268  19.947  1.00 20.06 ? 34  PHE A CZ  1 
ATOM   261  N N   . SER A 1 35 ? 0.384   -6.398  20.657  1.00 16.33 ? 35  SER A N   1 
ATOM   262  C CA  . SER A 1 35 ? -0.924  -6.032  21.190  1.00 16.30 ? 35  SER A CA  1 
ATOM   263  C C   . SER A 1 35 ? -2.027  -7.010  20.830  1.00 16.49 ? 35  SER A C   1 
ATOM   264  O O   . SER A 1 35 ? -2.193  -7.358  19.664  1.00 17.43 ? 35  SER A O   1 
ATOM   265  C CB  . SER A 1 35 ? -1.330  -4.649  20.685  1.00 18.25 ? 35  SER A CB  1 
ATOM   266  O OG  . SER A 1 35 ? -2.676  -4.363  21.037  1.00 15.81 ? 35  SER A OG  1 
ATOM   267  N N   . ASP A 1 36 ? -2.796  -7.440  21.826  1.00 17.48 ? 36  ASP A N   1 
ATOM   268  C CA  . ASP A 1 36 ? -3.887  -8.356  21.549  1.00 18.72 ? 36  ASP A CA  1 
ATOM   269  C C   . ASP A 1 36 ? -5.121  -7.614  21.037  1.00 17.85 ? 36  ASP A C   1 
ATOM   270  O O   . ASP A 1 36 ? -6.173  -8.223  20.829  1.00 17.45 ? 36  ASP A O   1 
ATOM   271  C CB  . ASP A 1 36 ? -4.244  -9.191  22.783  1.00 21.51 ? 36  ASP A CB  1 
ATOM   272  C CG  . ASP A 1 36 ? -4.287  -8.377  24.054  1.00 25.77 ? 36  ASP A CG  1 
ATOM   273  O OD1 . ASP A 1 36 ? -4.537  -7.154  23.990  1.00 27.30 ? 36  ASP A OD1 1 
ATOM   274  O OD2 . ASP A 1 36 ? -4.079  -8.975  25.128  1.00 30.32 ? 36  ASP A OD2 1 
ATOM   275  N N   . LYS A 1 37 ? -4.991  -6.303  20.842  1.00 17.07 ? 37  LYS A N   1 
ATOM   276  C CA  . LYS A 1 37 ? -6.087  -5.499  20.312  1.00 18.85 ? 37  LYS A CA  1 
ATOM   277  C C   . LYS A 1 37 ? -6.002  -5.427  18.786  1.00 18.23 ? 37  LYS A C   1 
ATOM   278  O O   . LYS A 1 37 ? -6.930  -4.971  18.117  1.00 17.08 ? 37  LYS A O   1 
ATOM   279  C CB  . LYS A 1 37 ? -6.081  -4.091  20.916  1.00 20.55 ? 37  LYS A CB  1 
ATOM   280  C CG  . LYS A 1 37 ? -6.586  -4.056  22.350  1.00 24.69 ? 37  LYS A CG  1 
ATOM   281  C CD  . LYS A 1 37 ? -6.843  -2.633  22.821  1.00 28.14 ? 37  LYS A CD  1 
ATOM   282  C CE  . LYS A 1 37 ? -7.315  -2.612  24.268  1.00 31.28 ? 37  LYS A CE  1 
ATOM   283  N NZ  . LYS A 1 37 ? -8.531  -3.453  24.478  1.00 33.91 ? 37  LYS A NZ  1 
ATOM   284  N N   . ILE A 1 38 ? -4.875  -5.863  18.235  1.00 17.50 ? 38  ILE A N   1 
ATOM   285  C CA  . ILE A 1 38 ? -4.718  -5.899  16.784  1.00 16.14 ? 38  ILE A CA  1 
ATOM   286  C C   . ILE A 1 38 ? -4.975  -7.375  16.472  1.00 16.42 ? 38  ILE A C   1 
ATOM   287  O O   . ILE A 1 38 ? -4.128  -8.227  16.727  1.00 16.97 ? 38  ILE A O   1 
ATOM   288  C CB  . ILE A 1 38 ? -3.300  -5.486  16.342  1.00 15.42 ? 38  ILE A CB  1 
ATOM   289  C CG1 . ILE A 1 38 ? -2.996  -4.054  16.804  1.00 17.15 ? 38  ILE A CG1 1 
ATOM   290  C CG2 . ILE A 1 38 ? -3.195  -5.584  14.823  1.00 16.64 ? 38  ILE A CG2 1 
ATOM   291  C CD1 . ILE A 1 38 ? -1.620  -3.541  16.397  1.00 17.96 ? 38  ILE A CD1 1 
ATOM   292  N N   . ILE A 1 39 ? -6.151  -7.670  15.927  1.00 16.11 ? 39  ILE A N   1 
ATOM   293  C CA  . ILE A 1 39 ? -6.551  -9.052  15.677  1.00 16.54 ? 39  ILE A CA  1 
ATOM   294  C C   . ILE A 1 39 ? -6.233  -9.691  14.332  1.00 15.14 ? 39  ILE A C   1 
ATOM   295  O O   . ILE A 1 39 ? -6.387  -10.903 14.174  1.00 16.01 ? 39  ILE A O   1 
ATOM   296  C CB  . ILE A 1 39 ? -8.060  -9.219  15.963  1.00 16.50 ? 39  ILE A CB  1 
ATOM   297  C CG1 . ILE A 1 39 ? -8.876  -8.372  14.987  1.00 18.57 ? 39  ILE A CG1 1 
ATOM   298  C CG2 . ILE A 1 39 ? -8.363  -8.781  17.390  1.00 16.61 ? 39  ILE A CG2 1 
ATOM   299  C CD1 . ILE A 1 39 ? -10.372 -8.490  15.171  1.00 20.59 ? 39  ILE A CD1 1 
ATOM   300  N N   . GLU A 1 40 ? -5.781  -8.900  13.367  1.00 15.00 ? 40  GLU A N   1 
ATOM   301  C CA  . GLU A 1 40 ? -5.451  -9.448  12.054  1.00 14.75 ? 40  GLU A CA  1 
ATOM   302  C C   . GLU A 1 40 ? -4.559  -8.513  11.252  1.00 14.75 ? 40  GLU A C   1 
ATOM   303  O O   . GLU A 1 40 ? -4.665  -7.289  11.360  1.00 15.00 ? 40  GLU A O   1 
ATOM   304  C CB  . GLU A 1 40 ? -6.732  -9.718  11.257  1.00 16.15 ? 40  GLU A CB  1 
ATOM   305  C CG  . GLU A 1 40 ? -6.503  -10.433 9.933   1.00 17.95 ? 40  GLU A CG  1 
ATOM   306  C CD  . GLU A 1 40 ? -7.702  -10.349 9.013   1.00 24.09 ? 40  GLU A CD  1 
ATOM   307  O OE1 . GLU A 1 40 ? -8.006  -9.237  8.532   1.00 23.72 ? 40  GLU A OE1 1 
ATOM   308  O OE2 . GLU A 1 40 ? -8.344  -11.396 8.771   1.00 27.97 ? 40  GLU A OE2 1 
ATOM   309  N N   . THR A 1 41 ? -3.679  -9.102  10.447  1.00 12.32 ? 41  THR A N   1 
ATOM   310  C CA  . THR A 1 41 ? -2.778  -8.347  9.583   1.00 12.34 ? 41  THR A CA  1 
ATOM   311  C C   . THR A 1 41 ? -2.849  -8.944  8.184   1.00 12.17 ? 41  THR A C   1 
ATOM   312  O O   . THR A 1 41 ? -2.726  -10.157 8.015   1.00 14.74 ? 41  THR A O   1 
ATOM   313  C CB  . THR A 1 41 ? -1.298  -8.448  10.037  1.00 10.31 ? 41  THR A CB  1 
ATOM   314  O OG1 . THR A 1 41 ? -1.153  -7.904  11.349  1.00 12.73 ? 41  THR A OG1 1 
ATOM   315  C CG2 . THR A 1 41 ? -0.381  -7.666  9.074   1.00 10.59 ? 41  THR A CG2 1 
ATOM   316  N N   . ARG A 1 42 ? -3.080  -8.096  7.190   1.00 10.96 ? 42  ARG A N   1 
ATOM   317  C CA  . ARG A 1 42 ? -3.086  -8.531  5.792   1.00 12.87 ? 42  ARG A CA  1 
ATOM   318  C C   . ARG A 1 42 ? -2.009  -7.688  5.139   1.00 12.98 ? 42  ARG A C   1 
ATOM   319  O O   . ARG A 1 42 ? -1.913  -6.482  5.396   1.00 16.42 ? 42  ARG A O   1 
ATOM   320  C CB  . ARG A 1 42 ? -4.430  -8.266  5.117   1.00 14.96 ? 42  ARG A CB  1 
ATOM   321  C CG  . ARG A 1 42 ? -5.581  -9.060  5.702   1.00 20.18 ? 42  ARG A CG  1 
ATOM   322  C CD  . ARG A 1 42 ? -5.437  -10.552 5.458   1.00 26.32 ? 42  ARG A CD  1 
ATOM   323  N NE  . ARG A 1 42 ? -4.256  -11.118 6.105   1.00 30.08 ? 42  ARG A NE  1 
ATOM   324  C CZ  . ARG A 1 42 ? -4.048  -12.421 6.269   1.00 30.10 ? 42  ARG A CZ  1 
ATOM   325  N NH1 . ARG A 1 42 ? -4.945  -13.297 5.831   1.00 32.73 ? 42  ARG A NH1 1 
ATOM   326  N NH2 . ARG A 1 42 ? -2.951  -12.849 6.877   1.00 29.69 ? 42  ARG A NH2 1 
ATOM   327  N N   . ALA A 1 43 ? -1.190  -8.317  4.309   1.00 12.42 ? 43  ALA A N   1 
ATOM   328  C CA  . ALA A 1 43 ? -0.091  -7.621  3.658   1.00 12.50 ? 43  ALA A CA  1 
ATOM   329  C C   . ALA A 1 43 ? -0.252  -7.523  2.153   1.00 13.62 ? 43  ALA A C   1 
ATOM   330  O O   . ALA A 1 43 ? -0.878  -8.382  1.522   1.00 15.41 ? 43  ALA A O   1 
ATOM   331  C CB  . ALA A 1 43 ? 1.223   -8.316  3.997   1.00 13.50 ? 43  ALA A CB  1 
ATOM   332  N N   . GLY A 1 44 ? 0.320   -6.471  1.579   1.00 12.09 ? 44  GLY A N   1 
ATOM   333  C CA  . GLY A 1 44 ? 0.241   -6.279  0.147   1.00 13.66 ? 44  GLY A CA  1 
ATOM   334  C C   . GLY A 1 44 ? 1.308   -5.342  -0.370  1.00 14.25 ? 44  GLY A C   1 
ATOM   335  O O   . GLY A 1 44 ? 2.204   -4.916  0.365   1.00 14.33 ? 44  GLY A O   1 
ATOM   336  N N   . LYS A 1 45 ? 1.215   -5.031  -1.654  1.00 12.33 ? 45  LYS A N   1 
ATOM   337  C CA  . LYS A 1 45 ? 2.168   -4.136  -2.281  1.00 14.81 ? 45  LYS A CA  1 
ATOM   338  C C   . LYS A 1 45 ? 1.497   -2.808  -2.573  1.00 14.57 ? 45  LYS A C   1 
ATOM   339  O O   . LYS A 1 45 ? 0.307   -2.756  -2.908  1.00 14.37 ? 45  LYS A O   1 
ATOM   340  C CB  . LYS A 1 45 ? 2.694   -4.747  -3.576  1.00 12.71 ? 45  LYS A CB  1 
ATOM   341  C CG  . LYS A 1 45 ? 3.731   -3.881  -4.292  1.00 12.00 ? 45  LYS A CG  1 
ATOM   342  C CD  . LYS A 1 45 ? 4.325   -4.617  -5.482  1.00 13.57 ? 45  LYS A CD  1 
ATOM   343  C CE  . LYS A 1 45 ? 5.085   -5.870  -5.050  1.00 16.12 ? 45  LYS A CE  1 
ATOM   344  N NZ  . LYS A 1 45 ? 6.258   -5.535  -4.193  1.00 14.04 ? 45  LYS A NZ  1 
ATOM   345  N N   . TYR A 1 46 ? 2.270   -1.738  -2.440  1.00 13.04 ? 46  TYR A N   1 
ATOM   346  C CA  . TYR A 1 46 ? 1.782   -0.396  -2.698  1.00 13.00 ? 46  TYR A CA  1 
ATOM   347  C C   . TYR A 1 46 ? 2.643   0.214   -3.793  1.00 13.70 ? 46  TYR A C   1 
ATOM   348  O O   . TYR A 1 46 ? 3.865   0.238   -3.683  1.00 16.17 ? 46  TYR A O   1 
ATOM   349  C CB  . TYR A 1 46 ? 1.893   0.462   -1.435  1.00 13.93 ? 46  TYR A CB  1 
ATOM   350  C CG  . TYR A 1 46 ? 1.557   1.926   -1.638  1.00 14.54 ? 46  TYR A CG  1 
ATOM   351  C CD1 . TYR A 1 46 ? 0.235   2.371   -1.604  1.00 14.31 ? 46  TYR A CD1 1 
ATOM   352  C CD2 . TYR A 1 46 ? 2.566   2.871   -1.847  1.00 14.00 ? 46  TYR A CD2 1 
ATOM   353  C CE1 . TYR A 1 46 ? -0.079  3.724   -1.767  1.00 17.05 ? 46  TYR A CE1 1 
ATOM   354  C CE2 . TYR A 1 46 ? 2.262   4.227   -2.012  1.00 16.52 ? 46  TYR A CE2 1 
ATOM   355  C CZ  . TYR A 1 46 ? 0.940   4.644   -1.967  1.00 17.24 ? 46  TYR A CZ  1 
ATOM   356  O OH  . TYR A 1 46 ? 0.632   5.984   -2.094  1.00 18.15 ? 46  TYR A OH  1 
ATOM   357  N N   . LEU A 1 47 ? 2.007   0.696   -4.852  1.00 14.27 ? 47  LEU A N   1 
ATOM   358  C CA  . LEU A 1 47 ? 2.718   1.351   -5.940  1.00 12.83 ? 47  LEU A CA  1 
ATOM   359  C C   . LEU A 1 47 ? 1.989   2.656   -6.200  1.00 14.28 ? 47  LEU A C   1 
ATOM   360  O O   . LEU A 1 47 ? 0.758   2.688   -6.238  1.00 14.11 ? 47  LEU A O   1 
ATOM   361  C CB  . LEU A 1 47 ? 2.703   0.490   -7.208  1.00 11.71 ? 47  LEU A CB  1 
ATOM   362  C CG  . LEU A 1 47 ? 3.478   -0.825  -7.110  1.00 12.49 ? 47  LEU A CG  1 
ATOM   363  C CD1 . LEU A 1 47 ? 3.099   -1.751  -8.259  1.00 15.88 ? 47  LEU A CD1 1 
ATOM   364  C CD2 . LEU A 1 47 ? 4.978   -0.513  -7.118  1.00 14.08 ? 47  LEU A CD2 1 
ATOM   365  N N   . VAL A 1 48 ? 2.740   3.741   -6.336  1.00 12.69 ? 48  VAL A N   1 
ATOM   366  C CA  . VAL A 1 48 ? 2.123   5.026   -6.623  1.00 14.65 ? 48  VAL A CA  1 
ATOM   367  C C   . VAL A 1 48 ? 2.765   5.586   -7.886  1.00 14.02 ? 48  VAL A C   1 
ATOM   368  O O   . VAL A 1 48 ? 3.992   5.611   -8.029  1.00 15.24 ? 48  VAL A O   1 
ATOM   369  C CB  . VAL A 1 48 ? 2.260   6.018   -5.438  1.00 14.63 ? 48  VAL A CB  1 
ATOM   370  C CG1 . VAL A 1 48 ? 3.722   6.355   -5.182  1.00 15.23 ? 48  VAL A CG1 1 
ATOM   371  C CG2 . VAL A 1 48 ? 1.448   7.281   -5.730  1.00 17.10 ? 48  VAL A CG2 1 
ATOM   372  N N   . PHE A 1 49 ? 1.921   6.029   -8.807  1.00 12.90 ? 49  PHE A N   1 
ATOM   373  C CA  . PHE A 1 49 ? 2.382   6.547   -10.087 1.00 11.87 ? 49  PHE A CA  1 
ATOM   374  C C   . PHE A 1 49 ? 1.976   7.989   -10.292 1.00 12.94 ? 49  PHE A C   1 
ATOM   375  O O   . PHE A 1 49 ? 0.977   8.437   -9.740  1.00 13.77 ? 49  PHE A O   1 
ATOM   376  C CB  . PHE A 1 49 ? 1.740   5.759   -11.226 1.00 11.87 ? 49  PHE A CB  1 
ATOM   377  C CG  . PHE A 1 49 ? 1.913   4.278   -11.126 1.00 10.39 ? 49  PHE A CG  1 
ATOM   378  C CD1 . PHE A 1 49 ? 3.075   3.672   -11.581 1.00 11.29 ? 49  PHE A CD1 1 
ATOM   379  C CD2 . PHE A 1 49 ? 0.897   3.479   -10.609 1.00 13.79 ? 49  PHE A CD2 1 
ATOM   380  C CE1 . PHE A 1 49 ? 3.223   2.285   -11.523 1.00 10.65 ? 49  PHE A CE1 1 
ATOM   381  C CE2 . PHE A 1 49 ? 1.040   2.102   -10.548 1.00 10.44 ? 49  PHE A CE2 1 
ATOM   382  C CZ  . PHE A 1 49 ? 2.204   1.502   -11.007 1.00 11.12 ? 49  PHE A CZ  1 
ATOM   383  N N   . ARG A 1 50 ? 2.762   8.708   -11.089 1.00 12.90 ? 50  ARG A N   1 
ATOM   384  C CA  . ARG A 1 50 ? 2.422   10.077  -11.465 1.00 14.08 ? 50  ARG A CA  1 
ATOM   385  C C   . ARG A 1 50 ? 2.044   9.880   -12.930 1.00 15.55 ? 50  ARG A C   1 
ATOM   386  O O   . ARG A 1 50 ? 2.843   9.361   -13.718 1.00 14.47 ? 50  ARG A O   1 
ATOM   387  C CB  . ARG A 1 50 ? 3.620   11.019  -11.329 1.00 15.92 ? 50  ARG A CB  1 
ATOM   388  C CG  . ARG A 1 50 ? 4.049   11.268  -9.888  1.00 21.69 ? 50  ARG A CG  1 
ATOM   389  C CD  . ARG A 1 50 ? 5.053   12.408  -9.788  1.00 26.99 ? 50  ARG A CD  1 
ATOM   390  N NE  . ARG A 1 50 ? 4.396   13.708  -9.878  1.00 32.14 ? 50  ARG A NE  1 
ATOM   391  C CZ  . ARG A 1 50 ? 5.033   14.875  -9.884  1.00 32.43 ? 50  ARG A CZ  1 
ATOM   392  N NH1 . ARG A 1 50 ? 6.355   14.913  -9.812  1.00 36.66 ? 50  ARG A NH1 1 
ATOM   393  N NH2 . ARG A 1 50 ? 4.346   16.006  -9.952  1.00 35.41 ? 50  ARG A NH2 1 
ATOM   394  N N   . VAL A 1 51 ? 0.823   10.266  -13.286 1.00 14.66 ? 51  VAL A N   1 
ATOM   395  C CA  . VAL A 1 51 ? 0.325   10.045  -14.638 1.00 17.54 ? 51  VAL A CA  1 
ATOM   396  C C   . VAL A 1 51 ? -0.210  11.267  -15.368 1.00 18.18 ? 51  VAL A C   1 
ATOM   397  O O   . VAL A 1 51 ? -1.017  12.026  -14.824 1.00 18.72 ? 51  VAL A O   1 
ATOM   398  C CB  . VAL A 1 51 ? -0.816  8.997   -14.613 1.00 17.21 ? 51  VAL A CB  1 
ATOM   399  C CG1 . VAL A 1 51 ? -1.240  8.638   -16.027 1.00 19.32 ? 51  VAL A CG1 1 
ATOM   400  C CG2 . VAL A 1 51 ? -0.369  7.755   -13.860 1.00 17.19 ? 51  VAL A CG2 1 
ATOM   401  N N   . ASN A 1 52 ? 0.242   11.444  -16.606 1.00 19.86 ? 52  ASN A N   1 
ATOM   402  C CA  . ASN A 1 52 ? -0.239  12.532  -17.447 1.00 21.03 ? 52  ASN A CA  1 
ATOM   403  C C   . ASN A 1 52 ? -1.496  11.970  -18.093 1.00 22.81 ? 52  ASN A C   1 
ATOM   404  O O   . ASN A 1 52 ? -1.491  10.854  -18.622 1.00 24.16 ? 52  ASN A O   1 
ATOM   405  C CB  . ASN A 1 52 ? 0.786   12.899  -18.523 1.00 22.17 ? 52  ASN A CB  1 
ATOM   406  C CG  . ASN A 1 52 ? 1.927   13.737  -17.980 1.00 25.39 ? 52  ASN A CG  1 
ATOM   407  O OD1 . ASN A 1 52 ? 1.709   14.716  -17.261 1.00 28.85 ? 52  ASN A OD1 1 
ATOM   408  N ND2 . ASN A 1 52 ? 3.154   13.370  -18.335 1.00 27.34 ? 52  ASN A ND2 1 
ATOM   409  N N   . SER A 1 53 ? -2.583  12.724  -18.043 1.00 22.69 ? 53  SER A N   1 
ATOM   410  C CA  . SER A 1 53 ? -3.825  12.234  -18.612 1.00 23.84 ? 53  SER A CA  1 
ATOM   411  C C   . SER A 1 53 ? -4.763  13.396  -18.883 1.00 24.36 ? 53  SER A C   1 
ATOM   412  O O   . SER A 1 53 ? -4.501  14.523  -18.461 1.00 24.79 ? 53  SER A O   1 
ATOM   413  C CB  . SER A 1 53 ? -4.467  11.253  -17.628 1.00 22.18 ? 53  SER A CB  1 
ATOM   414  O OG  . SER A 1 53 ? -5.506  10.501  -18.223 1.00 29.55 ? 53  SER A OG  1 
ATOM   415  N N   . SER A 1 54 ? -5.848  13.119  -19.594 1.00 24.05 ? 54  SER A N   1 
ATOM   416  C CA  . SER A 1 54 ? -6.827  14.150  -19.911 1.00 25.30 ? 54  SER A CA  1 
ATOM   417  C C   . SER A 1 54 ? -7.998  14.091  -18.938 1.00 25.21 ? 54  SER A C   1 
ATOM   418  O O   . SER A 1 54 ? -8.848  14.982  -18.920 1.00 25.43 ? 54  SER A O   1 
ATOM   419  C CB  . SER A 1 54 ? -7.325  13.985  -21.350 1.00 26.15 ? 54  SER A CB  1 
ATOM   420  O OG  . SER A 1 54 ? -7.846  12.686  -21.571 1.00 29.26 ? 54  SER A OG  1 
ATOM   421  N N   . SER A 1 55 ? -8.036  13.039  -18.126 1.00 22.49 ? 55  SER A N   1 
ATOM   422  C CA  . SER A 1 55 ? -9.100  12.870  -17.140 1.00 21.96 ? 55  SER A CA  1 
ATOM   423  C C   . SER A 1 55 ? -8.698  11.876  -16.061 1.00 20.65 ? 55  SER A C   1 
ATOM   424  O O   . SER A 1 55 ? -7.713  11.149  -16.203 1.00 21.54 ? 55  SER A O   1 
ATOM   425  C CB  . SER A 1 55 ? -10.388 12.374  -17.808 1.00 22.29 ? 55  SER A CB  1 
ATOM   426  O OG  . SER A 1 55 ? -10.265 11.024  -18.224 1.00 25.56 ? 55  SER A OG  1 
ATOM   427  N N   . GLN A 1 56 ? -9.468  11.853  -14.978 1.00 19.23 ? 56  GLN A N   1 
ATOM   428  C CA  . GLN A 1 56 ? -9.212  10.942  -13.870 1.00 20.49 ? 56  GLN A CA  1 
ATOM   429  C C   . GLN A 1 56 ? -9.512  9.523   -14.336 1.00 21.90 ? 56  GLN A C   1 
ATOM   430  O O   . GLN A 1 56 ? -8.831  8.573   -13.951 1.00 21.12 ? 56  GLN A O   1 
ATOM   431  C CB  . GLN A 1 56 ? -10.091 11.325  -12.678 1.00 21.31 ? 56  GLN A CB  1 
ATOM   432  C CG  . GLN A 1 56 ? -9.985  10.412  -11.469 1.00 22.84 ? 56  GLN A CG  1 
ATOM   433  C CD  . GLN A 1 56 ? -10.657 11.015  -10.246 1.00 26.06 ? 56  GLN A CD  1 
ATOM   434  O OE1 . GLN A 1 56 ? -11.603 11.796  -10.367 1.00 27.07 ? 56  GLN A OE1 1 
ATOM   435  N NE2 . GLN A 1 56 ? -10.178 10.649  -9.065  1.00 27.05 ? 56  GLN A NE2 1 
ATOM   436  N N   . GLN A 1 57 ? -10.528 9.388   -15.181 1.00 22.57 ? 57  GLN A N   1 
ATOM   437  C CA  . GLN A 1 57 ? -10.898 8.083   -15.718 1.00 23.85 ? 57  GLN A CA  1 
ATOM   438  C C   . GLN A 1 57 ? -9.767  7.517   -16.563 1.00 23.15 ? 57  GLN A C   1 
ATOM   439  O O   . GLN A 1 57 ? -9.361  6.371   -16.384 1.00 25.17 ? 57  GLN A O   1 
ATOM   440  C CB  . GLN A 1 57 ? -12.170 8.195   -16.563 1.00 24.40 ? 57  GLN A CB  1 
ATOM   441  C CG  . GLN A 1 57 ? -12.389 7.024   -17.512 1.00 28.39 ? 57  GLN A CG  1 
ATOM   442  C CD  . GLN A 1 57 ? -13.783 6.999   -18.114 1.00 30.24 ? 57  GLN A CD  1 
ATOM   443  O OE1 . GLN A 1 57 ? -14.326 8.035   -18.500 1.00 28.77 ? 57  GLN A OE1 1 
ATOM   444  N NE2 . GLN A 1 57 ? -14.365 5.803   -18.207 1.00 29.74 ? 57  GLN A NE2 1 
ATOM   445  N N   . GLU A 1 58 ? -9.253  8.325   -17.482 1.00 24.36 ? 58  GLU A N   1 
ATOM   446  C CA  . GLU A 1 58 ? -8.180  7.882   -18.355 1.00 23.03 ? 58  GLU A CA  1 
ATOM   447  C C   . GLU A 1 58 ? -6.961  7.430   -17.552 1.00 22.55 ? 58  GLU A C   1 
ATOM   448  O O   . GLU A 1 58 ? -6.346  6.413   -17.870 1.00 21.85 ? 58  GLU A O   1 
ATOM   449  C CB  . GLU A 1 58 ? -7.791  9.004   -19.317 1.00 26.15 ? 58  GLU A CB  1 
ATOM   450  C CG  . GLU A 1 58 ? -6.676  8.637   -20.280 1.00 30.32 ? 58  GLU A CG  1 
ATOM   451  C CD  . GLU A 1 58 ? -6.367  9.749   -21.261 1.00 33.62 ? 58  GLU A CD  1 
ATOM   452  O OE1 . GLU A 1 58 ? -7.228  10.046  -22.117 1.00 36.64 ? 58  GLU A OE1 1 
ATOM   453  O OE2 . GLU A 1 58 ? -5.265  10.331  -21.174 1.00 34.89 ? 58  GLU A OE2 1 
ATOM   454  N N   . ALA A 1 59 ? -6.632  8.174   -16.499 1.00 20.59 ? 59  ALA A N   1 
ATOM   455  C CA  . ALA A 1 59 ? -5.476  7.852   -15.666 1.00 18.70 ? 59  ALA A CA  1 
ATOM   456  C C   . ALA A 1 59 ? -5.622  6.524   -14.934 1.00 18.95 ? 59  ALA A C   1 
ATOM   457  O O   . ALA A 1 59 ? -4.702  5.707   -14.938 1.00 17.00 ? 59  ALA A O   1 
ATOM   458  C CB  . ALA A 1 59 ? -5.223  8.981   -14.655 1.00 16.82 ? 59  ALA A CB  1 
ATOM   459  N N   . THR A 1 60 ? -6.775  6.312   -14.309 1.00 18.36 ? 60  THR A N   1 
ATOM   460  C CA  . THR A 1 60 ? -7.026  5.083   -13.558 1.00 19.77 ? 60  THR A CA  1 
ATOM   461  C C   . THR A 1 60 ? -7.145  3.845   -14.445 1.00 21.12 ? 60  THR A C   1 
ATOM   462  O O   . THR A 1 60 ? -6.622  2.780   -14.106 1.00 19.48 ? 60  THR A O   1 
ATOM   463  C CB  . THR A 1 60 ? -8.318  5.186   -12.727 1.00 23.60 ? 60  THR A CB  1 
ATOM   464  O OG1 . THR A 1 60 ? -9.415  5.446   -13.604 1.00 24.35 ? 60  THR A OG1 1 
ATOM   465  C CG2 . THR A 1 60 ? -8.216  6.307   -11.706 1.00 22.09 ? 60  THR A CG2 1 
ATOM   466  N N   . GLU A 1 61 ? -7.841  3.969   -15.571 1.00 21.15 ? 61  GLU A N   1 
ATOM   467  C CA  . GLU A 1 61 ? -7.993  2.823   -16.460 1.00 20.95 ? 61  GLU A CA  1 
ATOM   468  C C   . GLU A 1 61 ? -6.633  2.463   -17.033 1.00 21.44 ? 61  GLU A C   1 
ATOM   469  O O   . GLU A 1 61 ? -6.357  1.293   -17.306 1.00 21.20 ? 61  GLU A O   1 
ATOM   470  C CB  . GLU A 1 61 ? -8.973  3.135   -17.596 1.00 22.26 ? 61  GLU A CB  1 
ATOM   471  C CG  . GLU A 1 61 ? -10.328 3.624   -17.119 1.00 24.08 ? 61  GLU A CG  1 
ATOM   472  C CD  . GLU A 1 61 ? -11.379 3.617   -18.212 1.00 27.75 ? 61  GLU A CD  1 
ATOM   473  O OE1 . GLU A 1 61 ? -11.057 3.985   -19.361 1.00 27.46 ? 61  GLU A OE1 1 
ATOM   474  O OE2 . GLU A 1 61 ? -12.537 3.254   -17.912 1.00 27.38 ? 61  GLU A OE2 1 
ATOM   475  N N   . LEU A 1 62 ? -5.784  3.474   -17.204 1.00 19.17 ? 62  LEU A N   1 
ATOM   476  C CA  . LEU A 1 62 ? -4.445  3.263   -17.744 1.00 16.57 ? 62  LEU A CA  1 
ATOM   477  C C   . LEU A 1 62 ? -3.612  2.438   -16.781 1.00 15.78 ? 62  LEU A C   1 
ATOM   478  O O   . LEU A 1 62 ? -2.862  1.561   -17.195 1.00 14.80 ? 62  LEU A O   1 
ATOM   479  C CB  . LEU A 1 62 ? -3.742  4.600   -18.010 1.00 18.03 ? 62  LEU A CB  1 
ATOM   480  C CG  . LEU A 1 62 ? -2.351  4.475   -18.639 1.00 18.31 ? 62  LEU A CG  1 
ATOM   481  C CD1 . LEU A 1 62 ? -2.457  3.773   -19.990 1.00 15.48 ? 62  LEU A CD1 1 
ATOM   482  C CD2 . LEU A 1 62 ? -1.723  5.849   -18.808 1.00 17.57 ? 62  LEU A CD2 1 
ATOM   483  N N   . VAL A 1 63 ? -3.742  2.721   -15.489 1.00 17.83 ? 63  VAL A N   1 
ATOM   484  C CA  . VAL A 1 63 ? -2.988  1.988   -14.486 1.00 16.27 ? 63  VAL A CA  1 
ATOM   485  C C   . VAL A 1 63 ? -3.570  0.587   -14.361 1.00 17.08 ? 63  VAL A C   1 
ATOM   486  O O   . VAL A 1 63 ? -2.845  -0.378  -14.133 1.00 17.71 ? 63  VAL A O   1 
ATOM   487  C CB  . VAL A 1 63 ? -3.004  2.738   -13.130 1.00 15.23 ? 63  VAL A CB  1 
ATOM   488  C CG1 . VAL A 1 63 ? -2.508  1.839   -12.009 1.00 13.14 ? 63  VAL A CG1 1 
ATOM   489  C CG2 . VAL A 1 63 ? -2.104  3.967   -13.232 1.00 17.66 ? 63  VAL A CG2 1 
ATOM   490  N N   . LYS A 1 64 ? -4.883  0.481   -14.530 1.00 18.01 ? 64  LYS A N   1 
ATOM   491  C CA  . LYS A 1 64 ? -5.561  -0.807  -14.475 1.00 19.57 ? 64  LYS A CA  1 
ATOM   492  C C   . LYS A 1 64 ? -4.999  -1.678  -15.599 1.00 19.26 ? 64  LYS A C   1 
ATOM   493  O O   . LYS A 1 64 ? -4.658  -2.845  -15.394 1.00 18.76 ? 64  LYS A O   1 
ATOM   494  C CB  . LYS A 1 64 ? -7.064  -0.601  -14.670 1.00 21.50 ? 64  LYS A CB  1 
ATOM   495  C CG  . LYS A 1 64 ? -7.876  -1.865  -14.902 1.00 24.64 ? 64  LYS A CG  1 
ATOM   496  C CD  . LYS A 1 64 ? -7.794  -2.817  -13.729 1.00 27.57 ? 64  LYS A CD  1 
ATOM   497  C CE  . LYS A 1 64 ? -8.915  -3.854  -13.782 1.00 27.77 ? 64  LYS A CE  1 
ATOM   498  N NZ  . LYS A 1 64 ? -8.913  -4.642  -15.050 1.00 28.48 ? 64  LYS A NZ  1 
ATOM   499  N N   . LYS A 1 65 ? -4.906  -1.097  -16.790 1.00 18.19 ? 65  LYS A N   1 
ATOM   500  C CA  . LYS A 1 65 ? -4.386  -1.798  -17.958 1.00 19.81 ? 65  LYS A CA  1 
ATOM   501  C C   . LYS A 1 65 ? -2.943  -2.226  -17.707 1.00 19.52 ? 65  LYS A C   1 
ATOM   502  O O   . LYS A 1 65 ? -2.554  -3.351  -18.026 1.00 17.98 ? 65  LYS A O   1 
ATOM   503  C CB  . LYS A 1 65 ? -4.457  -0.888  -19.182 1.00 23.29 ? 65  LYS A CB  1 
ATOM   504  C CG  . LYS A 1 65 ? -4.191  -1.591  -20.499 1.00 26.66 ? 65  LYS A CG  1 
ATOM   505  C CD  . LYS A 1 65 ? -4.490  -0.660  -21.660 1.00 30.50 ? 65  LYS A CD  1 
ATOM   506  C CE  . LYS A 1 65 ? -4.299  -1.347  -22.998 1.00 32.51 ? 65  LYS A CE  1 
ATOM   507  N NZ  . LYS A 1 65 ? -4.575  -0.413  -24.125 1.00 34.08 ? 65  LYS A NZ  1 
ATOM   508  N N   . LEU A 1 66 ? -2.154  -1.319  -17.138 1.00 17.39 ? 66  LEU A N   1 
ATOM   509  C CA  . LEU A 1 66 ? -0.760  -1.611  -16.816 1.00 17.11 ? 66  LEU A CA  1 
ATOM   510  C C   . LEU A 1 66 ? -0.702  -2.848  -15.928 1.00 16.45 ? 66  LEU A C   1 
ATOM   511  O O   . LEU A 1 66 ? 0.019   -3.801  -16.210 1.00 16.57 ? 66  LEU A O   1 
ATOM   512  C CB  . LEU A 1 66 ? -0.141  -0.434  -16.060 1.00 15.77 ? 66  LEU A CB  1 
ATOM   513  C CG  . LEU A 1 66 ? 1.209   -0.698  -15.387 1.00 17.20 ? 66  LEU A CG  1 
ATOM   514  C CD1 . LEU A 1 66 ? 2.325   -0.733  -16.425 1.00 19.07 ? 66  LEU A CD1 1 
ATOM   515  C CD2 . LEU A 1 66 ? 1.468   0.395   -14.366 1.00 17.89 ? 66  LEU A CD2 1 
ATOM   516  N N   . ALA A 1 67 ? -1.467  -2.821  -14.843 1.00 17.62 ? 67  ALA A N   1 
ATOM   517  C CA  . ALA A 1 67 ? -1.494  -3.936  -13.909 1.00 17.55 ? 67  ALA A CA  1 
ATOM   518  C C   . ALA A 1 67 ? -1.858  -5.248  -14.592 1.00 18.61 ? 67  ALA A C   1 
ATOM   519  O O   . ALA A 1 67 ? -1.266  -6.290  -14.303 1.00 16.20 ? 67  ALA A O   1 
ATOM   520  C CB  . ALA A 1 67 ? -2.473  -3.646  -12.790 1.00 17.68 ? 67  ALA A CB  1 
ATOM   521  N N   . ASP A 1 68 ? -2.833  -5.196  -15.495 1.00 19.63 ? 68  ASP A N   1 
ATOM   522  C CA  . ASP A 1 68 ? -3.261  -6.401  -16.200 1.00 21.34 ? 68  ASP A CA  1 
ATOM   523  C C   . ASP A 1 68 ? -2.235  -6.878  -17.218 1.00 20.35 ? 68  ASP A C   1 
ATOM   524  O O   . ASP A 1 68 ? -1.702  -7.985  -17.113 1.00 23.55 ? 68  ASP A O   1 
ATOM   525  C CB  . ASP A 1 68 ? -4.582  -6.169  -16.942 1.00 23.46 ? 68  ASP A CB  1 
ATOM   526  C CG  . ASP A 1 68 ? -5.750  -5.911  -16.011 1.00 24.50 ? 68  ASP A CG  1 
ATOM   527  O OD1 . ASP A 1 68 ? -5.699  -6.331  -14.838 1.00 26.59 ? 68  ASP A OD1 1 
ATOM   528  O OD2 . ASP A 1 68 ? -6.737  -5.300  -16.471 1.00 26.91 ? 68  ASP A OD2 1 
ATOM   529  N N   . GLU A 1 69 ? -1.964  -6.035  -18.205 1.00 20.19 ? 69  GLU A N   1 
ATOM   530  C CA  . GLU A 1 69 ? -1.042  -6.383  -19.272 1.00 19.03 ? 69  GLU A CA  1 
ATOM   531  C C   . GLU A 1 69 ? 0.390   -6.694  -18.878 1.00 19.51 ? 69  GLU A C   1 
ATOM   532  O O   . GLU A 1 69 ? 1.006   -7.579  -19.468 1.00 19.82 ? 69  GLU A O   1 
ATOM   533  C CB  . GLU A 1 69 ? -1.043  -5.290  -20.337 1.00 21.13 ? 69  GLU A CB  1 
ATOM   534  C CG  . GLU A 1 69 ? -2.369  -5.138  -21.061 1.00 25.29 ? 69  GLU A CG  1 
ATOM   535  C CD  . GLU A 1 69 ? -2.247  -4.312  -22.325 1.00 25.88 ? 69  GLU A CD  1 
ATOM   536  O OE1 . GLU A 1 69 ? -3.283  -4.065  -22.976 1.00 29.84 ? 69  GLU A OE1 1 
ATOM   537  O OE2 . GLU A 1 69 ? -1.112  -3.914  -22.669 1.00 26.69 ? 69  GLU A OE2 1 
ATOM   538  N N   . MET A 1 70 ? 0.929   -5.988  -17.892 1.00 18.49 ? 70  MET A N   1 
ATOM   539  C CA  . MET A 1 70 ? 2.311   -6.229  -17.492 1.00 18.70 ? 70  MET A CA  1 
ATOM   540  C C   . MET A 1 70 ? 2.448   -7.173  -16.295 1.00 19.51 ? 70  MET A C   1 
ATOM   541  O O   . MET A 1 70 ? 3.524   -7.305  -15.712 1.00 18.91 ? 70  MET A O   1 
ATOM   542  C CB  . MET A 1 70 ? 3.012   -4.894  -17.210 1.00 18.76 ? 70  MET A CB  1 
ATOM   543  C CG  . MET A 1 70 ? 2.945   -3.888  -18.362 1.00 21.91 ? 70  MET A CG  1 
ATOM   544  S SD  . MET A 1 70 ? 3.496   -4.550  -19.964 1.00 24.20 ? 70  MET A SD  1 
ATOM   545  C CE  . MET A 1 70 ? 5.183   -4.980  -19.591 1.00 21.13 ? 70  MET A CE  1 
ATOM   546  N N   . ARG A 1 71 ? 1.346   -7.829  -15.942 1.00 19.88 ? 71  ARG A N   1 
ATOM   547  C CA  . ARG A 1 71 ? 1.293   -8.794  -14.844 1.00 21.01 ? 71  ARG A CA  1 
ATOM   548  C C   . ARG A 1 71 ? 1.823   -8.334  -13.492 1.00 19.92 ? 71  ARG A C   1 
ATOM   549  O O   . ARG A 1 71 ? 2.638   -9.018  -12.871 1.00 19.33 ? 71  ARG A O   1 
ATOM   550  C CB  . ARG A 1 71 ? 2.008   -10.085 -15.247 1.00 24.31 ? 71  ARG A CB  1 
ATOM   551  C CG  . ARG A 1 71 ? 1.312   -10.841 -16.359 1.00 29.50 ? 71  ARG A CG  1 
ATOM   552  C CD  . ARG A 1 71 ? -0.086  -11.277 -15.931 1.00 33.59 ? 71  ARG A CD  1 
ATOM   553  N NE  . ARG A 1 71 ? -0.832  -11.880 -17.032 1.00 38.80 ? 71  ARG A NE  1 
ATOM   554  C CZ  . ARG A 1 71 ? -2.101  -12.278 -16.956 1.00 40.07 ? 71  ARG A CZ  1 
ATOM   555  N NH1 . ARG A 1 71 ? -2.778  -12.138 -15.822 1.00 38.98 ? 71  ARG A NH1 1 
ATOM   556  N NH2 . ARG A 1 71 ? -2.693  -12.811 -18.017 1.00 40.41 ? 71  ARG A NH2 1 
ATOM   557  N N   . LEU A 1 72 ? 1.353   -7.182  -13.029 1.00 18.74 ? 72  LEU A N   1 
ATOM   558  C CA  . LEU A 1 72 ? 1.777   -6.674  -11.734 1.00 18.75 ? 72  LEU A CA  1 
ATOM   559  C C   . LEU A 1 72 ? 1.046   -7.458  -10.656 1.00 17.91 ? 72  LEU A C   1 
ATOM   560  O O   . LEU A 1 72 ? 1.361   -7.345  -9.477  1.00 18.27 ? 72  LEU A O   1 
ATOM   561  C CB  . LEU A 1 72 ? 1.455   -5.184  -11.599 1.00 18.91 ? 72  LEU A CB  1 
ATOM   562  C CG  . LEU A 1 72 ? 2.168   -4.232  -12.558 1.00 21.47 ? 72  LEU A CG  1 
ATOM   563  C CD1 . LEU A 1 72 ? 1.771   -2.803  -12.220 1.00 19.49 ? 72  LEU A CD1 1 
ATOM   564  C CD2 . LEU A 1 72 ? 3.674   -4.401  -12.444 1.00 23.25 ? 72  LEU A CD2 1 
ATOM   565  N N   . TYR A 1 73 ? 0.057   -8.247  -11.074 1.00 18.05 ? 73  TYR A N   1 
ATOM   566  C CA  . TYR A 1 73 ? -0.714  -9.072  -10.155 1.00 18.28 ? 73  TYR A CA  1 
ATOM   567  C C   . TYR A 1 73 ? -1.337  -10.236 -10.925 1.00 17.34 ? 73  TYR A C   1 
ATOM   568  O O   . TYR A 1 73 ? -1.375  -10.229 -12.159 1.00 16.86 ? 73  TYR A O   1 
ATOM   569  C CB  . TYR A 1 73 ? -1.812  -8.239  -9.466  1.00 18.50 ? 73  TYR A CB  1 
ATOM   570  C CG  . TYR A 1 73 ? -3.050  -7.964  -10.299 1.00 18.18 ? 73  TYR A CG  1 
ATOM   571  C CD1 . TYR A 1 73 ? -4.277  -8.543  -9.971  1.00 18.79 ? 73  TYR A CD1 1 
ATOM   572  C CD2 . TYR A 1 73 ? -2.996  -7.123  -11.412 1.00 20.04 ? 73  TYR A CD2 1 
ATOM   573  C CE1 . TYR A 1 73 ? -5.420  -8.290  -10.730 1.00 20.71 ? 73  TYR A CE1 1 
ATOM   574  C CE2 . TYR A 1 73 ? -4.136  -6.865  -12.176 1.00 19.96 ? 73  TYR A CE2 1 
ATOM   575  C CZ  . TYR A 1 73 ? -5.341  -7.452  -11.829 1.00 19.95 ? 73  TYR A CZ  1 
ATOM   576  O OH  . TYR A 1 73 ? -6.463  -7.196  -12.580 1.00 20.85 ? 73  TYR A OH  1 
ATOM   577  N N   . ASN A 1 74 ? -1.800  -11.240 -10.188 1.00 19.26 ? 74  ASN A N   1 
ATOM   578  C CA  . ASN A 1 74 ? -2.437  -12.411 -10.775 1.00 21.94 ? 74  ASN A CA  1 
ATOM   579  C C   . ASN A 1 74 ? -3.897  -12.320 -10.346 1.00 22.55 ? 74  ASN A C   1 
ATOM   580  O O   . ASN A 1 74 ? -4.219  -12.551 -9.186  1.00 22.30 ? 74  ASN A O   1 
ATOM   581  C CB  . ASN A 1 74 ? -1.818  -13.693 -10.219 1.00 24.29 ? 74  ASN A CB  1 
ATOM   582  C CG  . ASN A 1 74 ? -2.352  -14.941 -10.899 1.00 24.32 ? 74  ASN A CG  1 
ATOM   583  O OD1 . ASN A 1 74 ? -3.471  -14.952 -11.411 1.00 27.51 ? 74  ASN A OD1 1 
ATOM   584  N ND2 . ASN A 1 74 ? -1.557  -16.004 -10.894 1.00 27.29 ? 74  ASN A ND2 1 
ATOM   585  N N   . PRO A 1 75 ? -4.798  -11.991 -11.285 1.00 23.44 ? 75  PRO A N   1 
ATOM   586  C CA  . PRO A 1 75 ? -6.232  -11.856 -11.010 1.00 25.05 ? 75  PRO A CA  1 
ATOM   587  C C   . PRO A 1 75 ? -6.930  -13.048 -10.363 1.00 26.37 ? 75  PRO A C   1 
ATOM   588  O O   . PRO A 1 75 ? -7.999  -12.892 -9.773  1.00 26.14 ? 75  PRO A O   1 
ATOM   589  C CB  . PRO A 1 75 ? -6.810  -11.518 -12.381 1.00 26.26 ? 75  PRO A CB  1 
ATOM   590  C CG  . PRO A 1 75 ? -5.894  -12.237 -13.308 1.00 25.67 ? 75  PRO A CG  1 
ATOM   591  C CD  . PRO A 1 75 ? -4.540  -11.920 -12.733 1.00 24.49 ? 75  PRO A CD  1 
ATOM   592  N N   . ILE A 1 76 ? -6.333  -14.231 -10.461 1.00 27.02 ? 76  ILE A N   1 
ATOM   593  C CA  . ILE A 1 76 ? -6.941  -15.423 -9.879  1.00 28.44 ? 76  ILE A CA  1 
ATOM   594  C C   . ILE A 1 76 ? -6.640  -15.553 -8.389  1.00 28.45 ? 76  ILE A C   1 
ATOM   595  O O   . ILE A 1 76 ? -7.334  -16.275 -7.669  1.00 29.97 ? 76  ILE A O   1 
ATOM   596  C CB  . ILE A 1 76 ? -6.466  -16.701 -10.609 1.00 28.85 ? 76  ILE A CB  1 
ATOM   597  C CG1 . ILE A 1 76 ? -6.860  -16.621 -12.085 1.00 29.49 ? 76  ILE A CG1 1 
ATOM   598  C CG2 . ILE A 1 76 ? -7.089  -17.939 -9.968  1.00 29.41 ? 76  ILE A CG2 1 
ATOM   599  C CD1 . ILE A 1 76 ? -6.424  -17.809 -12.905 1.00 31.80 ? 76  ILE A CD1 1 
ATOM   600  N N   . VAL A 1 77 ? -5.616  -14.845 -7.922  1.00 25.66 ? 77  VAL A N   1 
ATOM   601  C CA  . VAL A 1 77 ? -5.243  -14.903 -6.515  1.00 24.89 ? 77  VAL A CA  1 
ATOM   602  C C   . VAL A 1 77 ? -5.128  -13.534 -5.848  1.00 23.55 ? 77  VAL A C   1 
ATOM   603  O O   . VAL A 1 77 ? -5.147  -13.442 -4.622  1.00 22.20 ? 77  VAL A O   1 
ATOM   604  C CB  . VAL A 1 77 ? -3.902  -15.634 -6.327  1.00 24.37 ? 77  VAL A CB  1 
ATOM   605  C CG1 . VAL A 1 77 ? -4.014  -17.069 -6.832  1.00 26.86 ? 77  VAL A CG1 1 
ATOM   606  C CG2 . VAL A 1 77 ? -2.799  -14.886 -7.072  1.00 25.49 ? 77  VAL A CG2 1 
ATOM   607  N N   . HIS A 1 78 ? -5.015  -12.477 -6.648  1.00 21.35 ? 78  HIS A N   1 
ATOM   608  C CA  . HIS A 1 78 ? -4.886  -11.127 -6.103  1.00 20.92 ? 78  HIS A CA  1 
ATOM   609  C C   . HIS A 1 78 ? -6.042  -10.190 -6.431  1.00 19.95 ? 78  HIS A C   1 
ATOM   610  O O   . HIS A 1 78 ? -6.720  -10.342 -7.450  1.00 20.51 ? 78  HIS A O   1 
ATOM   611  C CB  . HIS A 1 78 ? -3.602  -10.465 -6.612  1.00 21.70 ? 78  HIS A CB  1 
ATOM   612  C CG  . HIS A 1 78 ? -2.357  -11.238 -6.317  1.00 24.00 ? 78  HIS A CG  1 
ATOM   613  N ND1 . HIS A 1 78 ? -1.936  -11.510 -5.033  1.00 25.06 ? 78  HIS A ND1 1 
ATOM   614  C CD2 . HIS A 1 78 ? -1.439  -11.795 -7.141  1.00 22.74 ? 78  HIS A CD2 1 
ATOM   615  C CE1 . HIS A 1 78 ? -0.812  -12.203 -5.079  1.00 23.33 ? 78  HIS A CE1 1 
ATOM   616  N NE2 . HIS A 1 78 ? -0.490  -12.391 -6.346  1.00 24.95 ? 78  HIS A NE2 1 
ATOM   617  N N   . LYS A 1 79 ? -6.237  -9.214  -5.547  1.00 18.94 ? 79  LYS A N   1 
ATOM   618  C CA  . LYS A 1 79 ? -7.248  -8.171  -5.692  1.00 20.93 ? 79  LYS A CA  1 
ATOM   619  C C   . LYS A 1 79 ? -6.469  -6.864  -5.843  1.00 21.02 ? 79  LYS A C   1 
ATOM   620  O O   . LYS A 1 79 ? -5.350  -6.746  -5.338  1.00 20.34 ? 79  LYS A O   1 
ATOM   621  C CB  . LYS A 1 79 ? -8.106  -8.040  -4.430  1.00 23.08 ? 79  LYS A CB  1 
ATOM   622  C CG  . LYS A 1 79 ? -8.998  -9.210  -4.107  1.00 28.24 ? 79  LYS A CG  1 
ATOM   623  C CD  . LYS A 1 79 ? -9.925  -8.879  -2.936  1.00 28.87 ? 79  LYS A CD  1 
ATOM   624  C CE  . LYS A 1 79 ? -9.191  -8.762  -1.600  1.00 29.49 ? 79  LYS A CE  1 
ATOM   625  N NZ  . LYS A 1 79 ? -8.309  -7.568  -1.493  1.00 33.31 ? 79  LYS A NZ  1 
ATOM   626  N N   . ILE A 1 80 ? -7.042  -5.886  -6.533  1.00 19.70 ? 80  ILE A N   1 
ATOM   627  C CA  . ILE A 1 80 ? -6.372  -4.594  -6.666  1.00 19.54 ? 80  ILE A CA  1 
ATOM   628  C C   . ILE A 1 80 ? -7.328  -3.446  -6.396  1.00 19.53 ? 80  ILE A C   1 
ATOM   629  O O   . ILE A 1 80 ? -8.526  -3.541  -6.669  1.00 21.50 ? 80  ILE A O   1 
ATOM   630  C CB  . ILE A 1 80 ? -5.736  -4.363  -8.074  1.00 18.46 ? 80  ILE A CB  1 
ATOM   631  C CG1 . ILE A 1 80 ? -6.813  -4.274  -9.158  1.00 19.66 ? 80  ILE A CG1 1 
ATOM   632  C CG2 . ILE A 1 80 ? -4.745  -5.458  -8.377  1.00 20.32 ? 80  ILE A CG2 1 
ATOM   633  C CD1 . ILE A 1 80 ? -6.272  -3.865  -10.523 1.00 19.47 ? 80  ILE A CD1 1 
ATOM   634  N N   . GLU A 1 81 ? -6.786  -2.369  -5.835  1.00 19.39 ? 81  GLU A N   1 
ATOM   635  C CA  . GLU A 1 81 ? -7.563  -1.175  -5.549  1.00 19.42 ? 81  GLU A CA  1 
ATOM   636  C C   . GLU A 1 81 ? -6.797  0.002   -6.125  1.00 19.51 ? 81  GLU A C   1 
ATOM   637  O O   . GLU A 1 81 ? -5.598  0.148   -5.886  1.00 19.55 ? 81  GLU A O   1 
ATOM   638  C CB  . GLU A 1 81 ? -7.737  -0.965  -4.043  1.00 20.09 ? 81  GLU A CB  1 
ATOM   639  C CG  . GLU A 1 81 ? -8.767  0.107   -3.705  1.00 22.23 ? 81  GLU A CG  1 
ATOM   640  C CD  . GLU A 1 81 ? -8.768  0.495   -2.241  1.00 25.08 ? 81  GLU A CD  1 
ATOM   641  O OE1 . GLU A 1 81 ? -8.359  -0.329  -1.397  1.00 23.25 ? 81  GLU A OE1 1 
ATOM   642  O OE2 . GLU A 1 81 ? -9.194  1.628   -1.931  1.00 27.98 ? 81  GLU A OE2 1 
ATOM   643  N N   . ILE A 1 82 ? -7.483  0.831   -6.898  1.00 18.31 ? 82  ILE A N   1 
ATOM   644  C CA  . ILE A 1 82 ? -6.853  1.996   -7.489  1.00 18.34 ? 82  ILE A CA  1 
ATOM   645  C C   . ILE A 1 82 ? -7.530  3.264   -6.986  1.00 21.37 ? 82  ILE A C   1 
ATOM   646  O O   . ILE A 1 82 ? -8.754  3.374   -6.984  1.00 20.99 ? 82  ILE A O   1 
ATOM   647  C CB  . ILE A 1 82 ? -6.916  1.939   -9.032  1.00 18.52 ? 82  ILE A CB  1 
ATOM   648  C CG1 . ILE A 1 82 ? -6.066  0.770   -9.536  1.00 16.04 ? 82  ILE A CG1 1 
ATOM   649  C CG2 . ILE A 1 82 ? -6.386  3.231   -9.630  1.00 19.58 ? 82  ILE A CG2 1 
ATOM   650  C CD1 . ILE A 1 82 ? -6.252  0.456   -10.998 1.00 20.66 ? 82  ILE A CD1 1 
ATOM   651  N N   . ARG A 1 83 ? -6.714  4.215   -6.541  1.00 21.67 ? 83  ARG A N   1 
ATOM   652  C CA  . ARG A 1 83 ? -7.205  5.495   -6.043  1.00 22.47 ? 83  ARG A CA  1 
ATOM   653  C C   . ARG A 1 83 ? -6.440  6.548   -6.831  1.00 21.57 ? 83  ARG A C   1 
ATOM   654  O O   . ARG A 1 83 ? -5.255  6.382   -7.098  1.00 20.20 ? 83  ARG A O   1 
ATOM   655  C CB  . ARG A 1 83 ? -6.900  5.641   -4.550  1.00 24.00 ? 83  ARG A CB  1 
ATOM   656  C CG  . ARG A 1 83 ? -7.476  4.530   -3.685  1.00 26.73 ? 83  ARG A CG  1 
ATOM   657  C CD  . ARG A 1 83 ? -6.826  4.492   -2.305  1.00 29.17 ? 83  ARG A CD  1 
ATOM   658  N NE  . ARG A 1 83 ? -7.387  3.418   -1.485  1.00 30.49 ? 83  ARG A NE  1 
ATOM   659  C CZ  . ARG A 1 83 ? -6.913  3.043   -0.300  1.00 31.50 ? 83  ARG A CZ  1 
ATOM   660  N NH1 . ARG A 1 83 ? -5.856  3.650   0.222   1.00 32.08 ? 83  ARG A NH1 1 
ATOM   661  N NH2 . ARG A 1 83 ? -7.501  2.060   0.369   1.00 32.14 ? 83  ARG A NH2 1 
ATOM   662  N N   . ALA A 1 84 ? -7.111  7.624   -7.217  1.00 22.47 ? 84  ALA A N   1 
ATOM   663  C CA  . ALA A 1 84 ? -6.434  8.665   -7.975  1.00 22.74 ? 84  ALA A CA  1 
ATOM   664  C C   . ALA A 1 84 ? -6.870  10.050  -7.542  1.00 25.10 ? 84  ALA A C   1 
ATOM   665  O O   . ALA A 1 84 ? -8.008  10.254  -7.125  1.00 25.39 ? 84  ALA A O   1 
ATOM   666  C CB  . ALA A 1 84 ? -6.694  8.480   -9.463  1.00 23.76 ? 84  ALA A CB  1 
ATOM   667  N N   . ASN A 1 85 ? -5.949  11.003  -7.635  1.00 24.95 ? 85  ASN A N   1 
ATOM   668  C CA  . ASN A 1 85 ? -6.243  12.381  -7.273  1.00 26.47 ? 85  ASN A CA  1 
ATOM   669  C C   . ASN A 1 85 ? -5.410  13.312  -8.142  1.00 26.29 ? 85  ASN A C   1 
ATOM   670  O O   . ASN A 1 85 ? -4.226  13.069  -8.373  1.00 25.94 ? 85  ASN A O   1 
ATOM   671  C CB  . ASN A 1 85 ? -5.940  12.631  -5.793  1.00 28.85 ? 85  ASN A CB  1 
ATOM   672  C CG  . ASN A 1 85 ? -4.487  12.390  -5.444  1.00 30.99 ? 85  ASN A CG  1 
ATOM   673  O OD1 . ASN A 1 85 ? -4.007  11.257  -5.479  1.00 32.96 ? 85  ASN A OD1 1 
ATOM   674  N ND2 . ASN A 1 85 ? -3.775  13.461  -5.108  1.00 32.65 ? 85  ASN A ND2 1 
ATOM   675  N N   . ARG A 1 86 ? -6.033  14.374  -8.642  1.00 26.87 ? 86  ARG A N   1 
ATOM   676  C CA  . ARG A 1 86 ? -5.315  15.316  -9.483  1.00 27.33 ? 86  ARG A CA  1 
ATOM   677  C C   . ARG A 1 86 ? -4.343  16.122  -8.636  1.00 27.30 ? 86  ARG A C   1 
ATOM   678  O O   . ARG A 1 86 ? -4.634  16.453  -7.487  1.00 27.83 ? 86  ARG A O   1 
ATOM   679  C CB  . ARG A 1 86 ? -6.288  16.256  -10.199 1.00 28.49 ? 86  ARG A CB  1 
ATOM   680  C CG  . ARG A 1 86 ? -5.599  17.156  -11.210 1.00 29.27 ? 86  ARG A CG  1 
ATOM   681  C CD  . ARG A 1 86 ? -6.585  17.909  -12.077 1.00 31.60 ? 86  ARG A CD  1 
ATOM   682  N NE  . ARG A 1 86 ? -5.899  18.797  -13.010 1.00 31.50 ? 86  ARG A NE  1 
ATOM   683  C CZ  . ARG A 1 86 ? -6.516  19.563  -13.902 1.00 31.53 ? 86  ARG A CZ  1 
ATOM   684  N NH1 . ARG A 1 86 ? -7.838  19.550  -13.988 1.00 32.02 ? 86  ARG A NH1 1 
ATOM   685  N NH2 . ARG A 1 86 ? -5.809  20.346  -14.706 1.00 33.18 ? 86  ARG A NH2 1 
ATOM   686  N N   . ILE A 1 87 ? -3.184  16.431  -9.205  1.00 28.59 ? 87  ILE A N   1 
ATOM   687  C CA  . ILE A 1 87 ? -2.172  17.192  -8.485  1.00 30.64 ? 87  ILE A CA  1 
ATOM   688  C C   . ILE A 1 87 ? -1.613  18.346  -9.312  1.00 33.07 ? 87  ILE A C   1 
ATOM   689  O O   . ILE A 1 87 ? -2.076  18.599  -10.423 1.00 32.20 ? 87  ILE A O   1 
ATOM   690  C CB  . ILE A 1 87 ? -1.020  16.271  -8.036  1.00 30.54 ? 87  ILE A CB  1 
ATOM   691  C CG1 . ILE A 1 87 ? -0.424  15.547  -9.249  1.00 30.74 ? 87  ILE A CG1 1 
ATOM   692  C CG2 . ILE A 1 87 ? -1.540  15.249  -7.030  1.00 31.08 ? 87  ILE A CG2 1 
ATOM   693  C CD1 . ILE A 1 87 ? 0.697   14.585  -8.902  1.00 30.64 ? 87  ILE A CD1 1 
ATOM   694  N N   . GLU A 1 88 ? -0.613  19.030  -8.753  1.00 35.93 ? 88  GLU A N   1 
ATOM   695  C CA  . GLU A 1 88 ? 0.053   20.180  -9.375  1.00 39.47 ? 88  GLU A CA  1 
ATOM   696  C C   . GLU A 1 88 ? -0.576  21.487  -8.907  1.00 40.37 ? 88  GLU A C   1 
ATOM   697  O O   . GLU A 1 88 ? -1.768  21.440  -8.535  1.00 42.02 ? 88  GLU A O   1 
ATOM   698  C CB  . GLU A 1 88 ? -0.008  20.109  -10.909 1.00 41.32 ? 88  GLU A CB  1 
ATOM   699  C CG  . GLU A 1 88 ? 1.007   19.172  -11.545 1.00 44.22 ? 88  GLU A CG  1 
ATOM   700  C CD  . GLU A 1 88 ? 2.424   19.713  -11.475 1.00 45.42 ? 88  GLU A CD  1 
ATOM   701  O OE1 . GLU A 1 88 ? 2.905   19.977  -10.354 1.00 47.63 ? 88  GLU A OE1 1 
ATOM   702  O OE2 . GLU A 1 88 ? 3.058   19.872  -12.542 1.00 45.33 ? 88  GLU A OE2 1 
ATOM   703  N N   . MET B 1 4  ? -15.228 -0.743  19.857  1.00 30.07 ? 4   MET B N   1 
ATOM   704  C CA  . MET B 1 4  ? -15.167 -0.301  18.433  1.00 28.62 ? 4   MET B CA  1 
ATOM   705  C C   . MET B 1 4  ? -14.103 -1.070  17.655  1.00 26.23 ? 4   MET B C   1 
ATOM   706  O O   . MET B 1 4  ? -13.034 -1.373  18.179  1.00 25.82 ? 4   MET B O   1 
ATOM   707  C CB  . MET B 1 4  ? -14.856 1.199   18.356  1.00 30.16 ? 4   MET B CB  1 
ATOM   708  C CG  . MET B 1 4  ? -15.966 2.109   18.856  1.00 34.90 ? 4   MET B CG  1 
ATOM   709  S SD  . MET B 1 4  ? -16.433 1.787   20.562  1.00 38.97 ? 4   MET B SD  1 
ATOM   710  C CE  . MET B 1 4  ? -15.256 2.756   21.415  1.00 38.94 ? 4   MET B CE  1 
ATOM   711  N N   . LEU B 1 5  ? -14.407 -1.384  16.401  1.00 23.84 ? 5   LEU B N   1 
ATOM   712  C CA  . LEU B 1 5  ? -13.470 -2.094  15.542  1.00 21.87 ? 5   LEU B CA  1 
ATOM   713  C C   . LEU B 1 5  ? -13.066 -1.142  14.428  1.00 19.73 ? 5   LEU B C   1 
ATOM   714  O O   . LEU B 1 5  ? -13.916 -0.528  13.785  1.00 19.20 ? 5   LEU B O   1 
ATOM   715  C CB  . LEU B 1 5  ? -14.126 -3.343  14.950  1.00 23.17 ? 5   LEU B CB  1 
ATOM   716  C CG  . LEU B 1 5  ? -13.231 -4.227  14.080  1.00 25.52 ? 5   LEU B CG  1 
ATOM   717  C CD1 . LEU B 1 5  ? -12.111 -4.807  14.926  1.00 24.62 ? 5   LEU B CD1 1 
ATOM   718  C CD2 . LEU B 1 5  ? -14.060 -5.341  13.451  1.00 27.13 ? 5   LEU B CD2 1 
ATOM   719  N N   . TYR B 1 6  ? -11.763 -1.022  14.204  1.00 18.72 ? 6   TYR B N   1 
ATOM   720  C CA  . TYR B 1 6  ? -11.242 -0.132  13.183  1.00 18.65 ? 6   TYR B CA  1 
ATOM   721  C C   . TYR B 1 6  ? -10.380 -0.864  12.173  1.00 17.83 ? 6   TYR B C   1 
ATOM   722  O O   . TYR B 1 6  ? -9.653  -1.793  12.517  1.00 18.39 ? 6   TYR B O   1 
ATOM   723  C CB  . TYR B 1 6  ? -10.392 0.962   13.829  1.00 19.39 ? 6   TYR B CB  1 
ATOM   724  C CG  . TYR B 1 6  ? -11.173 1.901   14.703  1.00 19.01 ? 6   TYR B CG  1 
ATOM   725  C CD1 . TYR B 1 6  ? -11.672 3.097   14.200  1.00 21.93 ? 6   TYR B CD1 1 
ATOM   726  C CD2 . TYR B 1 6  ? -11.440 1.578   16.034  1.00 20.19 ? 6   TYR B CD2 1 
ATOM   727  C CE1 . TYR B 1 6  ? -12.424 3.951   15.000  1.00 21.61 ? 6   TYR B CE1 1 
ATOM   728  C CE2 . TYR B 1 6  ? -12.187 2.420   16.839  1.00 21.38 ? 6   TYR B CE2 1 
ATOM   729  C CZ  . TYR B 1 6  ? -12.675 3.603   16.317  1.00 21.12 ? 6   TYR B CZ  1 
ATOM   730  O OH  . TYR B 1 6  ? -13.421 4.434   17.118  1.00 23.59 ? 6   TYR B OH  1 
ATOM   731  N N   . ARG B 1 7  ? -10.486 -0.443  10.922  1.00 15.48 ? 7   ARG B N   1 
ATOM   732  C CA  . ARG B 1 7  ? -9.665  -0.998  9.866   1.00 15.01 ? 7   ARG B CA  1 
ATOM   733  C C   . ARG B 1 7  ? -8.577  0.063   9.718   1.00 15.06 ? 7   ARG B C   1 
ATOM   734  O O   . ARG B 1 7  ? -8.857  1.196   9.328   1.00 18.23 ? 7   ARG B O   1 
ATOM   735  C CB  . ARG B 1 7  ? -10.470 -1.139  8.577   1.00 18.34 ? 7   ARG B CB  1 
ATOM   736  C CG  . ARG B 1 7  ? -9.654  -1.608  7.386   1.00 22.57 ? 7   ARG B CG  1 
ATOM   737  C CD  . ARG B 1 7  ? -10.558 -2.222  6.329   1.00 26.43 ? 7   ARG B CD  1 
ATOM   738  N NE  . ARG B 1 7  ? -9.905  -2.289  5.025   1.00 33.97 ? 7   ARG B NE  1 
ATOM   739  C CZ  . ARG B 1 7  ? -9.625  -1.227  4.279   1.00 34.63 ? 7   ARG B CZ  1 
ATOM   740  N NH1 . ARG B 1 7  ? -9.940  -0.010  4.706   1.00 37.36 ? 7   ARG B NH1 1 
ATOM   741  N NH2 . ARG B 1 7  ? -9.032  -1.383  3.103   1.00 36.56 ? 7   ARG B NH2 1 
ATOM   742  N N   . VAL B 1 8  ? -7.346  -0.299  10.055  1.00 13.46 ? 8   VAL B N   1 
ATOM   743  C CA  . VAL B 1 8  ? -6.235  0.646   9.977   1.00 14.00 ? 8   VAL B CA  1 
ATOM   744  C C   . VAL B 1 8  ? -5.221  0.261   8.913   1.00 14.30 ? 8   VAL B C   1 
ATOM   745  O O   . VAL B 1 8  ? -4.649  -0.828  8.949   1.00 13.36 ? 8   VAL B O   1 
ATOM   746  C CB  . VAL B 1 8  ? -5.516  0.752   11.337  1.00 13.87 ? 8   VAL B CB  1 
ATOM   747  C CG1 . VAL B 1 8  ? -4.418  1.803   11.271  1.00 13.28 ? 8   VAL B CG1 1 
ATOM   748  C CG2 . VAL B 1 8  ? -6.527  1.086   12.426  1.00 13.43 ? 8   VAL B CG2 1 
ATOM   749  N N   . GLU B 1 9  ? -4.990  1.179   7.979   1.00 14.35 ? 9   GLU B N   1 
ATOM   750  C CA  . GLU B 1 9  ? -4.051  0.958   6.886   1.00 15.09 ? 9   GLU B CA  1 
ATOM   751  C C   . GLU B 1 9  ? -2.718  1.629   7.165   1.00 14.23 ? 9   GLU B C   1 
ATOM   752  O O   . GLU B 1 9  ? -2.676  2.760   7.637   1.00 17.19 ? 9   GLU B O   1 
ATOM   753  C CB  . GLU B 1 9  ? -4.631  1.499   5.581   1.00 16.71 ? 9   GLU B CB  1 
ATOM   754  C CG  . GLU B 1 9  ? -5.785  0.686   5.046   1.00 21.20 ? 9   GLU B CG  1 
ATOM   755  C CD  . GLU B 1 9  ? -6.495  1.374   3.906   1.00 23.26 ? 9   GLU B CD  1 
ATOM   756  O OE1 . GLU B 1 9  ? -7.181  2.388   4.162   1.00 26.79 ? 9   GLU B OE1 1 
ATOM   757  O OE2 . GLU B 1 9  ? -6.363  0.908   2.757   1.00 25.57 ? 9   GLU B OE2 1 
ATOM   758  N N   . LEU B 1 10 ? -1.636  0.914   6.876   1.00 14.31 ? 10  LEU B N   1 
ATOM   759  C CA  . LEU B 1 10 ? -0.277  1.407   7.071   1.00 14.59 ? 10  LEU B CA  1 
ATOM   760  C C   . LEU B 1 10 ? 0.487   1.317   5.754   1.00 14.70 ? 10  LEU B C   1 
ATOM   761  O O   . LEU B 1 10 ? 0.729   0.234   5.232   1.00 14.65 ? 10  LEU B O   1 
ATOM   762  C CB  . LEU B 1 10 ? 0.431   0.570   8.145   1.00 14.62 ? 10  LEU B CB  1 
ATOM   763  C CG  . LEU B 1 10 ? 1.928   0.774   8.384   1.00 13.47 ? 10  LEU B CG  1 
ATOM   764  C CD1 . LEU B 1 10 ? 2.205   2.236   8.743   1.00 15.45 ? 10  LEU B CD1 1 
ATOM   765  C CD2 . LEU B 1 10 ? 2.388   -0.158  9.500   1.00 15.76 ? 10  LEU B CD2 1 
ATOM   766  N N   . ILE B 1 11 ? 0.856   2.464   5.205   1.00 13.56 ? 11  ILE B N   1 
ATOM   767  C CA  . ILE B 1 11 ? 1.597   2.471   3.954   1.00 13.33 ? 11  ILE B CA  1 
ATOM   768  C C   . ILE B 1 11 ? 3.016   2.926   4.273   1.00 15.12 ? 11  ILE B C   1 
ATOM   769  O O   . ILE B 1 11 ? 3.213   3.992   4.844   1.00 16.17 ? 11  ILE B O   1 
ATOM   770  C CB  . ILE B 1 11 ? 0.929   3.416   2.933   1.00 17.04 ? 11  ILE B CB  1 
ATOM   771  C CG1 . ILE B 1 11 ? -0.504  2.935   2.672   1.00 18.12 ? 11  ILE B CG1 1 
ATOM   772  C CG2 . ILE B 1 11 ? 1.712   3.431   1.630   1.00 18.11 ? 11  ILE B CG2 1 
ATOM   773  C CD1 . ILE B 1 11 ? -1.318  3.814   1.740   1.00 19.91 ? 11  ILE B CD1 1 
ATOM   774  N N   . ILE B 1 12 ? 3.995   2.096   3.925   1.00 13.22 ? 12  ILE B N   1 
ATOM   775  C CA  . ILE B 1 12 ? 5.403   2.385   4.191   1.00 14.66 ? 12  ILE B CA  1 
ATOM   776  C C   . ILE B 1 12 ? 6.142   2.607   2.875   1.00 14.96 ? 12  ILE B C   1 
ATOM   777  O O   . ILE B 1 12 ? 6.163   1.723   2.017   1.00 13.10 ? 12  ILE B O   1 
ATOM   778  C CB  . ILE B 1 12 ? 6.063   1.197   4.936   1.00 14.34 ? 12  ILE B CB  1 
ATOM   779  C CG1 . ILE B 1 12 ? 5.247   0.858   6.185   1.00 14.17 ? 12  ILE B CG1 1 
ATOM   780  C CG2 . ILE B 1 12 ? 7.488   1.528   5.328   1.00 14.99 ? 12  ILE B CG2 1 
ATOM   781  C CD1 . ILE B 1 12 ? 5.680   -0.408  6.870   1.00 17.50 ? 12  ILE B CD1 1 
ATOM   782  N N   . THR B 1 13 ? 6.745   3.780   2.711   1.00 15.49 ? 13  THR B N   1 
ATOM   783  C CA  . THR B 1 13 ? 7.484   4.085   1.492   1.00 15.97 ? 13  THR B CA  1 
ATOM   784  C C   . THR B 1 13 ? 8.835   4.718   1.816   1.00 15.81 ? 13  THR B C   1 
ATOM   785  O O   . THR B 1 13 ? 9.106   5.069   2.961   1.00 16.05 ? 13  THR B O   1 
ATOM   786  C CB  . THR B 1 13 ? 6.689   5.053   0.589   1.00 17.41 ? 13  THR B CB  1 
ATOM   787  O OG1 . THR B 1 13 ? 6.314   6.214   1.343   1.00 18.28 ? 13  THR B OG1 1 
ATOM   788  C CG2 . THR B 1 13 ? 5.439   4.372   0.053   1.00 16.31 ? 13  THR B CG2 1 
ATOM   789  N N   . ASN B 1 14 ? 9.689   4.853   0.808   1.00 16.18 ? 14  ASN B N   1 
ATOM   790  C CA  . ASN B 1 14 ? 10.995  5.468   1.023   1.00 17.34 ? 14  ASN B CA  1 
ATOM   791  C C   . ASN B 1 14 ? 10.857  6.979   1.024   1.00 15.91 ? 14  ASN B C   1 
ATOM   792  O O   . ASN B 1 14 ? 9.986   7.528   0.351   1.00 14.42 ? 14  ASN B O   1 
ATOM   793  C CB  . ASN B 1 14 ? 11.984  5.072   -0.083  1.00 18.87 ? 14  ASN B CB  1 
ATOM   794  C CG  . ASN B 1 14 ? 12.432  3.623   0.012   1.00 20.15 ? 14  ASN B CG  1 
ATOM   795  O OD1 . ASN B 1 14 ? 13.272  3.175   -0.765  1.00 28.34 ? 14  ASN B OD1 1 
ATOM   796  N ND2 . ASN B 1 14 ? 11.879  2.891   0.964   1.00 25.64 ? 14  ASN B ND2 1 
ATOM   797  N N   . LYS B 1 15 ? 11.705  7.651   1.793   1.00 17.24 ? 15  LYS B N   1 
ATOM   798  C CA  . LYS B 1 15 ? 11.680  9.106   1.814   1.00 17.14 ? 15  LYS B CA  1 
ATOM   799  C C   . LYS B 1 15 ? 12.066  9.589   0.420   1.00 18.12 ? 15  LYS B C   1 
ATOM   800  O O   . LYS B 1 15 ? 12.754  8.890   -0.326  1.00 15.38 ? 15  LYS B O   1 
ATOM   801  C CB  . LYS B 1 15 ? 12.662  9.648   2.858   1.00 18.55 ? 15  LYS B CB  1 
ATOM   802  C CG  . LYS B 1 15 ? 12.171  9.481   4.289   1.00 21.42 ? 15  LYS B CG  1 
ATOM   803  C CD  . LYS B 1 15 ? 13.094  10.149  5.292   1.00 22.80 ? 15  LYS B CD  1 
ATOM   804  C CE  . LYS B 1 15 ? 12.476  10.129  6.686   1.00 25.04 ? 15  LYS B CE  1 
ATOM   805  N NZ  . LYS B 1 15 ? 13.278  10.885  7.690   1.00 26.32 ? 15  LYS B NZ  1 
ATOM   806  N N   . GLU B 1 16 ? 11.615  10.782  0.064   1.00 17.56 ? 16  GLU B N   1 
ATOM   807  C CA  . GLU B 1 16 ? 11.899  11.341  -1.251  1.00 21.23 ? 16  GLU B CA  1 
ATOM   808  C C   . GLU B 1 16 ? 13.355  11.315  -1.682  1.00 20.34 ? 16  GLU B C   1 
ATOM   809  O O   . GLU B 1 16 ? 13.651  11.104  -2.859  1.00 23.20 ? 16  GLU B O   1 
ATOM   810  C CB  . GLU B 1 16 ? 11.403  12.780  -1.319  1.00 22.02 ? 16  GLU B CB  1 
ATOM   811  C CG  . GLU B 1 16 ? 9.911   12.908  -1.515  1.00 27.33 ? 16  GLU B CG  1 
ATOM   812  C CD  . GLU B 1 16 ? 9.498   14.346  -1.713  1.00 30.47 ? 16  GLU B CD  1 
ATOM   813  O OE1 . GLU B 1 16 ? 10.194  15.053  -2.471  1.00 32.61 ? 16  GLU B OE1 1 
ATOM   814  O OE2 . GLU B 1 16 ? 8.483   14.764  -1.119  1.00 34.47 ? 16  GLU B OE2 1 
ATOM   815  N N   . GLY B 1 17 ? 14.262  11.534  -0.738  1.00 21.62 ? 17  GLY B N   1 
ATOM   816  C CA  . GLY B 1 17 ? 15.675  11.567  -1.077  1.00 18.72 ? 17  GLY B CA  1 
ATOM   817  C C   . GLY B 1 17 ? 16.437  10.263  -0.979  1.00 18.30 ? 17  GLY B C   1 
ATOM   818  O O   . GLY B 1 17 ? 17.667  10.259  -1.070  1.00 16.73 ? 17  GLY B O   1 
ATOM   819  N N   . VAL B 1 18 ? 15.717  9.159   -0.799  1.00 15.64 ? 18  VAL B N   1 
ATOM   820  C CA  . VAL B 1 18 ? 16.328  7.841   -0.686  1.00 15.21 ? 18  VAL B CA  1 
ATOM   821  C C   . VAL B 1 18 ? 15.929  6.965   -1.873  1.00 14.57 ? 18  VAL B C   1 
ATOM   822  O O   . VAL B 1 18 ? 14.747  6.816   -2.177  1.00 16.93 ? 18  VAL B O   1 
ATOM   823  C CB  . VAL B 1 18 ? 15.890  7.141   0.616   1.00 15.29 ? 18  VAL B CB  1 
ATOM   824  C CG1 . VAL B 1 18 ? 16.525  5.759   0.704   1.00 19.07 ? 18  VAL B CG1 1 
ATOM   825  C CG2 . VAL B 1 18 ? 16.295  7.979   1.819   1.00 15.37 ? 18  VAL B CG2 1 
ATOM   826  N N   . ARG B 1 19 ? 16.923  6.379   -2.535  1.00 13.76 ? 19  ARG B N   1 
ATOM   827  C CA  . ARG B 1 19 ? 16.666  5.522   -3.686  1.00 13.92 ? 19  ARG B CA  1 
ATOM   828  C C   . ARG B 1 19 ? 15.719  4.362   -3.371  1.00 12.22 ? 19  ARG B C   1 
ATOM   829  O O   . ARG B 1 19 ? 15.868  3.663   -2.367  1.00 13.40 ? 19  ARG B O   1 
ATOM   830  C CB  . ARG B 1 19 ? 17.986  4.977   -4.257  1.00 12.66 ? 19  ARG B CB  1 
ATOM   831  C CG  . ARG B 1 19 ? 17.805  4.010   -5.441  1.00 12.79 ? 19  ARG B CG  1 
ATOM   832  C CD  . ARG B 1 19 ? 19.141  3.595   -6.078  1.00 15.10 ? 19  ARG B CD  1 
ATOM   833  N NE  . ARG B 1 19 ? 18.954  2.615   -7.153  1.00 12.89 ? 19  ARG B NE  1 
ATOM   834  C CZ  . ARG B 1 19 ? 19.157  1.305   -7.025  1.00 15.81 ? 19  ARG B CZ  1 
ATOM   835  N NH1 . ARG B 1 19 ? 19.565  0.796   -5.868  1.00 16.44 ? 19  ARG B NH1 1 
ATOM   836  N NH2 . ARG B 1 19 ? 18.937  0.492   -8.051  1.00 11.72 ? 19  ARG B NH2 1 
ATOM   837  N N   . ASP B 1 20 ? 14.746  4.182   -4.256  1.00 13.23 ? 20  ASP B N   1 
ATOM   838  C CA  . ASP B 1 20 ? 13.734  3.132   -4.165  1.00 13.17 ? 20  ASP B CA  1 
ATOM   839  C C   . ASP B 1 20 ? 14.027  2.207   -5.343  1.00 13.29 ? 20  ASP B C   1 
ATOM   840  O O   . ASP B 1 20 ? 13.599  2.462   -6.470  1.00 14.18 ? 20  ASP B O   1 
ATOM   841  C CB  . ASP B 1 20 ? 12.344  3.787   -4.269  1.00 13.91 ? 20  ASP B CB  1 
ATOM   842  C CG  . ASP B 1 20 ? 11.252  2.823   -4.685  1.00 16.00 ? 20  ASP B CG  1 
ATOM   843  O OD1 . ASP B 1 20 ? 11.381  1.607   -4.450  1.00 16.21 ? 20  ASP B OD1 1 
ATOM   844  O OD2 . ASP B 1 20 ? 10.241  3.309   -5.238  1.00 17.53 ? 20  ASP B OD2 1 
ATOM   845  N N   . PRO B 1 21 ? 14.802  1.128   -5.101  1.00 11.37 ? 21  PRO B N   1 
ATOM   846  C CA  . PRO B 1 21 ? 15.156  0.184   -6.164  1.00 12.38 ? 21  PRO B CA  1 
ATOM   847  C C   . PRO B 1 21 ? 13.990  -0.477  -6.874  1.00 10.56 ? 21  PRO B C   1 
ATOM   848  O O   . PRO B 1 21 ? 14.036  -0.668  -8.088  1.00 12.64 ? 21  PRO B O   1 
ATOM   849  C CB  . PRO B 1 21 ? 16.053  -0.827  -5.450  1.00 12.87 ? 21  PRO B CB  1 
ATOM   850  C CG  . PRO B 1 21 ? 16.709  0.005   -4.403  1.00 13.88 ? 21  PRO B CG  1 
ATOM   851  C CD  . PRO B 1 21 ? 15.551  0.827   -3.871  1.00 12.48 ? 21  PRO B CD  1 
ATOM   852  N N   . GLU B 1 22 ? 12.947  -0.838  -6.130  1.00 12.77 ? 22  GLU B N   1 
ATOM   853  C CA  . GLU B 1 22 ? 11.802  -1.475  -6.766  1.00 12.07 ? 22  GLU B CA  1 
ATOM   854  C C   . GLU B 1 22 ? 11.113  -0.520  -7.746  1.00 13.19 ? 22  GLU B C   1 
ATOM   855  O O   . GLU B 1 22 ? 10.908  -0.853  -8.913  1.00 13.01 ? 22  GLU B O   1 
ATOM   856  C CB  . GLU B 1 22 ? 10.791  -1.968  -5.718  1.00 12.19 ? 22  GLU B CB  1 
ATOM   857  C CG  . GLU B 1 22 ? 9.567   -2.612  -6.369  1.00 13.59 ? 22  GLU B CG  1 
ATOM   858  C CD  . GLU B 1 22 ? 8.627   -3.275  -5.389  1.00 15.29 ? 22  GLU B CD  1 
ATOM   859  O OE1 . GLU B 1 22 ? 8.831   -3.165  -4.163  1.00 14.85 ? 22  GLU B OE1 1 
ATOM   860  O OE2 . GLU B 1 22 ? 7.668   -3.914  -5.866  1.00 14.87 ? 22  GLU B OE2 1 
ATOM   861  N N   . GLY B 1 23 ? 10.749  0.662   -7.265  1.00 9.87  ? 23  GLY B N   1 
ATOM   862  C CA  . GLY B 1 23 ? 10.097  1.635   -8.128  1.00 11.45 ? 23  GLY B CA  1 
ATOM   863  C C   . GLY B 1 23 ? 10.959  2.017   -9.317  1.00 11.19 ? 23  GLY B C   1 
ATOM   864  O O   . GLY B 1 23 ? 10.468  2.181   -10.439 1.00 13.11 ? 23  GLY B O   1 
ATOM   865  N N   . GLU B 1 24 ? 12.253  2.185   -9.074  1.00 12.62 ? 24  GLU B N   1 
ATOM   866  C CA  . GLU B 1 24 ? 13.186  2.542   -10.138 1.00 12.91 ? 24  GLU B CA  1 
ATOM   867  C C   . GLU B 1 24 ? 13.194  1.476   -11.219 1.00 12.45 ? 24  GLU B C   1 
ATOM   868  O O   . GLU B 1 24 ? 13.104  1.775   -12.408 1.00 11.18 ? 24  GLU B O   1 
ATOM   869  C CB  . GLU B 1 24 ? 14.597  2.688   -9.567  1.00 11.64 ? 24  GLU B CB  1 
ATOM   870  C CG  . GLU B 1 24 ? 15.666  3.011   -10.593 1.00 13.08 ? 24  GLU B CG  1 
ATOM   871  C CD  . GLU B 1 24 ? 17.050  2.880   -10.006 1.00 14.76 ? 24  GLU B CD  1 
ATOM   872  O OE1 . GLU B 1 24 ? 17.410  3.715   -9.152  1.00 14.34 ? 24  GLU B OE1 1 
ATOM   873  O OE2 . GLU B 1 24 ? 17.767  1.929   -10.393 1.00 18.10 ? 24  GLU B OE2 1 
ATOM   874  N N   . THR B 1 25 ? 13.299  0.224   -10.790 1.00 10.39 ? 25  THR B N   1 
ATOM   875  C CA  . THR B 1 25 ? 13.357  -0.897  -11.712 1.00 12.74 ? 25  THR B CA  1 
ATOM   876  C C   . THR B 1 25 ? 12.052  -1.128  -12.457 1.00 12.98 ? 25  THR B C   1 
ATOM   877  O O   . THR B 1 25 ? 12.069  -1.394  -13.662 1.00 12.69 ? 25  THR B O   1 
ATOM   878  C CB  . THR B 1 25 ? 13.781  -2.176  -10.965 1.00 14.32 ? 25  THR B CB  1 
ATOM   879  O OG1 . THR B 1 25 ? 15.045  -1.942  -10.330 1.00 16.19 ? 25  THR B OG1 1 
ATOM   880  C CG2 . THR B 1 25 ? 13.903  -3.349  -11.932 1.00 16.46 ? 25  THR B CG2 1 
ATOM   881  N N   . ILE B 1 26 ? 10.926  -1.038  -11.747 1.00 13.41 ? 26  ILE B N   1 
ATOM   882  C CA  . ILE B 1 26 ? 9.619   -1.222  -12.372 1.00 12.82 ? 26  ILE B CA  1 
ATOM   883  C C   . ILE B 1 26 ? 9.412   -0.143  -13.433 1.00 13.95 ? 26  ILE B C   1 
ATOM   884  O O   . ILE B 1 26 ? 8.963   -0.425  -14.542 1.00 12.53 ? 26  ILE B O   1 
ATOM   885  C CB  . ILE B 1 26 ? 8.477   -1.145  -11.319 1.00 17.18 ? 26  ILE B CB  1 
ATOM   886  C CG1 . ILE B 1 26 ? 8.516   -2.391  -10.431 1.00 19.05 ? 26  ILE B CG1 1 
ATOM   887  C CG2 . ILE B 1 26 ? 7.119   -1.004  -12.010 1.00 18.40 ? 26  ILE B CG2 1 
ATOM   888  C CD1 . ILE B 1 26 ? 7.393   -2.455  -9.406  1.00 20.70 ? 26  ILE B CD1 1 
ATOM   889  N N   . GLN B 1 27 ? 9.753   1.095   -13.094 1.00 13.48 ? 27  GLN B N   1 
ATOM   890  C CA  . GLN B 1 27 ? 9.581   2.199   -14.027 1.00 14.57 ? 27  GLN B CA  1 
ATOM   891  C C   . GLN B 1 27 ? 10.431  1.998   -15.269 1.00 14.51 ? 27  GLN B C   1 
ATOM   892  O O   . GLN B 1 27 ? 9.962   2.182   -16.385 1.00 14.78 ? 27  GLN B O   1 
ATOM   893  C CB  . GLN B 1 27 ? 9.958   3.523   -13.355 1.00 12.81 ? 27  GLN B CB  1 
ATOM   894  C CG  . GLN B 1 27 ? 9.807   4.760   -14.240 1.00 14.42 ? 27  GLN B CG  1 
ATOM   895  C CD  . GLN B 1 27 ? 8.376   5.032   -14.646 1.00 11.18 ? 27  GLN B CD  1 
ATOM   896  O OE1 . GLN B 1 27 ? 7.438   4.721   -13.907 1.00 14.17 ? 27  GLN B OE1 1 
ATOM   897  N NE2 . GLN B 1 27 ? 8.198   5.643   -15.814 1.00 13.79 ? 27  GLN B NE2 1 
ATOM   898  N N   . ARG B 1 28 ? 11.677  1.595   -15.069 1.00 14.37 ? 28  ARG B N   1 
ATOM   899  C CA  . ARG B 1 28 ? 12.595  1.404   -16.181 1.00 14.19 ? 28  ARG B CA  1 
ATOM   900  C C   . ARG B 1 28 ? 12.301  0.268   -17.151 1.00 15.87 ? 28  ARG B C   1 
ATOM   901  O O   . ARG B 1 28 ? 12.336  0.453   -18.372 1.00 15.11 ? 28  ARG B O   1 
ATOM   902  C CB  . ARG B 1 28 ? 14.019  1.227   -15.657 1.00 14.13 ? 28  ARG B CB  1 
ATOM   903  C CG  . ARG B 1 28 ? 15.004  0.857   -16.749 1.00 14.45 ? 28  ARG B CG  1 
ATOM   904  C CD  . ARG B 1 28 ? 16.425  0.935   -16.264 1.00 16.49 ? 28  ARG B CD  1 
ATOM   905  N NE  . ARG B 1 28 ? 17.345  0.486   -17.304 1.00 18.29 ? 28  ARG B NE  1 
ATOM   906  C CZ  . ARG B 1 28 ? 18.660  0.402   -17.153 1.00 18.76 ? 28  ARG B CZ  1 
ATOM   907  N NH1 . ARG B 1 28 ? 19.225  0.741   -16.003 1.00 22.29 ? 28  ARG B NH1 1 
ATOM   908  N NH2 . ARG B 1 28 ? 19.410  -0.045  -18.154 1.00 20.72 ? 28  ARG B NH2 1 
ATOM   909  N N   . TYR B 1 29 ? 12.027  -0.910  -16.610 1.00 13.44 ? 29  TYR B N   1 
ATOM   910  C CA  . TYR B 1 29 ? 11.798  -2.088  -17.435 1.00 16.00 ? 29  TYR B CA  1 
ATOM   911  C C   . TYR B 1 29 ? 10.361  -2.473  -17.733 1.00 17.21 ? 29  TYR B C   1 
ATOM   912  O O   . TYR B 1 29 ? 10.110  -3.244  -18.662 1.00 17.68 ? 29  TYR B O   1 
ATOM   913  C CB  . TYR B 1 29 ? 12.496  -3.282  -16.790 1.00 14.47 ? 29  TYR B CB  1 
ATOM   914  C CG  . TYR B 1 29 ? 13.991  -3.137  -16.738 1.00 15.85 ? 29  TYR B CG  1 
ATOM   915  C CD1 . TYR B 1 29 ? 14.748  -3.227  -17.901 1.00 17.36 ? 29  TYR B CD1 1 
ATOM   916  C CD2 . TYR B 1 29 ? 14.650  -2.900  -15.534 1.00 16.51 ? 29  TYR B CD2 1 
ATOM   917  C CE1 . TYR B 1 29 ? 16.122  -3.089  -17.875 1.00 19.60 ? 29  TYR B CE1 1 
ATOM   918  C CE2 . TYR B 1 29 ? 16.040  -2.754  -15.497 1.00 18.73 ? 29  TYR B CE2 1 
ATOM   919  C CZ  . TYR B 1 29 ? 16.764  -2.851  -16.676 1.00 18.90 ? 29  TYR B CZ  1 
ATOM   920  O OH  . TYR B 1 29 ? 18.131  -2.702  -16.671 1.00 22.67 ? 29  TYR B OH  1 
ATOM   921  N N   . VAL B 1 30 ? 9.417   -1.950  -16.962 1.00 15.85 ? 30  VAL B N   1 
ATOM   922  C CA  . VAL B 1 30 ? 8.024   -2.318  -17.166 1.00 16.34 ? 30  VAL B CA  1 
ATOM   923  C C   . VAL B 1 30 ? 7.120   -1.154  -17.537 1.00 14.41 ? 30  VAL B C   1 
ATOM   924  O O   . VAL B 1 30 ? 6.490   -1.171  -18.592 1.00 14.74 ? 30  VAL B O   1 
ATOM   925  C CB  . VAL B 1 30 ? 7.455   -3.008  -15.903 1.00 16.48 ? 30  VAL B CB  1 
ATOM   926  C CG1 . VAL B 1 30 ? 6.000   -3.394  -16.123 1.00 16.91 ? 30  VAL B CG1 1 
ATOM   927  C CG2 . VAL B 1 30 ? 8.275   -4.251  -15.572 1.00 18.34 ? 30  VAL B CG2 1 
ATOM   928  N N   . VAL B 1 31 ? 7.061   -0.147  -16.671 1.00 15.48 ? 31  VAL B N   1 
ATOM   929  C CA  . VAL B 1 31 ? 6.194   1.004   -16.906 1.00 16.15 ? 31  VAL B CA  1 
ATOM   930  C C   . VAL B 1 31 ? 6.564   1.844   -18.119 1.00 17.37 ? 31  VAL B C   1 
ATOM   931  O O   . VAL B 1 31 ? 5.706   2.149   -18.949 1.00 18.27 ? 31  VAL B O   1 
ATOM   932  C CB  . VAL B 1 31 ? 6.162   1.936   -15.689 1.00 16.68 ? 31  VAL B CB  1 
ATOM   933  C CG1 . VAL B 1 31 ? 5.295   3.147   -15.995 1.00 18.87 ? 31  VAL B CG1 1 
ATOM   934  C CG2 . VAL B 1 31 ? 5.633   1.198   -14.491 1.00 17.65 ? 31  VAL B CG2 1 
ATOM   935  N N   . SER B 1 32 ? 7.831   2.228   -18.211 1.00 19.88 ? 32  SER B N   1 
ATOM   936  C CA  . SER B 1 32 ? 8.292   3.055   -19.322 1.00 22.59 ? 32  SER B CA  1 
ATOM   937  C C   . SER B 1 32 ? 7.970   2.415   -20.667 1.00 23.47 ? 32  SER B C   1 
ATOM   938  O O   . SER B 1 32 ? 7.708   3.117   -21.646 1.00 25.43 ? 32  SER B O   1 
ATOM   939  C CB  . SER B 1 32 ? 9.800   3.302   -19.218 1.00 22.58 ? 32  SER B CB  1 
ATOM   940  O OG  . SER B 1 32 ? 10.530  2.134   -19.534 1.00 26.86 ? 32  SER B OG  1 
ATOM   941  N N   . ARG B 1 33 ? 7.995   1.086   -20.719 1.00 22.27 ? 33  ARG B N   1 
ATOM   942  C CA  . ARG B 1 33 ? 7.699   0.380   -21.960 1.00 23.17 ? 33  ARG B CA  1 
ATOM   943  C C   . ARG B 1 33 ? 6.203   0.391   -22.256 1.00 21.05 ? 33  ARG B C   1 
ATOM   944  O O   . ARG B 1 33 ? 5.790   0.477   -23.413 1.00 21.54 ? 33  ARG B O   1 
ATOM   945  C CB  . ARG B 1 33 ? 8.168   -1.076  -21.889 1.00 25.33 ? 33  ARG B CB  1 
ATOM   946  C CG  . ARG B 1 33 ? 9.609   -1.267  -21.463 1.00 27.79 ? 33  ARG B CG  1 
ATOM   947  C CD  . ARG B 1 33 ? 10.279  -2.362  -22.282 1.00 31.46 ? 33  ARG B CD  1 
ATOM   948  N NE  . ARG B 1 33 ? 9.346   -3.408  -22.703 1.00 35.25 ? 33  ARG B NE  1 
ATOM   949  C CZ  . ARG B 1 33 ? 8.704   -4.233  -21.879 1.00 36.91 ? 33  ARG B CZ  1 
ATOM   950  N NH1 . ARG B 1 33 ? 8.883   -4.152  -20.568 1.00 37.70 ? 33  ARG B NH1 1 
ATOM   951  N NH2 . ARG B 1 33 ? 7.876   -5.146  -22.371 1.00 36.89 ? 33  ARG B NH2 1 
ATOM   952  N N   . PHE B 1 34 ? 5.398   0.295   -21.202 1.00 20.33 ? 34  PHE B N   1 
ATOM   953  C CA  . PHE B 1 34 ? 3.945   0.265   -21.333 1.00 19.22 ? 34  PHE B CA  1 
ATOM   954  C C   . PHE B 1 34 ? 3.314   1.585   -21.769 1.00 18.00 ? 34  PHE B C   1 
ATOM   955  O O   . PHE B 1 34 ? 2.439   1.600   -22.641 1.00 19.78 ? 34  PHE B O   1 
ATOM   956  C CB  . PHE B 1 34 ? 3.314   -0.170  -20.011 1.00 19.65 ? 34  PHE B CB  1 
ATOM   957  C CG  . PHE B 1 34 ? 1.814   -0.207  -20.041 1.00 21.88 ? 34  PHE B CG  1 
ATOM   958  C CD1 . PHE B 1 34 ? 1.140   -1.220  -20.716 1.00 20.54 ? 34  PHE B CD1 1 
ATOM   959  C CD2 . PHE B 1 34 ? 1.072   0.788   -19.413 1.00 22.26 ? 34  PHE B CD2 1 
ATOM   960  C CE1 . PHE B 1 34 ? -0.252  -1.241  -20.766 1.00 21.75 ? 34  PHE B CE1 1 
ATOM   961  C CE2 . PHE B 1 34 ? -0.321  0.779   -19.457 1.00 21.90 ? 34  PHE B CE2 1 
ATOM   962  C CZ  . PHE B 1 34 ? -0.984  -0.235  -20.134 1.00 23.61 ? 34  PHE B CZ  1 
ATOM   963  N N   . SER B 1 35 ? 3.739   2.685   -21.156 1.00 16.77 ? 35  SER B N   1 
ATOM   964  C CA  . SER B 1 35 ? 3.175   3.988   -21.492 1.00 16.37 ? 35  SER B CA  1 
ATOM   965  C C   . SER B 1 35 ? 4.052   5.154   -21.078 1.00 16.51 ? 35  SER B C   1 
ATOM   966  O O   . SER B 1 35 ? 4.464   5.239   -19.923 1.00 18.81 ? 35  SER B O   1 
ATOM   967  C CB  . SER B 1 35 ? 1.817   4.158   -20.819 1.00 17.98 ? 35  SER B CB  1 
ATOM   968  O OG  . SER B 1 35 ? 1.387   5.506   -20.904 1.00 17.44 ? 35  SER B OG  1 
ATOM   969  N N   . ASP B 1 36 ? 4.314   6.069   -22.008 1.00 17.47 ? 36  ASP B N   1 
ATOM   970  C CA  . ASP B 1 36 ? 5.130   7.227   -21.678 1.00 18.18 ? 36  ASP B CA  1 
ATOM   971  C C   . ASP B 1 36 ? 4.334   8.302   -20.944 1.00 17.43 ? 36  ASP B C   1 
ATOM   972  O O   . ASP B 1 36 ? 4.854   9.383   -20.673 1.00 16.86 ? 36  ASP B O   1 
ATOM   973  C CB  . ASP B 1 36 ? 5.784   7.822   -22.928 1.00 20.63 ? 36  ASP B CB  1 
ATOM   974  C CG  . ASP B 1 36 ? 4.840   7.904   -24.104 1.00 24.37 ? 36  ASP B CG  1 
ATOM   975  O OD1 . ASP B 1 36 ? 3.611   8.006   -23.894 1.00 24.61 ? 36  ASP B OD1 1 
ATOM   976  O OD2 . ASP B 1 36 ? 5.340   7.876   -25.245 1.00 29.45 ? 36  ASP B OD2 1 
ATOM   977  N N   . LYS B 1 37 ? 3.077   7.997   -20.630 1.00 16.55 ? 37  LYS B N   1 
ATOM   978  C CA  . LYS B 1 37 ? 2.215   8.914   -19.887 1.00 18.47 ? 37  LYS B CA  1 
ATOM   979  C C   . LYS B 1 37 ? 2.376   8.674   -18.384 1.00 18.32 ? 37  LYS B C   1 
ATOM   980  O O   . LYS B 1 37 ? 1.927   9.478   -17.565 1.00 16.23 ? 37  LYS B O   1 
ATOM   981  C CB  . LYS B 1 37 ? 0.752   8.717   -20.284 1.00 19.55 ? 37  LYS B CB  1 
ATOM   982  C CG  . LYS B 1 37 ? 0.328   9.472   -21.532 1.00 24.16 ? 37  LYS B CG  1 
ATOM   983  C CD  . LYS B 1 37 ? -0.814  8.748   -22.238 1.00 25.91 ? 37  LYS B CD  1 
ATOM   984  C CE  . LYS B 1 37 ? -1.922  8.338   -21.274 1.00 27.68 ? 37  LYS B CE  1 
ATOM   985  N NZ  . LYS B 1 37 ? -2.872  7.375   -21.905 1.00 24.13 ? 37  LYS B NZ  1 
ATOM   986  N N   . ILE B 1 38 ? 2.993   7.550   -18.027 1.00 18.01 ? 38  ILE B N   1 
ATOM   987  C CA  . ILE B 1 38 ? 3.245   7.230   -16.625 1.00 17.66 ? 38  ILE B CA  1 
ATOM   988  C C   . ILE B 1 38 ? 4.715   7.620   -16.460 1.00 17.54 ? 38  ILE B C   1 
ATOM   989  O O   . ILE B 1 38 ? 5.618   6.926   -16.933 1.00 16.34 ? 38  ILE B O   1 
ATOM   990  C CB  . ILE B 1 38 ? 3.025   5.730   -16.328 1.00 17.89 ? 38  ILE B CB  1 
ATOM   991  C CG1 . ILE B 1 38 ? 1.579   5.335   -16.668 1.00 17.67 ? 38  ILE B CG1 1 
ATOM   992  C CG2 . ILE B 1 38 ? 3.318   5.456   -14.855 1.00 17.98 ? 38  ILE B CG2 1 
ATOM   993  C CD1 . ILE B 1 38 ? 1.213   3.898   -16.328 1.00 18.76 ? 38  ILE B CD1 1 
ATOM   994  N N   . ILE B 1 39 ? 4.945   8.743   -15.790 1.00 16.49 ? 39  ILE B N   1 
ATOM   995  C CA  . ILE B 1 39 ? 6.289   9.286   -15.650 1.00 16.78 ? 39  ILE B CA  1 
ATOM   996  C C   . ILE B 1 39 ? 7.122   8.917   -14.430 1.00 15.28 ? 39  ILE B C   1 
ATOM   997  O O   . ILE B 1 39 ? 8.316   9.201   -14.393 1.00 17.03 ? 39  ILE B O   1 
ATOM   998  C CB  . ILE B 1 39 ? 6.234   10.820  -15.772 1.00 16.44 ? 39  ILE B CB  1 
ATOM   999  C CG1 . ILE B 1 39 ? 5.390   11.407  -14.641 1.00 19.87 ? 39  ILE B CG1 1 
ATOM   1000 C CG2 . ILE B 1 39 ? 5.611   11.199  -17.112 1.00 16.82 ? 39  ILE B CG2 1 
ATOM   1001 C CD1 . ILE B 1 39 ? 5.310   12.912  -14.645 1.00 18.59 ? 39  ILE B CD1 1 
ATOM   1002 N N   . GLU B 1 40 ? 6.513   8.279   -13.441 1.00 14.88 ? 40  GLU B N   1 
ATOM   1003 C CA  . GLU B 1 40 ? 7.255   7.886   -12.247 1.00 15.59 ? 40  GLU B CA  1 
ATOM   1004 C C   . GLU B 1 40 ? 6.531   6.789   -11.479 1.00 14.88 ? 40  GLU B C   1 
ATOM   1005 O O   . GLU B 1 40 ? 5.300   6.761   -11.448 1.00 15.06 ? 40  GLU B O   1 
ATOM   1006 C CB  . GLU B 1 40 ? 7.442   9.092   -11.322 1.00 17.19 ? 40  GLU B CB  1 
ATOM   1007 C CG  . GLU B 1 40 ? 8.356   8.827   -10.135 1.00 19.06 ? 40  GLU B CG  1 
ATOM   1008 C CD  . GLU B 1 40 ? 8.244   9.887   -9.052  1.00 23.31 ? 40  GLU B CD  1 
ATOM   1009 O OE1 . GLU B 1 40 ? 7.167   9.991   -8.427  1.00 23.68 ? 40  GLU B OE1 1 
ATOM   1010 O OE2 . GLU B 1 40 ? 9.233   10.618  -8.820  1.00 27.55 ? 40  GLU B OE2 1 
ATOM   1011 N N   . THR B 1 41 ? 7.303   5.890   -10.867 1.00 11.76 ? 41  THR B N   1 
ATOM   1012 C CA  . THR B 1 41 ? 6.763   4.802   -10.049 1.00 12.73 ? 41  THR B CA  1 
ATOM   1013 C C   . THR B 1 41 ? 7.507   4.774   -8.721  1.00 12.60 ? 41  THR B C   1 
ATOM   1014 O O   . THR B 1 41 ? 8.736   4.795   -8.697  1.00 14.00 ? 41  THR B O   1 
ATOM   1015 C CB  . THR B 1 41 ? 6.973   3.401   -10.695 1.00 11.20 ? 41  THR B CB  1 
ATOM   1016 O OG1 . THR B 1 41 ? 6.320   3.353   -11.963 1.00 13.33 ? 41  THR B OG1 1 
ATOM   1017 C CG2 . THR B 1 41 ? 6.400   2.275   -9.786  1.00 10.24 ? 41  THR B CG2 1 
ATOM   1018 N N   . ARG B 1 42 ? 6.764   4.753   -7.620  1.00 13.74 ? 42  ARG B N   1 
ATOM   1019 C CA  . ARG B 1 42 ? 7.357   4.641   -6.286  1.00 13.68 ? 42  ARG B CA  1 
ATOM   1020 C C   . ARG B 1 42 ? 6.711   3.412   -5.676  1.00 12.84 ? 42  ARG B C   1 
ATOM   1021 O O   . ARG B 1 42 ? 5.501   3.217   -5.789  1.00 14.83 ? 42  ARG B O   1 
ATOM   1022 C CB  . ARG B 1 42 ? 7.058   5.863   -5.422  1.00 14.27 ? 42  ARG B CB  1 
ATOM   1023 C CG  . ARG B 1 42 ? 7.661   7.155   -5.943  1.00 19.56 ? 42  ARG B CG  1 
ATOM   1024 C CD  . ARG B 1 42 ? 9.179   7.142   -5.895  1.00 25.64 ? 42  ARG B CD  1 
ATOM   1025 N NE  . ARG B 1 42 ? 9.759   6.071   -6.702  1.00 30.10 ? 42  ARG B NE  1 
ATOM   1026 C CZ  . ARG B 1 42 ? 11.039  6.013   -7.054  1.00 28.29 ? 42  ARG B CZ  1 
ATOM   1027 N NH1 . ARG B 1 42 ? 11.875  6.970   -6.670  1.00 32.56 ? 42  ARG B NH1 1 
ATOM   1028 N NH2 . ARG B 1 42 ? 11.483  5.007   -7.794  1.00 28.94 ? 42  ARG B NH2 1 
ATOM   1029 N N   . ALA B 1 43 ? 7.517   2.570   -5.049  1.00 11.71 ? 43  ALA B N   1 
ATOM   1030 C CA  . ALA B 1 43 ? 7.010   1.348   -4.457  1.00 13.49 ? 43  ALA B CA  1 
ATOM   1031 C C   . ALA B 1 43 ? 7.111   1.350   -2.944  1.00 13.81 ? 43  ALA B C   1 
ATOM   1032 O O   . ALA B 1 43 ? 7.980   2.013   -2.365  1.00 16.52 ? 43  ALA B O   1 
ATOM   1033 C CB  . ALA B 1 43 ? 7.762   0.156   -5.030  1.00 12.71 ? 43  ALA B CB  1 
ATOM   1034 N N   . GLY B 1 44 ? 6.212   0.603   -2.312  1.00 13.02 ? 44  GLY B N   1 
ATOM   1035 C CA  . GLY B 1 44 ? 6.210   0.513   -0.871  1.00 13.67 ? 44  GLY B CA  1 
ATOM   1036 C C   . GLY B 1 44 ? 5.443   -0.702  -0.400  1.00 13.00 ? 44  GLY B C   1 
ATOM   1037 O O   . GLY B 1 44 ? 5.017   -1.535  -1.201  1.00 12.90 ? 44  GLY B O   1 
ATOM   1038 N N   . LYS B 1 45 ? 5.278   -0.797  0.914   1.00 12.15 ? 45  LYS B N   1 
ATOM   1039 C CA  . LYS B 1 45 ? 4.563   -1.900  1.525   1.00 13.84 ? 45  LYS B CA  1 
ATOM   1040 C C   . LYS B 1 45 ? 3.217   -1.446  2.067   1.00 14.29 ? 45  LYS B C   1 
ATOM   1041 O O   . LYS B 1 45 ? 3.083   -0.349  2.614   1.00 14.39 ? 45  LYS B O   1 
ATOM   1042 C CB  . LYS B 1 45 ? 5.399   -2.496  2.652   1.00 10.71 ? 45  LYS B CB  1 
ATOM   1043 C CG  . LYS B 1 45 ? 4.741   -3.686  3.347   1.00 11.07 ? 45  LYS B CG  1 
ATOM   1044 C CD  . LYS B 1 45 ? 5.689   -4.322  4.346   1.00 11.63 ? 45  LYS B CD  1 
ATOM   1045 C CE  . LYS B 1 45 ? 6.961   -4.840  3.673   1.00 14.02 ? 45  LYS B CE  1 
ATOM   1046 N NZ  . LYS B 1 45 ? 6.669   -5.927  2.696   1.00 14.62 ? 45  LYS B NZ  1 
ATOM   1047 N N   . TYR B 1 46 ? 2.220   -2.304  1.904   1.00 12.27 ? 46  TYR B N   1 
ATOM   1048 C CA  . TYR B 1 46 ? 0.883   -2.023  2.383   1.00 12.10 ? 46  TYR B CA  1 
ATOM   1049 C C   . TYR B 1 46 ? 0.507   -3.071  3.423   1.00 13.05 ? 46  TYR B C   1 
ATOM   1050 O O   . TYR B 1 46 ? 0.559   -4.263  3.149   1.00 16.02 ? 46  TYR B O   1 
ATOM   1051 C CB  . TYR B 1 46 ? -0.117  -2.082  1.225   1.00 13.78 ? 46  TYR B CB  1 
ATOM   1052 C CG  . TYR B 1 46 ? -1.570  -1.934  1.640   1.00 14.58 ? 46  TYR B CG  1 
ATOM   1053 C CD1 . TYR B 1 46 ? -2.120  -0.677  1.887   1.00 14.50 ? 46  TYR B CD1 1 
ATOM   1054 C CD2 . TYR B 1 46 ? -2.394  -3.050  1.763   1.00 15.57 ? 46  TYR B CD2 1 
ATOM   1055 C CE1 . TYR B 1 46 ? -3.457  -0.531  2.243   1.00 17.27 ? 46  TYR B CE1 1 
ATOM   1056 C CE2 . TYR B 1 46 ? -3.738  -2.918  2.120   1.00 17.73 ? 46  TYR B CE2 1 
ATOM   1057 C CZ  . TYR B 1 46 ? -4.259  -1.656  2.354   1.00 17.31 ? 46  TYR B CZ  1 
ATOM   1058 O OH  . TYR B 1 46 ? -5.591  -1.510  2.666   1.00 18.78 ? 46  TYR B OH  1 
ATOM   1059 N N   . LEU B 1 47 ? 0.141   -2.627  4.618   1.00 13.81 ? 47  LEU B N   1 
ATOM   1060 C CA  . LEU B 1 47 ? -0.293  -3.531  5.676   1.00 11.90 ? 47  LEU B CA  1 
ATOM   1061 C C   . LEU B 1 47 ? -1.622  -2.977  6.169   1.00 13.65 ? 47  LEU B C   1 
ATOM   1062 O O   . LEU B 1 47 ? -1.763  -1.771  6.354   1.00 13.35 ? 47  LEU B O   1 
ATOM   1063 C CB  . LEU B 1 47 ? 0.720   -3.564  6.828   1.00 10.90 ? 47  LEU B CB  1 
ATOM   1064 C CG  . LEU B 1 47 ? 2.071   -4.215  6.524   1.00 13.31 ? 47  LEU B CG  1 
ATOM   1065 C CD1 . LEU B 1 47 ? 3.052   -3.953  7.666   1.00 15.52 ? 47  LEU B CD1 1 
ATOM   1066 C CD2 . LEU B 1 47 ? 1.870   -5.713  6.323   1.00 15.01 ? 47  LEU B CD2 1 
ATOM   1067 N N   . VAL B 1 48 ? -2.612  -3.846  6.333   1.00 12.56 ? 48  VAL B N   1 
ATOM   1068 C CA  . VAL B 1 48 ? -3.905  -3.404  6.832   1.00 15.08 ? 48  VAL B CA  1 
ATOM   1069 C C   . VAL B 1 48 ? -4.256  -4.251  8.047   1.00 13.94 ? 48  VAL B C   1 
ATOM   1070 O O   . VAL B 1 48 ? -4.169  -5.484  8.022   1.00 15.90 ? 48  VAL B O   1 
ATOM   1071 C CB  . VAL B 1 48 ? -5.016  -3.486  5.745   1.00 14.42 ? 48  VAL B CB  1 
ATOM   1072 C CG1 . VAL B 1 48 ? -5.247  -4.919  5.309   1.00 14.88 ? 48  VAL B CG1 1 
ATOM   1073 C CG2 . VAL B 1 48 ? -6.306  -2.865  6.280   1.00 15.98 ? 48  VAL B CG2 1 
ATOM   1074 N N   . PHE B 1 49 ? -4.646  -3.572  9.118   1.00 13.24 ? 49  PHE B N   1 
ATOM   1075 C CA  . PHE B 1 49 ? -4.961  -4.225  10.377  1.00 12.24 ? 49  PHE B CA  1 
ATOM   1076 C C   . PHE B 1 49 ? -6.406  -4.048  10.801  1.00 13.38 ? 49  PHE B C   1 
ATOM   1077 O O   . PHE B 1 49 ? -7.059  -3.078  10.436  1.00 15.23 ? 49  PHE B O   1 
ATOM   1078 C CB  . PHE B 1 49 ? -4.102  -3.626  11.496  1.00 13.16 ? 49  PHE B CB  1 
ATOM   1079 C CG  . PHE B 1 49 ? -2.631  -3.613  11.209  1.00 9.98  ? 49  PHE B CG  1 
ATOM   1080 C CD1 . PHE B 1 49 ? -1.848  -4.734  11.461  1.00 11.88 ? 49  PHE B CD1 1 
ATOM   1081 C CD2 . PHE B 1 49 ? -2.018  -2.467  10.709  1.00 14.20 ? 49  PHE B CD2 1 
ATOM   1082 C CE1 . PHE B 1 49 ? -0.467  -4.709  11.221  1.00 10.97 ? 49  PHE B CE1 1 
ATOM   1083 C CE2 . PHE B 1 49 ? -0.649  -2.438  10.467  1.00 12.00 ? 49  PHE B CE2 1 
ATOM   1084 C CZ  . PHE B 1 49 ? 0.128   -3.564  10.725  1.00 13.47 ? 49  PHE B CZ  1 
ATOM   1085 N N   . ARG B 1 50 ? -6.900  -5.001  11.581  1.00 13.28 ? 50  ARG B N   1 
ATOM   1086 C CA  . ARG B 1 50 ? -8.236  -4.893  12.149  1.00 14.48 ? 50  ARG B CA  1 
ATOM   1087 C C   . ARG B 1 50 ? -7.895  -4.639  13.613  1.00 15.10 ? 50  ARG B C   1 
ATOM   1088 O O   . ARG B 1 50 ? -7.177  -5.425  14.237  1.00 15.16 ? 50  ARG B O   1 
ATOM   1089 C CB  . ARG B 1 50 ? -9.021  -6.187  11.959  1.00 16.34 ? 50  ARG B CB  1 
ATOM   1090 C CG  . ARG B 1 50 ? -9.432  -6.408  10.505  1.00 21.04 ? 50  ARG B CG  1 
ATOM   1091 C CD  . ARG B 1 50 ? -10.326 -7.619  10.334  1.00 25.34 ? 50  ARG B CD  1 
ATOM   1092 N NE  . ARG B 1 50 ? -11.645 -7.395  10.916  1.00 28.73 ? 50  ARG B NE  1 
ATOM   1093 C CZ  . ARG B 1 50 ? -12.662 -8.243  10.812  1.00 30.01 ? 50  ARG B CZ  1 
ATOM   1094 N NH1 . ARG B 1 50 ? -12.514 -9.382  10.148  1.00 33.95 ? 50  ARG B NH1 1 
ATOM   1095 N NH2 . ARG B 1 50 ? -13.827 -7.951  11.369  1.00 31.50 ? 50  ARG B NH2 1 
ATOM   1096 N N   . VAL B 1 51 ? -8.380  -3.524  14.150  1.00 14.30 ? 51  VAL B N   1 
ATOM   1097 C CA  . VAL B 1 51 ? -8.049  -3.143  15.516  1.00 17.12 ? 51  VAL B CA  1 
ATOM   1098 C C   . VAL B 1 51 ? -9.223  -2.835  16.438  1.00 18.34 ? 51  VAL B C   1 
ATOM   1099 O O   . VAL B 1 51 ? -10.100 -2.038  16.097  1.00 18.50 ? 51  VAL B O   1 
ATOM   1100 C CB  . VAL B 1 51 ? -7.130  -1.894  15.501  1.00 17.19 ? 51  VAL B CB  1 
ATOM   1101 C CG1 . VAL B 1 51 ? -6.585  -1.619  16.890  1.00 18.52 ? 51  VAL B CG1 1 
ATOM   1102 C CG2 . VAL B 1 51 ? -5.996  -2.096  14.514  1.00 16.42 ? 51  VAL B CG2 1 
ATOM   1103 N N   . ASN B 1 52 ? -9.231  -3.476  17.604  1.00 18.80 ? 52  ASN B N   1 
ATOM   1104 C CA  . ASN B 1 52 ? -10.256 -3.219  18.610  1.00 20.41 ? 52  ASN B CA  1 
ATOM   1105 C C   . ASN B 1 52 ? -9.746  -1.993  19.356  1.00 22.47 ? 52  ASN B C   1 
ATOM   1106 O O   . ASN B 1 52 ? -8.604  -1.969  19.823  1.00 22.74 ? 52  ASN B O   1 
ATOM   1107 C CB  . ASN B 1 52 ? -10.389 -4.397  19.581  1.00 20.59 ? 52  ASN B CB  1 
ATOM   1108 C CG  . ASN B 1 52 ? -11.186 -5.549  18.998  1.00 23.71 ? 52  ASN B CG  1 
ATOM   1109 O OD1 . ASN B 1 52 ? -12.281 -5.357  18.466  1.00 26.94 ? 52  ASN B OD1 1 
ATOM   1110 N ND2 . ASN B 1 52 ? -10.649 -6.755  19.112  1.00 25.68 ? 52  ASN B ND2 1 
ATOM   1111 N N   . SER B 1 53 ? -10.579 -0.965  19.460  1.00 22.37 ? 53  SER B N   1 
ATOM   1112 C CA  . SER B 1 53 ? -10.151 0.248   20.131  1.00 23.78 ? 53  SER B CA  1 
ATOM   1113 C C   . SER B 1 53 ? -11.331 1.015   20.709  1.00 24.11 ? 53  SER B C   1 
ATOM   1114 O O   . SER B 1 53 ? -12.487 0.673   20.463  1.00 24.57 ? 53  SER B O   1 
ATOM   1115 C CB  . SER B 1 53 ? -9.390  1.127   19.137  1.00 22.77 ? 53  SER B CB  1 
ATOM   1116 O OG  . SER B 1 53 ? -8.727  2.197   19.781  1.00 30.40 ? 53  SER B OG  1 
ATOM   1117 N N   . SER B 1 54 ? -11.026 2.057   21.475  1.00 23.98 ? 54  SER B N   1 
ATOM   1118 C CA  . SER B 1 54 ? -12.055 2.881   22.093  1.00 24.71 ? 54  SER B CA  1 
ATOM   1119 C C   . SER B 1 54 ? -12.299 4.136   21.264  1.00 24.52 ? 54  SER B C   1 
ATOM   1120 O O   . SER B 1 54 ? -13.295 4.834   21.456  1.00 24.33 ? 54  SER B O   1 
ATOM   1121 C CB  . SER B 1 54 ? -11.630 3.264   23.512  1.00 25.89 ? 54  SER B CB  1 
ATOM   1122 O OG  . SER B 1 54 ? -11.319 2.108   24.274  1.00 27.32 ? 54  SER B OG  1 
ATOM   1123 N N   . SER B 1 55 ? -11.382 4.420   20.344  1.00 21.75 ? 55  SER B N   1 
ATOM   1124 C CA  . SER B 1 55 ? -11.497 5.587   19.473  1.00 21.63 ? 55  SER B CA  1 
ATOM   1125 C C   . SER B 1 55 ? -10.595 5.444   18.256  1.00 20.43 ? 55  SER B C   1 
ATOM   1126 O O   . SER B 1 55 ? -9.718  4.580   18.211  1.00 21.30 ? 55  SER B O   1 
ATOM   1127 C CB  . SER B 1 55 ? -11.103 6.865   20.219  1.00 21.31 ? 55  SER B CB  1 
ATOM   1128 O OG  . SER B 1 55 ? -9.713  6.885   20.489  1.00 23.41 ? 55  SER B OG  1 
ATOM   1129 N N   . GLN B 1 56 ? -10.816 6.302   17.269  1.00 19.89 ? 56  GLN B N   1 
ATOM   1130 C CA  . GLN B 1 56 ? -10.014 6.282   16.054  1.00 20.28 ? 56  GLN B CA  1 
ATOM   1131 C C   . GLN B 1 56 ? -8.585  6.658   16.419  1.00 21.14 ? 56  GLN B C   1 
ATOM   1132 O O   . GLN B 1 56 ? -7.629  6.120   15.864  1.00 19.36 ? 56  GLN B O   1 
ATOM   1133 C CB  . GLN B 1 56 ? -10.586 7.269   15.039  1.00 21.24 ? 56  GLN B CB  1 
ATOM   1134 C CG  . GLN B 1 56 ? -9.872  7.286   13.698  1.00 22.16 ? 56  GLN B CG  1 
ATOM   1135 C CD  . GLN B 1 56 ? -10.652 8.062   12.649  1.00 26.86 ? 56  GLN B CD  1 
ATOM   1136 O OE1 . GLN B 1 56 ? -11.709 8.631   12.939  1.00 29.25 ? 56  GLN B OE1 1 
ATOM   1137 N NE2 . GLN B 1 56 ? -10.138 8.087   11.425  1.00 25.66 ? 56  GLN B NE2 1 
ATOM   1138 N N   . GLN B 1 57 ? -8.452  7.578   17.371  1.00 21.71 ? 57  GLN B N   1 
ATOM   1139 C CA  . GLN B 1 57 ? -7.140  8.023   17.825  1.00 23.49 ? 57  GLN B CA  1 
ATOM   1140 C C   . GLN B 1 57 ? -6.367  6.880   18.464  1.00 22.36 ? 57  GLN B C   1 
ATOM   1141 O O   . GLN B 1 57 ? -5.190  6.675   18.170  1.00 23.98 ? 57  GLN B O   1 
ATOM   1142 C CB  . GLN B 1 57 ? -7.277  9.158   18.843  1.00 23.81 ? 57  GLN B CB  1 
ATOM   1143 C CG  . GLN B 1 57 ? -5.936  9.698   19.327  1.00 29.04 ? 57  GLN B CG  1 
ATOM   1144 C CD  . GLN B 1 57 ? -6.066  10.762  20.404  1.00 30.68 ? 57  GLN B CD  1 
ATOM   1145 O OE1 . GLN B 1 57 ? -5.070  11.357  20.824  1.00 30.97 ? 57  GLN B OE1 1 
ATOM   1146 N NE2 . GLN B 1 57 ? -7.291  11.004  20.861  1.00 29.87 ? 57  GLN B NE2 1 
ATOM   1147 N N   . GLU B 1 58 ? -7.027  6.136   19.345  1.00 23.56 ? 58  GLU B N   1 
ATOM   1148 C CA  . GLU B 1 58 ? -6.374  5.029   20.019  1.00 22.55 ? 58  GLU B CA  1 
ATOM   1149 C C   . GLU B 1 58 ? -5.894  3.982   19.013  1.00 22.12 ? 58  GLU B C   1 
ATOM   1150 O O   . GLU B 1 58 ? -4.792  3.449   19.146  1.00 20.74 ? 58  GLU B O   1 
ATOM   1151 C CB  . GLU B 1 58 ? -7.328  4.397   21.036  1.00 26.56 ? 58  GLU B CB  1 
ATOM   1152 C CG  . GLU B 1 58 ? -6.703  3.286   21.867  1.00 30.34 ? 58  GLU B CG  1 
ATOM   1153 C CD  . GLU B 1 58 ? -7.665  2.698   22.881  1.00 33.81 ? 58  GLU B CD  1 
ATOM   1154 O OE1 . GLU B 1 58 ? -8.051  3.417   23.828  1.00 36.40 ? 58  GLU B OE1 1 
ATOM   1155 O OE2 . GLU B 1 58 ? -8.039  1.516   22.729  1.00 34.13 ? 58  GLU B OE2 1 
ATOM   1156 N N   . ALA B 1 59 ? -6.710  3.711   17.997  1.00 19.92 ? 59  ALA B N   1 
ATOM   1157 C CA  . ALA B 1 59 ? -6.366  2.718   16.978  1.00 18.80 ? 59  ALA B CA  1 
ATOM   1158 C C   . ALA B 1 59 ? -5.155  3.140   16.154  1.00 19.41 ? 59  ALA B C   1 
ATOM   1159 O O   . ALA B 1 59 ? -4.217  2.360   15.962  1.00 18.65 ? 59  ALA B O   1 
ATOM   1160 C CB  . ALA B 1 59 ? -7.565  2.475   16.053  1.00 17.09 ? 59  ALA B CB  1 
ATOM   1161 N N   . THR B 1 60 ? -5.191  4.375   15.667  1.00 18.30 ? 60  THR B N   1 
ATOM   1162 C CA  . THR B 1 60 ? -4.119  4.932   14.849  1.00 19.98 ? 60  THR B CA  1 
ATOM   1163 C C   . THR B 1 60 ? -2.795  5.036   15.608  1.00 20.40 ? 60  THR B C   1 
ATOM   1164 O O   . THR B 1 60 ? -1.745  4.650   15.091  1.00 18.57 ? 60  THR B O   1 
ATOM   1165 C CB  . THR B 1 60 ? -4.505  6.335   14.318  1.00 23.50 ? 60  THR B CB  1 
ATOM   1166 O OG1 . THR B 1 60 ? -5.581  6.213   13.376  1.00 25.29 ? 60  THR B OG1 1 
ATOM   1167 C CG2 . THR B 1 60 ? -3.317  6.996   13.641  1.00 23.53 ? 60  THR B CG2 1 
ATOM   1168 N N   . GLU B 1 61 ? -2.839  5.559   16.831  1.00 20.19 ? 61  GLU B N   1 
ATOM   1169 C CA  . GLU B 1 61 ? -1.620  5.698   17.619  1.00 20.14 ? 61  GLU B CA  1 
ATOM   1170 C C   . GLU B 1 61 ? -1.043  4.328   17.941  1.00 19.49 ? 61  GLU B C   1 
ATOM   1171 O O   . GLU B 1 61 ? 0.178   4.157   18.016  1.00 20.72 ? 61  GLU B O   1 
ATOM   1172 C CB  . GLU B 1 61 ? -1.895  6.467   18.916  1.00 21.85 ? 61  GLU B CB  1 
ATOM   1173 C CG  . GLU B 1 61 ? -2.468  7.857   18.701  1.00 25.25 ? 61  GLU B CG  1 
ATOM   1174 C CD  . GLU B 1 61 ? -2.516  8.679   19.977  1.00 27.97 ? 61  GLU B CD  1 
ATOM   1175 O OE1 . GLU B 1 61 ? -2.886  8.125   21.034  1.00 29.58 ? 61  GLU B OE1 1 
ATOM   1176 O OE2 . GLU B 1 61 ? -2.193  9.886   19.914  1.00 29.42 ? 61  GLU B OE2 1 
ATOM   1177 N N   . LEU B 1 62 ? -1.923  3.354   18.136  1.00 17.64 ? 62  LEU B N   1 
ATOM   1178 C CA  . LEU B 1 62 ? -1.486  2.003   18.446  1.00 14.35 ? 62  LEU B CA  1 
ATOM   1179 C C   . LEU B 1 62 ? -0.683  1.425   17.292  1.00 14.87 ? 62  LEU B C   1 
ATOM   1180 O O   . LEU B 1 62 ? 0.353   0.800   17.504  1.00 15.32 ? 62  LEU B O   1 
ATOM   1181 C CB  . LEU B 1 62 ? -2.687  1.099   18.737  1.00 17.17 ? 62  LEU B CB  1 
ATOM   1182 C CG  . LEU B 1 62 ? -2.337  -0.335  19.136  1.00 17.63 ? 62  LEU B CG  1 
ATOM   1183 C CD1 . LEU B 1 62 ? -1.470  -0.312  20.389  1.00 17.17 ? 62  LEU B CD1 1 
ATOM   1184 C CD2 . LEU B 1 62 ? -3.609  -1.139  19.372  1.00 18.14 ? 62  LEU B CD2 1 
ATOM   1185 N N   . VAL B 1 63 ? -1.166  1.628   16.069  1.00 15.70 ? 63  VAL B N   1 
ATOM   1186 C CA  . VAL B 1 63 ? -0.469  1.110   14.902  1.00 16.94 ? 63  VAL B CA  1 
ATOM   1187 C C   . VAL B 1 63 ? 0.856   1.829   14.693  1.00 18.09 ? 63  VAL B C   1 
ATOM   1188 O O   . VAL B 1 63 ? 1.843   1.204   14.319  1.00 17.62 ? 63  VAL B O   1 
ATOM   1189 C CB  . VAL B 1 63 ? -1.356  1.205   13.632  1.00 17.10 ? 63  VAL B CB  1 
ATOM   1190 C CG1 . VAL B 1 63 ? -0.535  0.924   12.377  1.00 15.94 ? 63  VAL B CG1 1 
ATOM   1191 C CG2 . VAL B 1 63 ? -2.490  0.197   13.740  1.00 17.61 ? 63  VAL B CG2 1 
ATOM   1192 N N   . LYS B 1 64 ? 0.895   3.136   14.939  1.00 17.91 ? 64  LYS B N   1 
ATOM   1193 C CA  . LYS B 1 64 ? 2.149   3.857   14.773  1.00 19.67 ? 64  LYS B CA  1 
ATOM   1194 C C   . LYS B 1 64 ? 3.167   3.326   15.780  1.00 18.51 ? 64  LYS B C   1 
ATOM   1195 O O   . LYS B 1 64 ? 4.348   3.175   15.463  1.00 18.39 ? 64  LYS B O   1 
ATOM   1196 C CB  . LYS B 1 64 ? 1.965   5.364   14.978  1.00 21.58 ? 64  LYS B CB  1 
ATOM   1197 C CG  . LYS B 1 64 ? 3.233   6.143   14.649  1.00 24.16 ? 64  LYS B CG  1 
ATOM   1198 C CD  . LYS B 1 64 ? 3.060   7.644   14.792  1.00 26.84 ? 64  LYS B CD  1 
ATOM   1199 C CE  . LYS B 1 64 ? 4.350   8.361   14.414  1.00 28.05 ? 64  LYS B CE  1 
ATOM   1200 N NZ  . LYS B 1 64 ? 5.503   7.881   15.235  1.00 30.24 ? 64  LYS B NZ  1 
ATOM   1201 N N   . LYS B 1 65 ? 2.702   3.045   16.996  1.00 17.88 ? 65  LYS B N   1 
ATOM   1202 C CA  . LYS B 1 65 ? 3.573   2.515   18.040  1.00 19.35 ? 65  LYS B CA  1 
ATOM   1203 C C   . LYS B 1 65 ? 4.095   1.149   17.602  1.00 18.84 ? 65  LYS B C   1 
ATOM   1204 O O   . LYS B 1 65 ? 5.260   0.822   17.814  1.00 17.97 ? 65  LYS B O   1 
ATOM   1205 C CB  . LYS B 1 65 ? 2.811   2.393   19.361  1.00 23.60 ? 65  LYS B CB  1 
ATOM   1206 C CG  . LYS B 1 65 ? 3.681   2.004   20.548  1.00 26.32 ? 65  LYS B CG  1 
ATOM   1207 C CD  . LYS B 1 65 ? 2.908   2.116   21.851  1.00 29.63 ? 65  LYS B CD  1 
ATOM   1208 C CE  . LYS B 1 65 ? 3.804   1.866   23.048  1.00 31.58 ? 65  LYS B CE  1 
ATOM   1209 N NZ  . LYS B 1 65 ? 3.074   2.019   24.335  1.00 34.23 ? 65  LYS B NZ  1 
ATOM   1210 N N   . LEU B 1 66 ? 3.224   0.352   16.990  1.00 17.56 ? 66  LEU B N   1 
ATOM   1211 C CA  . LEU B 1 66 ? 3.621   -0.966  16.496  1.00 16.73 ? 66  LEU B CA  1 
ATOM   1212 C C   . LEU B 1 66 ? 4.742   -0.764  15.478  1.00 16.44 ? 66  LEU B C   1 
ATOM   1213 O O   . LEU B 1 66 ? 5.814   -1.357  15.580  1.00 16.68 ? 66  LEU B O   1 
ATOM   1214 C CB  . LEU B 1 66 ? 2.442   -1.649  15.805  1.00 15.25 ? 66  LEU B CB  1 
ATOM   1215 C CG  . LEU B 1 66 ? 2.759   -2.901  14.984  1.00 16.11 ? 66  LEU B CG  1 
ATOM   1216 C CD1 . LEU B 1 66 ? 3.120   -4.064  15.898  1.00 17.28 ? 66  LEU B CD1 1 
ATOM   1217 C CD2 . LEU B 1 66 ? 1.544   -3.253  14.139  1.00 17.85 ? 66  LEU B CD2 1 
ATOM   1218 N N   . ALA B 1 67 ? 4.482   0.088   14.494  1.00 17.44 ? 67  ALA B N   1 
ATOM   1219 C CA  . ALA B 1 67 ? 5.461   0.361   13.453  1.00 16.44 ? 67  ALA B CA  1 
ATOM   1220 C C   . ALA B 1 67 ? 6.799   0.815   14.029  1.00 18.79 ? 67  ALA B C   1 
ATOM   1221 O O   . ALA B 1 67 ? 7.858   0.431   13.527  1.00 16.21 ? 67  ALA B O   1 
ATOM   1222 C CB  . ALA B 1 67 ? 4.918   1.419   12.505  1.00 16.78 ? 67  ALA B CB  1 
ATOM   1223 N N   . ASP B 1 68 ? 6.750   1.638   15.073  1.00 17.96 ? 68  ASP B N   1 
ATOM   1224 C CA  . ASP B 1 68 ? 7.974   2.136   15.692  1.00 19.99 ? 68  ASP B CA  1 
ATOM   1225 C C   . ASP B 1 68 ? 8.693   1.063   16.490  1.00 19.18 ? 68  ASP B C   1 
ATOM   1226 O O   . ASP B 1 68 ? 9.802   0.643   16.147  1.00 21.24 ? 68  ASP B O   1 
ATOM   1227 C CB  . ASP B 1 68 ? 7.676   3.311   16.630  1.00 21.74 ? 68  ASP B CB  1 
ATOM   1228 C CG  . ASP B 1 68 ? 7.251   4.558   15.891  1.00 22.64 ? 68  ASP B CG  1 
ATOM   1229 O OD1 . ASP B 1 68 ? 7.545   4.667   14.680  1.00 25.11 ? 68  ASP B OD1 1 
ATOM   1230 O OD2 . ASP B 1 68 ? 6.636   5.440   16.528  1.00 25.81 ? 68  ASP B OD2 1 
ATOM   1231 N N   . GLU B 1 69 ? 8.052   0.618   17.559  1.00 19.95 ? 69  GLU B N   1 
ATOM   1232 C CA  . GLU B 1 69 ? 8.643   -0.380  18.431  1.00 19.17 ? 69  GLU B CA  1 
ATOM   1233 C C   . GLU B 1 69 ? 9.027   -1.707  17.800  1.00 20.70 ? 69  GLU B C   1 
ATOM   1234 O O   . GLU B 1 69 ? 10.077  -2.261  18.125  1.00 20.45 ? 69  GLU B O   1 
ATOM   1235 C CB  . GLU B 1 69 ? 7.727   -0.621  19.626  1.00 22.43 ? 69  GLU B CB  1 
ATOM   1236 C CG  . GLU B 1 69 ? 7.858   0.458   20.684  1.00 27.15 ? 69  GLU B CG  1 
ATOM   1237 C CD  . GLU B 1 69 ? 6.919   0.257   21.848  1.00 29.07 ? 69  GLU B CD  1 
ATOM   1238 O OE1 . GLU B 1 69 ? 6.744   -0.902  22.285  1.00 30.10 ? 69  GLU B OE1 1 
ATOM   1239 O OE2 . GLU B 1 69 ? 6.367   1.264   22.335  1.00 31.93 ? 69  GLU B OE2 1 
ATOM   1240 N N   . MET B 1 70 ? 8.201   -2.220  16.896  1.00 18.96 ? 70  MET B N   1 
ATOM   1241 C CA  . MET B 1 70 ? 8.507   -3.502  16.273  1.00 19.59 ? 70  MET B CA  1 
ATOM   1242 C C   . MET B 1 70 ? 9.323   -3.392  14.984  1.00 18.96 ? 70  MET B C   1 
ATOM   1243 O O   . MET B 1 70 ? 9.503   -4.378  14.263  1.00 19.09 ? 70  MET B O   1 
ATOM   1244 C CB  . MET B 1 70 ? 7.210   -4.283  16.027  1.00 18.79 ? 70  MET B CB  1 
ATOM   1245 C CG  . MET B 1 70 ? 6.376   -4.520  17.287  1.00 22.85 ? 70  MET B CG  1 
ATOM   1246 S SD  . MET B 1 70 ? 7.329   -5.180  18.691  1.00 25.02 ? 70  MET B SD  1 
ATOM   1247 C CE  . MET B 1 70 ? 7.853   -6.756  18.040  1.00 21.55 ? 70  MET B CE  1 
ATOM   1248 N N   . ARG B 1 71 ? 9.809   -2.185  14.704  1.00 20.21 ? 71  ARG B N   1 
ATOM   1249 C CA  . ARG B 1 71 ? 10.652  -1.898  13.540  1.00 20.46 ? 71  ARG B CA  1 
ATOM   1250 C C   . ARG B 1 71 ? 10.101  -2.325  12.181  1.00 19.98 ? 71  ARG B C   1 
ATOM   1251 O O   . ARG B 1 71 ? 10.790  -2.986  11.399  1.00 19.54 ? 71  ARG B O   1 
ATOM   1252 C CB  . ARG B 1 71 ? 12.033  -2.522  13.759  1.00 23.86 ? 71  ARG B CB  1 
ATOM   1253 C CG  . ARG B 1 71 ? 12.607  -2.208  15.131  1.00 27.30 ? 71  ARG B CG  1 
ATOM   1254 C CD  . ARG B 1 71 ? 13.855  -3.024  15.444  1.00 32.25 ? 71  ARG B CD  1 
ATOM   1255 N NE  . ARG B 1 71 ? 15.012  -2.604  14.659  1.00 37.14 ? 71  ARG B NE  1 
ATOM   1256 C CZ  . ARG B 1 71 ? 16.227  -3.127  14.788  1.00 39.64 ? 71  ARG B CZ  1 
ATOM   1257 N NH1 . ARG B 1 71 ? 16.445  -4.093  15.673  1.00 39.67 ? 71  ARG B NH1 1 
ATOM   1258 N NH2 . ARG B 1 71 ? 17.227  -2.685  14.034  1.00 40.54 ? 71  ARG B NH2 1 
ATOM   1259 N N   . LEU B 1 72 ? 8.861   -1.941  11.897  1.00 19.26 ? 72  LEU B N   1 
ATOM   1260 C CA  . LEU B 1 72 ? 8.243   -2.279  10.622  1.00 18.37 ? 72  LEU B CA  1 
ATOM   1261 C C   . LEU B 1 72 ? 8.803   -1.366  9.547   1.00 17.90 ? 72  LEU B C   1 
ATOM   1262 O O   . LEU B 1 72 ? 8.557   -1.573  8.363   1.00 16.98 ? 72  LEU B O   1 
ATOM   1263 C CB  . LEU B 1 72 ? 6.727   -2.101  10.684  1.00 19.09 ? 72  LEU B CB  1 
ATOM   1264 C CG  . LEU B 1 72 ? 5.945   -2.981  11.656  1.00 20.36 ? 72  LEU B CG  1 
ATOM   1265 C CD1 . LEU B 1 72 ? 4.466   -2.662  11.511  1.00 18.71 ? 72  LEU B CD1 1 
ATOM   1266 C CD2 . LEU B 1 72 ? 6.204   -4.450  11.373  1.00 22.40 ? 72  LEU B CD2 1 
ATOM   1267 N N   . TYR B 1 73 ? 9.543   -0.344  9.977   1.00 17.96 ? 73  TYR B N   1 
ATOM   1268 C CA  . TYR B 1 73 ? 10.158  0.616   9.071   1.00 19.30 ? 73  TYR B CA  1 
ATOM   1269 C C   . TYR B 1 73 ? 11.329  1.283   9.787   1.00 19.37 ? 73  TYR B C   1 
ATOM   1270 O O   . TYR B 1 73 ? 11.447  1.193   11.010  1.00 19.86 ? 73  TYR B O   1 
ATOM   1271 C CB  . TYR B 1 73 ? 9.139   1.681   8.637   1.00 19.43 ? 73  TYR B CB  1 
ATOM   1272 C CG  . TYR B 1 73 ? 8.832   2.751   9.672   1.00 18.88 ? 73  TYR B CG  1 
ATOM   1273 C CD1 . TYR B 1 73 ? 9.171   4.088   9.442   1.00 20.25 ? 73  TYR B CD1 1 
ATOM   1274 C CD2 . TYR B 1 73 ? 8.182   2.435   10.868  1.00 20.60 ? 73  TYR B CD2 1 
ATOM   1275 C CE1 . TYR B 1 73 ? 8.868   5.079   10.376  1.00 19.95 ? 73  TYR B CE1 1 
ATOM   1276 C CE2 . TYR B 1 73 ? 7.876   3.425   11.809  1.00 20.42 ? 73  TYR B CE2 1 
ATOM   1277 C CZ  . TYR B 1 73 ? 8.221   4.741   11.552  1.00 20.15 ? 73  TYR B CZ  1 
ATOM   1278 O OH  . TYR B 1 73 ? 7.915   5.723   12.468  1.00 21.51 ? 73  TYR B OH  1 
ATOM   1279 N N   . ASN B 1 74 ? 12.194  1.939   9.020   1.00 20.56 ? 74  ASN B N   1 
ATOM   1280 C CA  . ASN B 1 74 ? 13.349  2.636   9.574   1.00 23.15 ? 74  ASN B CA  1 
ATOM   1281 C C   . ASN B 1 74 ? 13.093  4.122   9.373   1.00 23.61 ? 74  ASN B C   1 
ATOM   1282 O O   . ASN B 1 74 ? 13.144  4.614   8.250   1.00 22.26 ? 74  ASN B O   1 
ATOM   1283 C CB  . ASN B 1 74 ? 14.624  2.236   8.834   1.00 25.30 ? 74  ASN B CB  1 
ATOM   1284 C CG  . ASN B 1 74 ? 15.860  2.926   9.389   1.00 26.03 ? 74  ASN B CG  1 
ATOM   1285 O OD1 . ASN B 1 74 ? 15.767  3.951   10.068  1.00 27.18 ? 74  ASN B OD1 1 
ATOM   1286 N ND2 . ASN B 1 74 ? 17.027  2.370   9.091   1.00 27.91 ? 74  ASN B ND2 1 
ATOM   1287 N N   . PRO B 1 75 ? 12.819  4.852   10.464  1.00 24.57 ? 75  PRO B N   1 
ATOM   1288 C CA  . PRO B 1 75 ? 12.536  6.291   10.473  1.00 25.39 ? 75  PRO B CA  1 
ATOM   1289 C C   . PRO B 1 75 ? 13.511  7.185   9.709   1.00 26.11 ? 75  PRO B C   1 
ATOM   1290 O O   . PRO B 1 75 ? 13.152  8.286   9.295   1.00 25.04 ? 75  PRO B O   1 
ATOM   1291 C CB  . PRO B 1 75 ? 12.507  6.623   11.962  1.00 26.55 ? 75  PRO B CB  1 
ATOM   1292 C CG  . PRO B 1 75 ? 12.004  5.357   12.573  1.00 26.98 ? 75  PRO B CG  1 
ATOM   1293 C CD  . PRO B 1 75 ? 12.802  4.316   11.838  1.00 25.31 ? 75  PRO B CD  1 
ATOM   1294 N N   . ILE B 1 76 ? 14.740  6.721   9.516   1.00 26.87 ? 76  ILE B N   1 
ATOM   1295 C CA  . ILE B 1 76 ? 15.735  7.526   8.815   1.00 27.89 ? 76  ILE B CA  1 
ATOM   1296 C C   . ILE B 1 76 ? 15.673  7.391   7.295   1.00 27.60 ? 76  ILE B C   1 
ATOM   1297 O O   . ILE B 1 76 ? 16.135  8.278   6.570   1.00 28.47 ? 76  ILE B O   1 
ATOM   1298 C CB  . ILE B 1 76 ? 17.166  7.181   9.298   1.00 28.85 ? 76  ILE B CB  1 
ATOM   1299 C CG1 . ILE B 1 76 ? 17.273  7.436   10.804  1.00 29.53 ? 76  ILE B CG1 1 
ATOM   1300 C CG2 . ILE B 1 76 ? 18.198  8.032   8.552   1.00 28.60 ? 76  ILE B CG2 1 
ATOM   1301 C CD1 . ILE B 1 76 ? 18.612  7.067   11.401  1.00 30.98 ? 76  ILE B CD1 1 
ATOM   1302 N N   . VAL B 1 77 ? 15.097  6.295   6.810   1.00 24.72 ? 77  VAL B N   1 
ATOM   1303 C CA  . VAL B 1 77 ? 15.005  6.069   5.370   1.00 24.14 ? 77  VAL B CA  1 
ATOM   1304 C C   . VAL B 1 77 ? 13.578  5.934   4.852   1.00 22.65 ? 77  VAL B C   1 
ATOM   1305 O O   . VAL B 1 77 ? 13.326  6.159   3.672   1.00 20.89 ? 77  VAL B O   1 
ATOM   1306 C CB  . VAL B 1 77 ? 15.775  4.798   4.948   1.00 24.96 ? 77  VAL B CB  1 
ATOM   1307 C CG1 . VAL B 1 77 ? 17.253  4.944   5.285   1.00 27.98 ? 77  VAL B CG1 1 
ATOM   1308 C CG2 . VAL B 1 77 ? 15.182  3.582   5.644   1.00 25.33 ? 77  VAL B CG2 1 
ATOM   1309 N N   . HIS B 1 78 ? 12.647  5.561   5.725   1.00 20.80 ? 78  HIS B N   1 
ATOM   1310 C CA  . HIS B 1 78 ? 11.258  5.394   5.310   1.00 19.51 ? 78  HIS B CA  1 
ATOM   1311 C C   . HIS B 1 78 ? 10.319  6.390   5.963   1.00 20.14 ? 78  HIS B C   1 
ATOM   1312 O O   . HIS B 1 78 ? 10.609  6.941   7.024   1.00 19.17 ? 78  HIS B O   1 
ATOM   1313 C CB  . HIS B 1 78 ? 10.737  4.003   5.681   1.00 20.71 ? 78  HIS B CB  1 
ATOM   1314 C CG  . HIS B 1 78 ? 11.613  2.876   5.243   1.00 22.40 ? 78  HIS B CG  1 
ATOM   1315 N ND1 . HIS B 1 78 ? 11.832  2.570   3.916   1.00 24.08 ? 78  HIS B ND1 1 
ATOM   1316 C CD2 . HIS B 1 78 ? 12.301  1.955   5.959   1.00 19.95 ? 78  HIS B CD2 1 
ATOM   1317 C CE1 . HIS B 1 78 ? 12.616  1.511   3.835   1.00 22.04 ? 78  HIS B CE1 1 
ATOM   1318 N NE2 . HIS B 1 78 ? 12.915  1.118   5.061   1.00 25.05 ? 78  HIS B NE2 1 
ATOM   1319 N N   . LYS B 1 79 ? 9.179   6.601   5.319   1.00 17.63 ? 79  LYS B N   1 
ATOM   1320 C CA  . LYS B 1 79 ? 8.146   7.462   5.862   1.00 19.78 ? 79  LYS B CA  1 
ATOM   1321 C C   . LYS B 1 79 ? 6.885   6.602   5.875   1.00 19.96 ? 79  LYS B C   1 
ATOM   1322 O O   . LYS B 1 79 ? 6.771   5.648   5.101   1.00 19.33 ? 79  LYS B O   1 
ATOM   1323 C CB  . LYS B 1 79 ? 7.958   8.723   5.012   1.00 20.96 ? 79  LYS B CB  1 
ATOM   1324 C CG  . LYS B 1 79 ? 7.755   8.510   3.531   1.00 20.92 ? 79  LYS B CG  1 
ATOM   1325 C CD  . LYS B 1 79 ? 7.669   9.865   2.831   1.00 22.42 ? 79  LYS B CD  1 
ATOM   1326 C CE  . LYS B 1 79 ? 7.596   9.723   1.322   1.00 23.99 ? 79  LYS B CE  1 
ATOM   1327 N NZ  . LYS B 1 79 ? 6.444   8.871   0.907   1.00 26.48 ? 79  LYS B NZ  1 
ATOM   1328 N N   . ILE B 1 80 ? 5.958   6.902   6.775   1.00 19.52 ? 80  ILE B N   1 
ATOM   1329 C CA  . ILE B 1 80 ? 4.731   6.118   6.851   1.00 20.04 ? 80  ILE B CA  1 
ATOM   1330 C C   . ILE B 1 80 ? 3.483   6.977   6.793   1.00 21.27 ? 80  ILE B C   1 
ATOM   1331 O O   . ILE B 1 80 ? 3.525   8.180   7.057   1.00 21.46 ? 80  ILE B O   1 
ATOM   1332 C CB  . ILE B 1 80 ? 4.652   5.264   8.152   1.00 20.09 ? 80  ILE B CB  1 
ATOM   1333 C CG1 . ILE B 1 80 ? 4.687   6.165   9.390   1.00 19.95 ? 80  ILE B CG1 1 
ATOM   1334 C CG2 . ILE B 1 80 ? 5.775   4.245   8.177   1.00 19.78 ? 80  ILE B CG2 1 
ATOM   1335 C CD1 . ILE B 1 80 ? 4.451   5.420   10.690  1.00 19.82 ? 80  ILE B CD1 1 
ATOM   1336 N N   . GLU B 1 81 ? 2.375   6.340   6.425   1.00 21.26 ? 81  GLU B N   1 
ATOM   1337 C CA  . GLU B 1 81 ? 1.075   6.992   6.351   1.00 21.81 ? 81  GLU B CA  1 
ATOM   1338 C C   . GLU B 1 81 ? 0.063   6.038   6.972   1.00 21.13 ? 81  GLU B C   1 
ATOM   1339 O O   . GLU B 1 81 ? 0.025   4.852   6.639   1.00 20.75 ? 81  GLU B O   1 
ATOM   1340 C CB  . GLU B 1 81 ? 0.671   7.274   4.904   1.00 22.76 ? 81  GLU B CB  1 
ATOM   1341 C CG  . GLU B 1 81 ? -0.486  8.257   4.783   1.00 26.05 ? 81  GLU B CG  1 
ATOM   1342 C CD  . GLU B 1 81 ? -1.074  8.311   3.389   1.00 27.97 ? 81  GLU B CD  1 
ATOM   1343 O OE1 . GLU B 1 81 ? -0.310  8.176   2.411   1.00 26.59 ? 81  GLU B OE1 1 
ATOM   1344 O OE2 . GLU B 1 81 ? -2.304  8.504   3.272   1.00 29.70 ? 81  GLU B OE2 1 
ATOM   1345 N N   . ILE B 1 82 ? -0.751  6.552   7.881   1.00 20.34 ? 82  ILE B N   1 
ATOM   1346 C CA  . ILE B 1 82 ? -1.755  5.728   8.525   1.00 19.32 ? 82  ILE B CA  1 
ATOM   1347 C C   . ILE B 1 82 ? -3.148  6.290   8.262   1.00 21.81 ? 82  ILE B C   1 
ATOM   1348 O O   . ILE B 1 82 ? -3.415  7.470   8.500   1.00 22.47 ? 82  ILE B O   1 
ATOM   1349 C CB  . ILE B 1 82 ? -1.495  5.629   10.048  1.00 19.83 ? 82  ILE B CB  1 
ATOM   1350 C CG1 . ILE B 1 82 ? -0.170  4.902   10.296  1.00 18.65 ? 82  ILE B CG1 1 
ATOM   1351 C CG2 . ILE B 1 82 ? -2.627  4.872   10.732  1.00 18.72 ? 82  ILE B CG2 1 
ATOM   1352 C CD1 . ILE B 1 82 ? 0.281   4.900   11.737  1.00 20.00 ? 82  ILE B CD1 1 
ATOM   1353 N N   . ARG B 1 83 ? -4.024  5.433   7.745   1.00 21.00 ? 83  ARG B N   1 
ATOM   1354 C CA  . ARG B 1 83 ? -5.404  5.798   7.445   1.00 21.46 ? 83  ARG B CA  1 
ATOM   1355 C C   . ARG B 1 83 ? -6.280  4.832   8.237   1.00 21.44 ? 83  ARG B C   1 
ATOM   1356 O O   . ARG B 1 83 ? -5.973  3.648   8.333   1.00 21.06 ? 83  ARG B O   1 
ATOM   1357 C CB  . ARG B 1 83 ? -5.690  5.636   5.948   1.00 22.88 ? 83  ARG B CB  1 
ATOM   1358 C CG  . ARG B 1 83 ? -4.734  6.392   5.038   1.00 23.77 ? 83  ARG B CG  1 
ATOM   1359 C CD  . ARG B 1 83 ? -4.875  5.975   3.574   1.00 26.44 ? 83  ARG B CD  1 
ATOM   1360 N NE  . ARG B 1 83 ? -3.887  6.661   2.741   1.00 26.06 ? 83  ARG B NE  1 
ATOM   1361 C CZ  . ARG B 1 83 ? -3.710  6.455   1.439   1.00 28.73 ? 83  ARG B CZ  1 
ATOM   1362 N NH1 . ARG B 1 83 ? -4.456  5.572   0.791   1.00 28.89 ? 83  ARG B NH1 1 
ATOM   1363 N NH2 . ARG B 1 83 ? -2.782  7.139   0.781   1.00 29.71 ? 83  ARG B NH2 1 
ATOM   1364 N N   . ALA B 1 84 ? -7.365  5.326   8.812   1.00 21.71 ? 84  ALA B N   1 
ATOM   1365 C CA  . ALA B 1 84 ? -8.230  4.443   9.577   1.00 21.83 ? 84  ALA B CA  1 
ATOM   1366 C C   . ALA B 1 84 ? -9.697  4.769   9.390   1.00 24.47 ? 84  ALA B C   1 
ATOM   1367 O O   . ALA B 1 84 ? -10.064 5.913   9.120   1.00 25.24 ? 84  ALA B O   1 
ATOM   1368 C CB  . ALA B 1 84 ? -7.868  4.508   11.052  1.00 22.72 ? 84  ALA B CB  1 
ATOM   1369 N N   . ASN B 1 85 ? -10.533 3.747   9.524   1.00 24.21 ? 85  ASN B N   1 
ATOM   1370 C CA  . ASN B 1 85 ? -11.971 3.918   9.391   1.00 26.13 ? 85  ASN B CA  1 
ATOM   1371 C C   . ASN B 1 85 ? -12.690 2.873   10.230  1.00 26.25 ? 85  ASN B C   1 
ATOM   1372 O O   . ASN B 1 85 ? -12.286 1.709   10.271  1.00 25.24 ? 85  ASN B O   1 
ATOM   1373 C CB  . ASN B 1 85 ? -12.399 3.798   7.924   1.00 28.49 ? 85  ASN B CB  1 
ATOM   1374 C CG  . ASN B 1 85 ? -12.041 2.457   7.315   1.00 30.62 ? 85  ASN B CG  1 
ATOM   1375 O OD1 . ASN B 1 85 ? -10.865 2.128   7.159   1.00 32.55 ? 85  ASN B OD1 1 
ATOM   1376 N ND2 . ASN B 1 85 ? -13.058 1.672   6.968   1.00 31.98 ? 85  ASN B ND2 1 
ATOM   1377 N N   . ARG B 1 86 ? -13.748 3.292   10.915  1.00 26.09 ? 86  ARG B N   1 
ATOM   1378 C CA  . ARG B 1 86 ? -14.508 2.374   11.746  1.00 27.20 ? 86  ARG B CA  1 
ATOM   1379 C C   . ARG B 1 86 ? -15.293 1.434   10.850  1.00 26.94 ? 86  ARG B C   1 
ATOM   1380 O O   . ARG B 1 86 ? -15.823 1.845   9.817   1.00 27.68 ? 86  ARG B O   1 
ATOM   1381 C CB  . ARG B 1 86 ? -15.468 3.137   12.662  1.00 28.06 ? 86  ARG B CB  1 
ATOM   1382 C CG  . ARG B 1 86 ? -16.162 2.236   13.664  1.00 30.09 ? 86  ARG B CG  1 
ATOM   1383 C CD  . ARG B 1 86 ? -16.896 3.024   14.721  1.00 31.15 ? 86  ARG B CD  1 
ATOM   1384 N NE  . ARG B 1 86 ? -17.562 2.143   15.671  1.00 32.47 ? 86  ARG B NE  1 
ATOM   1385 C CZ  . ARG B 1 86 ? -18.281 2.568   16.703  1.00 32.13 ? 86  ARG B CZ  1 
ATOM   1386 N NH1 . ARG B 1 86 ? -18.422 3.867   16.921  1.00 32.38 ? 86  ARG B NH1 1 
ATOM   1387 N NH2 . ARG B 1 86 ? -18.863 1.692   17.512  1.00 32.25 ? 86  ARG B NH2 1 
ATOM   1388 N N   . ILE B 1 87 ? -15.365 0.170   11.245  1.00 27.31 ? 87  ILE B N   1 
ATOM   1389 C CA  . ILE B 1 87 ? -16.078 -0.818  10.452  1.00 28.76 ? 87  ILE B CA  1 
ATOM   1390 C C   . ILE B 1 87 ? -17.103 -1.602  11.258  1.00 31.10 ? 87  ILE B C   1 
ATOM   1391 O O   . ILE B 1 87 ? -17.187 -1.463  12.479  1.00 29.48 ? 87  ILE B O   1 
ATOM   1392 C CB  . ILE B 1 87 ? -15.092 -1.804  9.801   1.00 28.10 ? 87  ILE B CB  1 
ATOM   1393 C CG1 . ILE B 1 87 ? -14.203 -2.438  10.876  1.00 28.85 ? 87  ILE B CG1 1 
ATOM   1394 C CG2 . ILE B 1 87 ? -14.236 -1.075  8.771   1.00 28.73 ? 87  ILE B CG2 1 
ATOM   1395 C CD1 . ILE B 1 87 ? -13.186 -3.421  10.338  1.00 28.19 ? 87  ILE B CD1 1 
ATOM   1396 N N   . GLU B 1 88 ? -17.873 -2.425  10.551  1.00 34.38 ? 88  GLU B N   1 
ATOM   1397 C CA  . GLU B 1 88 ? -18.915 -3.260  11.139  1.00 38.71 ? 88  GLU B CA  1 
ATOM   1398 C C   . GLU B 1 88 ? -20.077 -2.414  11.640  1.00 39.55 ? 88  GLU B C   1 
ATOM   1399 O O   . GLU B 1 88 ? -20.873 -1.997  10.771  1.00 42.25 ? 88  GLU B O   1 
ATOM   1400 C CB  . GLU B 1 88 ? -18.349 -4.105  12.286  1.00 40.67 ? 88  GLU B CB  1 
ATOM   1401 C CG  . GLU B 1 88 ? -19.347 -5.088  12.874  1.00 44.63 ? 88  GLU B CG  1 
ATOM   1402 C CD  . GLU B 1 88 ? -18.718 -6.026  13.885  1.00 46.58 ? 88  GLU B CD  1 
ATOM   1403 O OE1 . GLU B 1 88 ? -17.787 -6.768  13.507  1.00 47.98 ? 88  GLU B OE1 1 
ATOM   1404 O OE2 . GLU B 1 88 ? -19.156 -6.025  15.055  1.00 49.12 ? 88  GLU B OE2 1 
HETATM 1405 C C1  . GOL C 2 .  ? 1.944   -8.773  -4.177  1.00 29.10 ? 93  GOL A C1  1 
HETATM 1406 O O1  . GOL C 2 .  ? 3.013   -8.245  -3.383  1.00 24.67 ? 93  GOL A O1  1 
HETATM 1407 C C2  . GOL C 2 .  ? 2.301   -8.705  -5.661  1.00 27.56 ? 93  GOL A C2  1 
HETATM 1408 O O2  . GOL C 2 .  ? 3.673   -9.062  -5.852  1.00 30.90 ? 93  GOL A O2  1 
HETATM 1409 C C3  . GOL C 2 .  ? 1.392   -9.653  -6.451  1.00 28.99 ? 93  GOL A C3  1 
HETATM 1410 O O3  . GOL C 2 .  ? 1.995   -9.991  -7.703  1.00 26.54 ? 93  GOL A O3  1 
HETATM 1411 C C1  . GOL D 2 .  ? 10.219  -1.023  5.281   1.00 26.49 ? 93  GOL B C1  1 
HETATM 1412 O O1  . GOL D 2 .  ? 11.120  -1.650  6.195   1.00 25.97 ? 93  GOL B O1  1 
HETATM 1413 C C2  . GOL D 2 .  ? 10.093  -1.871  4.011   1.00 25.36 ? 93  GOL B C2  1 
HETATM 1414 O O2  . GOL D 2 .  ? 9.845   -3.244  4.348   1.00 27.78 ? 93  GOL B O2  1 
HETATM 1415 C C3  . GOL D 2 .  ? 8.967   -1.325  3.135   1.00 25.18 ? 93  GOL B C3  1 
HETATM 1416 O O3  . GOL D 2 .  ? 8.679   -2.244  2.077   1.00 24.01 ? 93  GOL B O3  1 
HETATM 1417 O O   . HOH E 3 .  ? -9.397  -6.639  -8.204  1.00 22.78 ? 94  HOH A O   1 
HETATM 1418 O O   . HOH E 3 .  ? -13.537 7.108   -13.803 1.00 24.65 ? 95  HOH A O   1 
HETATM 1419 O O   . HOH E 3 .  ? 1.522   -21.674 8.269   1.00 13.40 ? 96  HOH A O   1 
HETATM 1420 O O   . HOH E 3 .  ? -7.398  -2.795  -1.044  1.00 37.48 ? 97  HOH A O   1 
HETATM 1421 O O   . HOH E 3 .  ? 5.563   -8.061  -17.378 1.00 29.92 ? 98  HOH A O   1 
HETATM 1422 O O   . HOH E 3 .  ? -0.579  -9.647  -0.931  1.00 28.86 ? 99  HOH A O   1 
HETATM 1423 O O   . HOH E 3 .  ? 2.004   -12.556 1.396   1.00 14.78 ? 100 HOH A O   1 
HETATM 1424 O O   . HOH E 3 .  ? -3.317  -12.072 10.149  1.00 14.94 ? 101 HOH A O   1 
HETATM 1425 O O   . HOH E 3 .  ? -8.931  14.291  -7.382  1.00 29.48 ? 102 HOH A O   1 
HETATM 1426 O O   . HOH E 3 .  ? -3.133  -17.675 7.133   1.00 15.07 ? 103 HOH A O   1 
HETATM 1427 O O   . HOH E 3 .  ? -6.409  2.143   -20.472 1.00 26.49 ? 104 HOH A O   1 
HETATM 1428 O O   . HOH E 3 .  ? 1.298   -13.880 -0.912  1.00 30.10 ? 105 HOH A O   1 
HETATM 1429 O O   . HOH E 3 .  ? -7.108  -21.031 1.149   1.00 16.62 ? 106 HOH A O   1 
HETATM 1430 O O   . HOH E 3 .  ? -10.861 14.420  -9.389  1.00 26.22 ? 107 HOH A O   1 
HETATM 1431 O O   . HOH E 3 .  ? 4.865   8.320   -7.914  1.00 18.90 ? 108 HOH A O   1 
HETATM 1432 O O   . HOH E 3 .  ? -8.828  -17.370 3.914   1.00 26.26 ? 109 HOH A O   1 
HETATM 1433 O O   . HOH E 3 .  ? -12.034 -9.469  5.248   1.00 41.71 ? 110 HOH A O   1 
HETATM 1434 O O   . HOH E 3 .  ? -4.482  -20.416 0.005   1.00 15.95 ? 111 HOH A O   1 
HETATM 1435 O O   . HOH E 3 .  ? 4.776   -10.684 -12.995 1.00 17.00 ? 112 HOH A O   1 
HETATM 1436 O O   . HOH E 3 .  ? 1.877   -9.967  -1.333  1.00 32.82 ? 113 HOH A O   1 
HETATM 1437 O O   . HOH E 3 .  ? -4.636  8.896   -4.856  1.00 30.89 ? 114 HOH A O   1 
HETATM 1438 O O   . HOH E 3 .  ? 4.479   -6.396  0.915   1.00 20.83 ? 115 HOH A O   1 
HETATM 1439 O O   . HOH E 3 .  ? -0.744  -18.270 -0.882  1.00 21.76 ? 116 HOH A O   1 
HETATM 1440 O O   . HOH E 3 .  ? -3.040  -9.975  1.299   1.00 24.23 ? 117 HOH A O   1 
HETATM 1441 O O   . HOH E 3 .  ? -6.684  -12.735 16.230  1.00 20.72 ? 118 HOH A O   1 
HETATM 1442 O O   . HOH E 3 .  ? 3.447   -10.295 0.623   1.00 15.48 ? 119 HOH A O   1 
HETATM 1443 O O   . HOH E 3 .  ? -6.121  -4.458  -2.831  1.00 19.84 ? 120 HOH A O   1 
HETATM 1444 O O   . HOH E 3 .  ? -2.225  0.793   -23.674 1.00 28.51 ? 121 HOH A O   1 
HETATM 1445 O O   . HOH E 3 .  ? 3.899   10.396  -6.107  1.00 29.51 ? 122 HOH A O   1 
HETATM 1446 O O   . HOH E 3 .  ? 4.889   -21.622 0.640   1.00 36.66 ? 123 HOH A O   1 
HETATM 1447 O O   . HOH E 3 .  ? -7.506  -18.807 -6.501  1.00 49.46 ? 124 HOH A O   1 
HETATM 1448 O O   . HOH E 3 .  ? 3.358   -6.734  -7.650  1.00 23.18 ? 125 HOH A O   1 
HETATM 1449 O O   . HOH E 3 .  ? -6.604  -18.726 3.583   1.00 33.33 ? 126 HOH A O   1 
HETATM 1450 O O   . HOH E 3 .  ? 5.172   -8.040  23.955  1.00 42.47 ? 127 HOH A O   1 
HETATM 1451 O O   . HOH E 3 .  ? 3.235   12.673  -7.207  1.00 40.30 ? 128 HOH A O   1 
HETATM 1452 O O   . HOH E 3 .  ? -16.047 8.535   -16.391 1.00 28.64 ? 129 HOH A O   1 
HETATM 1453 O O   . HOH E 3 .  ? 0.887   -19.970 11.884  1.00 27.09 ? 130 HOH A O   1 
HETATM 1454 O O   . HOH E 3 .  ? -6.022  -10.556 19.737  1.00 27.13 ? 131 HOH A O   1 
HETATM 1455 O O   . HOH E 3 .  ? -4.424  -11.316 2.957   1.00 39.38 ? 132 HOH A O   1 
HETATM 1456 O O   . HOH E 3 .  ? 3.242   -17.937 9.801   1.00 24.37 ? 133 HOH A O   1 
HETATM 1457 O O   . HOH E 3 .  ? -15.074 4.794   -14.155 1.00 41.03 ? 134 HOH A O   1 
HETATM 1458 O O   . HOH E 3 .  ? 4.221   12.162  -20.524 1.00 29.36 ? 135 HOH A O   1 
HETATM 1459 O O   . HOH E 3 .  ? -2.801  -2.522  23.053  1.00 24.03 ? 136 HOH A O   1 
HETATM 1460 O O   . HOH E 3 .  ? -10.317 4.682   -8.965  1.00 33.93 ? 137 HOH A O   1 
HETATM 1461 O O   . HOH E 3 .  ? -10.955 -0.299  -16.599 1.00 34.89 ? 138 HOH A O   1 
HETATM 1462 O O   . HOH E 3 .  ? 3.779   12.022  -23.911 1.00 38.67 ? 139 HOH A O   1 
HETATM 1463 O O   . HOH E 3 .  ? -6.122  -9.386  1.761   1.00 36.35 ? 140 HOH A O   1 
HETATM 1464 O O   . HOH E 3 .  ? -8.457  -0.486  -17.988 1.00 27.38 ? 141 HOH A O   1 
HETATM 1465 O O   . HOH E 3 .  ? -16.440 6.036   -16.256 1.00 33.51 ? 142 HOH A O   1 
HETATM 1466 O O   . HOH E 3 .  ? -3.749  8.603   -19.116 1.00 30.62 ? 143 HOH A O   1 
HETATM 1467 O O   . HOH E 3 .  ? 7.297   -7.470  6.283   1.00 26.31 ? 144 HOH A O   1 
HETATM 1468 O O   . HOH E 3 .  ? -3.577  -15.542 5.217   1.00 21.41 ? 145 HOH A O   1 
HETATM 1469 O O   . HOH E 3 .  ? 3.209   9.475   -2.944  1.00 43.10 ? 146 HOH A O   1 
HETATM 1470 O O   . HOH E 3 .  ? 3.822   -4.393  23.522  1.00 32.15 ? 147 HOH A O   1 
HETATM 1471 O O   . HOH E 3 .  ? -6.725  4.745   -20.045 1.00 24.49 ? 148 HOH A O   1 
HETATM 1472 O O   . HOH E 3 .  ? -2.222  -9.576  -14.646 1.00 34.12 ? 149 HOH A O   1 
HETATM 1473 O O   . HOH E 3 .  ? -9.432  17.662  -12.772 1.00 36.78 ? 150 HOH A O   1 
HETATM 1474 O O   . HOH E 3 .  ? -4.386  -4.622  24.465  1.00 24.24 ? 151 HOH A O   1 
HETATM 1475 O O   . HOH E 3 .  ? -7.470  -3.333  -18.091 1.00 37.13 ? 152 HOH A O   1 
HETATM 1476 O O   . HOH E 3 .  ? -10.097 7.349   -8.729  1.00 32.72 ? 153 HOH A O   1 
HETATM 1477 O O   . HOH E 3 .  ? -5.520  7.619   -0.917  1.00 44.08 ? 154 HOH A O   1 
HETATM 1478 O O   . HOH E 3 .  ? -8.660  -9.653  -9.068  1.00 32.83 ? 155 HOH A O   1 
HETATM 1479 O O   . HOH E 3 .  ? -8.384  -20.190 -2.575  1.00 31.19 ? 156 HOH A O   1 
HETATM 1480 O O   . HOH E 3 .  ? 0.795   -20.067 0.889   1.00 24.71 ? 157 HOH A O   1 
HETATM 1481 O O   . HOH E 3 .  ? 3.122   -20.258 -0.889  1.00 32.43 ? 158 HOH A O   1 
HETATM 1482 O O   . HOH E 3 .  ? 4.735   -6.665  -1.834  1.00 20.18 ? 159 HOH A O   1 
HETATM 1483 O O   . HOH E 3 .  ? -11.295 -2.986  -16.346 1.00 34.67 ? 160 HOH A O   1 
HETATM 1484 O O   . HOH E 3 .  ? -5.968  -13.321 2.195   1.00 26.31 ? 161 HOH A O   1 
HETATM 1485 O O   . HOH E 3 .  ? -2.225  -11.121 20.530  1.00 37.97 ? 162 HOH A O   1 
HETATM 1486 O O   . HOH E 3 .  ? 8.910   -10.576 17.931  1.00 48.63 ? 163 HOH A O   1 
HETATM 1487 O O   . HOH E 3 .  ? -10.150 0.042   -7.568  1.00 29.23 ? 164 HOH A O   1 
HETATM 1488 O O   . HOH E 3 .  ? 0.014   -3.266  23.768  1.00 25.89 ? 165 HOH A O   1 
HETATM 1489 O O   . HOH E 3 .  ? -2.741  18.693  -13.099 1.00 27.98 ? 166 HOH A O   1 
HETATM 1490 O O   . HOH E 3 .  ? 4.792   -15.982 18.254  1.00 31.63 ? 167 HOH A O   1 
HETATM 1491 O O   . HOH E 3 .  ? 0.093   -22.385 1.259   1.00 20.91 ? 168 HOH A O   1 
HETATM 1492 O O   . HOH E 3 .  ? -3.520  -10.282 18.483  1.00 28.42 ? 169 HOH A O   1 
HETATM 1493 O O   . HOH E 3 .  ? 2.718   7.550   -0.952  1.00 31.16 ? 170 HOH A O   1 
HETATM 1494 O O   . HOH E 3 .  ? -1.925  -12.214 23.202  1.00 41.51 ? 171 HOH A O   1 
HETATM 1495 O O   . HOH E 3 .  ? 8.892   -13.164 17.464  1.00 21.96 ? 172 HOH A O   1 
HETATM 1496 O O   . HOH E 3 .  ? -3.468  -13.215 16.861  1.00 38.27 ? 173 HOH A O   1 
HETATM 1497 O O   . HOH E 3 .  ? -4.398  -20.626 -2.623  1.00 31.68 ? 174 HOH A O   1 
HETATM 1498 O O   . HOH E 3 .  ? 1.389   -12.271 -11.616 1.00 41.85 ? 175 HOH A O   1 
HETATM 1499 O O   . HOH E 3 .  ? -9.803  7.482   -5.834  1.00 31.84 ? 179 HOH A O   1 
HETATM 1500 O O   . HOH E 3 .  ? 1.703   -13.791 -4.394  1.00 41.83 ? 183 HOH A O   1 
HETATM 1501 O O   . HOH E 3 .  ? 3.496   17.137  -16.415 1.00 31.48 ? 184 HOH A O   1 
HETATM 1502 O O   . HOH E 3 .  ? 3.097   -12.515 -6.924  1.00 30.54 ? 185 HOH A O   1 
HETATM 1503 O O   . HOH E 3 .  ? 6.443   -5.617  22.486  1.00 40.78 ? 192 HOH A O   1 
HETATM 1504 O O   . HOH E 3 .  ? -9.108  21.019  -16.140 1.00 54.42 ? 193 HOH A O   1 
HETATM 1505 O O   . HOH E 3 .  ? -10.922 3.029   -4.973  1.00 50.79 ? 195 HOH A O   1 
HETATM 1506 O O   . HOH E 3 .  ? -2.989  20.868  -14.572 1.00 41.87 ? 199 HOH A O   1 
HETATM 1507 O O   . HOH E 3 .  ? -12.169 -14.979 -8.007  1.00 40.58 ? 202 HOH A O   1 
HETATM 1508 O O   . HOH E 3 .  ? 7.512   -16.005 21.642  1.00 46.56 ? 203 HOH A O   1 
HETATM 1509 O O   . HOH E 3 .  ? -6.577  -15.099 4.681   1.00 38.64 ? 204 HOH A O   1 
HETATM 1510 O O   . HOH E 3 .  ? -1.200  -1.863  -24.330 1.00 33.20 ? 205 HOH A O   1 
HETATM 1511 O O   . HOH E 3 .  ? -9.086  -14.069 4.739   1.00 45.77 ? 209 HOH A O   1 
HETATM 1512 O O   . HOH E 3 .  ? -2.218  -4.942  -25.785 1.00 42.15 ? 214 HOH A O   1 
HETATM 1513 O O   . HOH E 3 .  ? -7.622  7.904   0.467   1.00 44.23 ? 215 HOH A O   1 
HETATM 1514 O O   . HOH E 3 .  ? -7.726  -7.227  1.485   1.00 53.95 ? 216 HOH A O   1 
HETATM 1515 O O   . HOH E 3 .  ? -8.056  -12.106 18.401  1.00 41.46 ? 219 HOH A O   1 
HETATM 1516 O O   . HOH E 3 .  ? -0.956  -9.930  -20.055 1.00 43.41 ? 220 HOH A O   1 
HETATM 1517 O O   . HOH E 3 .  ? -9.647  -8.775  6.457   1.00 39.69 ? 223 HOH A O   1 
HETATM 1518 O O   . HOH E 3 .  ? -7.673  16.625  -15.911 1.00 36.68 ? 225 HOH A O   1 
HETATM 1519 O O   . HOH E 3 .  ? -7.940  4.234   2.060   1.00 41.16 ? 226 HOH A O   1 
HETATM 1520 O O   . HOH E 3 .  ? -11.431 -11.198 -1.751  1.00 22.83 ? 231 HOH A O   1 
HETATM 1521 O O   . HOH E 3 .  ? -3.199  -11.512 -20.504 1.00 40.57 ? 233 HOH A O   1 
HETATM 1522 O O   . HOH F 3 .  ? 12.373  -0.466  -3.039  1.00 14.74 ? 94  HOH B O   1 
HETATM 1523 O O   . HOH F 3 .  ? 19.738  6.884   -1.768  1.00 16.30 ? 95  HOH B O   1 
HETATM 1524 O O   . HOH F 3 .  ? 19.784  1.650   -3.152  1.00 25.11 ? 96  HOH B O   1 
HETATM 1525 O O   . HOH F 3 .  ? 20.399  1.986   -10.780 1.00 14.35 ? 97  HOH B O   1 
HETATM 1526 O O   . HOH F 3 .  ? 19.857  9.602   -2.652  1.00 19.33 ? 98  HOH B O   1 
HETATM 1527 O O   . HOH F 3 .  ? 9.813   9.940   -16.541 1.00 19.53 ? 99  HOH B O   1 
HETATM 1528 O O   . HOH F 3 .  ? 10.894  1.494   13.666  1.00 35.48 ? 100 HOH B O   1 
HETATM 1529 O O   . HOH F 3 .  ? 2.159   7.691   1.506   1.00 31.92 ? 101 HOH B O   1 
HETATM 1530 O O   . HOH F 3 .  ? 10.421  -2.116  -2.212  1.00 15.60 ? 102 HOH B O   1 
HETATM 1531 O O   . HOH F 3 .  ? -0.290  9.224   8.660   1.00 25.73 ? 103 HOH B O   1 
HETATM 1532 O O   . HOH F 3 .  ? 16.197  5.942   -8.602  1.00 15.55 ? 104 HOH B O   1 
HETATM 1533 O O   . HOH F 3 .  ? 10.324  5.800   -10.942 1.00 15.59 ? 105 HOH B O   1 
HETATM 1534 O O   . HOH F 3 .  ? -14.109 7.926   12.223  1.00 37.93 ? 106 HOH B O   1 
HETATM 1535 O O   . HOH F 3 .  ? 6.712   -3.460  -2.144  1.00 16.51 ? 107 HOH B O   1 
HETATM 1536 O O   . HOH F 3 .  ? 12.649  -4.959  11.067  1.00 19.51 ? 109 HOH B O   1 
HETATM 1537 O O   . HOH F 3 .  ? -6.710  -6.609  8.135   1.00 18.87 ? 110 HOH B O   1 
HETATM 1538 O O   . HOH F 3 .  ? -9.020  -5.847  6.602   1.00 31.44 ? 111 HOH B O   1 
HETATM 1539 O O   . HOH F 3 .  ? -6.314  0.297   20.676  1.00 28.67 ? 112 HOH B O   1 
HETATM 1540 O O   . HOH F 3 .  ? 18.112  2.769   -1.104  1.00 21.94 ? 113 HOH B O   1 
HETATM 1541 O O   . HOH F 3 .  ? 22.131  2.202   -8.496  1.00 18.66 ? 114 HOH B O   1 
HETATM 1542 O O   . HOH F 3 .  ? 8.445   7.057   -1.972  1.00 45.25 ? 115 HOH B O   1 
HETATM 1543 O O   . HOH F 3 .  ? 14.284  5.812   -6.475  1.00 20.29 ? 116 HOH B O   1 
HETATM 1544 O O   . HOH F 3 .  ? 12.256  7.675   -2.817  1.00 26.05 ? 117 HOH B O   1 
HETATM 1545 O O   . HOH F 3 .  ? -11.253 -5.197  7.821   1.00 43.59 ? 118 HOH B O   1 
HETATM 1546 O O   . HOH F 3 .  ? -9.043  -7.755  21.089  1.00 30.38 ? 119 HOH B O   1 
HETATM 1547 O O   . HOH F 3 .  ? 1.660   -0.782  -23.913 1.00 34.32 ? 120 HOH B O   1 
HETATM 1548 O O   . HOH F 3 .  ? 7.099   -5.754  -8.027  1.00 26.32 ? 121 HOH B O   1 
HETATM 1549 O O   . HOH F 3 .  ? -2.890  3.969   21.118  1.00 24.25 ? 122 HOH B O   1 
HETATM 1550 O O   . HOH F 3 .  ? 7.454   6.755   -18.902 1.00 30.75 ? 123 HOH B O   1 
HETATM 1551 O O   . HOH F 3 .  ? 7.506   9.620   -20.187 1.00 23.64 ? 124 HOH B O   1 
HETATM 1552 O O   . HOH F 3 .  ? 8.592   11.328  -18.476 1.00 33.22 ? 125 HOH B O   1 
HETATM 1553 O O   . HOH F 3 .  ? 18.374  2.863   -14.027 1.00 31.86 ? 126 HOH B O   1 
HETATM 1554 O O   . HOH F 3 .  ? 4.182   6.268   3.026   1.00 17.96 ? 127 HOH B O   1 
HETATM 1555 O O   . HOH F 3 .  ? 10.082  12.337  1.837   1.00 22.49 ? 128 HOH B O   1 
HETATM 1556 O O   . HOH F 3 .  ? 7.286   -4.289  0.490   1.00 20.36 ? 129 HOH B O   1 
HETATM 1557 O O   . HOH F 3 .  ? 5.296   -1.158  -25.214 1.00 35.62 ? 130 HOH B O   1 
HETATM 1558 O O   . HOH F 3 .  ? 17.174  9.103   -4.790  1.00 29.36 ? 131 HOH B O   1 
HETATM 1559 O O   . HOH F 3 .  ? 8.012   -3.362  6.327   1.00 21.98 ? 132 HOH B O   1 
HETATM 1560 O O   . HOH F 3 .  ? -14.205 6.202   10.178  1.00 31.07 ? 133 HOH B O   1 
HETATM 1561 O O   . HOH F 3 .  ? 9.634   1.714   -0.166  1.00 26.23 ? 134 HOH B O   1 
HETATM 1562 O O   . HOH F 3 .  ? 1.114   7.615   -24.184 1.00 28.43 ? 135 HOH B O   1 
HETATM 1563 O O   . HOH F 3 .  ? -8.612  3.061   6.314   1.00 30.61 ? 136 HOH B O   1 
HETATM 1564 O O   . HOH F 3 .  ? 9.283   4.413   -2.016  1.00 24.89 ? 137 HOH B O   1 
HETATM 1565 O O   . HOH F 3 .  ? 19.462  10.474  1.223   1.00 24.07 ? 138 HOH B O   1 
HETATM 1566 O O   . HOH F 3 .  ? -0.454  5.840   -22.755 1.00 23.19 ? 139 HOH B O   1 
HETATM 1567 O O   . HOH F 3 .  ? 1.946   6.267   18.612  1.00 30.29 ? 140 HOH B O   1 
HETATM 1568 O O   . HOH F 3 .  ? -4.548  8.577   10.606  1.00 30.85 ? 141 HOH B O   1 
HETATM 1569 O O   . HOH F 3 .  ? 6.591   9.072   8.533   1.00 22.87 ? 142 HOH B O   1 
HETATM 1570 O O   . HOH F 3 .  ? 13.831  0.240   -0.789  1.00 30.28 ? 143 HOH B O   1 
HETATM 1571 O O   . HOH F 3 .  ? 0.414   3.099   -23.834 1.00 25.38 ? 144 HOH B O   1 
HETATM 1572 O O   . HOH F 3 .  ? 4.949   5.756   18.506  1.00 35.40 ? 145 HOH B O   1 
HETATM 1573 O O   . HOH F 3 .  ? -7.181  -3.544  1.363   1.00 31.58 ? 146 HOH B O   1 
HETATM 1574 O O   . HOH F 3 .  ? 16.836  0.114   -12.177 1.00 27.08 ? 147 HOH B O   1 
HETATM 1575 O O   . HOH F 3 .  ? -9.687  -0.438  23.509  1.00 45.38 ? 148 HOH B O   1 
HETATM 1576 O O   . HOH F 3 .  ? -4.663  2.968   -23.157 1.00 46.83 ? 149 HOH B O   1 
HETATM 1577 O O   . HOH F 3 .  ? 10.579  6.906   -17.532 1.00 31.99 ? 150 HOH B O   1 
HETATM 1578 O O   . HOH F 3 .  ? -5.089  5.919   -21.898 1.00 39.42 ? 151 HOH B O   1 
HETATM 1579 O O   . HOH F 3 .  ? 21.956  2.803   -3.747  1.00 23.40 ? 152 HOH B O   1 
HETATM 1580 O O   . HOH F 3 .  ? 10.722  -6.491  15.667  1.00 27.03 ? 153 HOH B O   1 
HETATM 1581 O O   . HOH F 3 .  ? -16.883 -0.684  15.130  1.00 30.13 ? 154 HOH B O   1 
HETATM 1582 O O   . HOH F 3 .  ? 11.697  -5.244  -19.852 1.00 23.39 ? 155 HOH B O   1 
HETATM 1583 O O   . HOH F 3 .  ? 1.939   -0.787  23.710  1.00 33.04 ? 156 HOH B O   1 
HETATM 1584 O O   . HOH F 3 .  ? -3.330  9.707   6.057   1.00 38.35 ? 157 HOH B O   1 
HETATM 1585 O O   . HOH F 3 .  ? -0.290  3.725   21.316  1.00 27.60 ? 158 HOH B O   1 
HETATM 1586 O O   . HOH F 3 .  ? -7.167  8.225   10.737  1.00 34.66 ? 159 HOH B O   1 
HETATM 1587 O O   . HOH F 3 .  ? 15.748  11.294  -4.820  1.00 27.58 ? 160 HOH B O   1 
HETATM 1588 O O   . HOH F 3 .  ? 13.797  -0.946  -20.683 1.00 38.57 ? 161 HOH B O   1 
HETATM 1589 O O   . HOH F 3 .  ? -1.896  4.119   -24.406 1.00 29.89 ? 162 HOH B O   1 
HETATM 1590 O O   . HOH F 3 .  ? 10.106  8.616   8.994   1.00 39.49 ? 163 HOH B O   1 
HETATM 1591 O O   . HOH F 3 .  ? 10.377  6.203   -3.588  1.00 40.62 ? 164 HOH B O   1 
HETATM 1592 O O   . HOH F 3 .  ? -15.541 5.017   23.390  1.00 37.79 ? 165 HOH B O   1 
HETATM 1593 O O   . HOH F 3 .  ? 6.844   11.270  -6.184  1.00 36.42 ? 166 HOH B O   1 
HETATM 1594 O O   . HOH F 3 .  ? 3.928   9.696   17.376  1.00 31.26 ? 168 HOH B O   1 
HETATM 1595 O O   . HOH F 3 .  ? 8.187   6.022   -21.253 1.00 36.08 ? 169 HOH B O   1 
HETATM 1596 O O   . HOH F 3 .  ? 20.331  -0.799  -1.973  1.00 36.19 ? 172 HOH B O   1 
HETATM 1597 O O   . HOH F 3 .  ? -18.015 -1.927  8.015   1.00 32.36 ? 173 HOH B O   1 
HETATM 1598 O O   . HOH F 3 .  ? 13.795  8.367   -5.507  1.00 38.53 ? 174 HOH B O   1 
HETATM 1599 O O   . HOH F 3 .  ? 13.833  0.008   12.813  1.00 41.34 ? 178 HOH B O   1 
HETATM 1600 O O   . HOH F 3 .  ? -13.231 -11.862 9.498   1.00 36.54 ? 180 HOH B O   1 
HETATM 1601 O O   . HOH F 3 .  ? -14.452 -7.253  17.548  1.00 33.57 ? 181 HOH B O   1 
HETATM 1602 O O   . HOH F 3 .  ? 8.326   8.969   -24.798 1.00 35.41 ? 187 HOH B O   1 
HETATM 1603 O O   . HOH F 3 .  ? -19.787 0.120   9.355   1.00 47.38 ? 188 HOH B O   1 
HETATM 1604 O O   . HOH F 3 .  ? 21.046  3.556   -17.671 1.00 32.73 ? 190 HOH B O   1 
HETATM 1605 O O   . HOH F 3 .  ? 20.432  2.218   -20.116 1.00 51.41 ? 191 HOH B O   1 
HETATM 1606 O O   . HOH F 3 .  ? 6.822   8.805   11.214  1.00 41.88 ? 200 HOH B O   1 
HETATM 1607 O O   . HOH F 3 .  ? -20.146 2.155   20.112  1.00 38.89 ? 201 HOH B O   1 
HETATM 1608 O O   . HOH F 3 .  ? 19.877  3.258   9.382   1.00 44.18 ? 206 HOH B O   1 
HETATM 1609 O O   . HOH F 3 .  ? 14.928  1.193   1.705   1.00 40.40 ? 207 HOH B O   1 
HETATM 1610 O O   . HOH F 3 .  ? 20.196  8.508   2.991   1.00 39.70 ? 208 HOH B O   1 
HETATM 1611 O O   . HOH F 3 .  ? 1.060   9.097   17.667  1.00 34.66 ? 213 HOH B O   1 
HETATM 1612 O O   . HOH F 3 .  ? -3.916  5.961   22.305  1.00 43.42 ? 217 HOH B O   1 
HETATM 1613 O O   . HOH F 3 .  ? 8.648   13.313  -8.483  1.00 45.08 ? 218 HOH B O   1 
HETATM 1614 O O   . HOH F 3 .  ? -5.732  4.329   -25.654 1.00 38.01 ? 232 HOH B O   1 
HETATM 1615 O O   . HOH F 3 .  ? 3.931   9.590   2.410   1.00 38.73 ? 234 HOH B O   1 
HETATM 1616 O O   . HOH F 3 .  ? -7.654  8.207   8.204   1.00 31.24 ? 238 HOH B O   1 
# 
loop_
_pdbx_poly_seq_scheme.asym_id 
_pdbx_poly_seq_scheme.entity_id 
_pdbx_poly_seq_scheme.seq_id 
_pdbx_poly_seq_scheme.mon_id 
_pdbx_poly_seq_scheme.ndb_seq_num 
_pdbx_poly_seq_scheme.pdb_seq_num 
_pdbx_poly_seq_scheme.auth_seq_num 
_pdbx_poly_seq_scheme.pdb_mon_id 
_pdbx_poly_seq_scheme.auth_mon_id 
_pdbx_poly_seq_scheme.pdb_strand_id 
_pdbx_poly_seq_scheme.pdb_ins_code 
_pdbx_poly_seq_scheme.hetero 
A 1 1  MET 1  1  ?  ?   ?   A . n 
A 1 2  SER 2  2  ?  ?   ?   A . n 
A 1 3  LYS 3  3  ?  ?   ?   A . n 
A 1 4  MET 4  4  4  MET MET A . n 
A 1 5  LEU 5  5  5  LEU LEU A . n 
A 1 6  TYR 6  6  6  TYR TYR A . n 
A 1 7  ARG 7  7  7  ARG ARG A . n 
A 1 8  VAL 8  8  8  VAL VAL A . n 
A 1 9  GLU 9  9  9  GLU GLU A . n 
A 1 10 LEU 10 10 10 LEU LEU A . n 
A 1 11 ILE 11 11 11 ILE ILE A . n 
A 1 12 ILE 12 12 12 ILE ILE A . n 
A 1 13 THR 13 13 13 THR THR A . n 
A 1 14 ASN 14 14 14 ASN ASN A . n 
A 1 15 LYS 15 15 15 LYS LYS A . n 
A 1 16 GLU 16 16 16 GLU GLU A . n 
A 1 17 GLY 17 17 17 GLY GLY A . n 
A 1 18 VAL 18 18 18 VAL VAL A . n 
A 1 19 ARG 19 19 19 ARG ARG A . n 
A 1 20 ASP 20 20 20 ASP ASP A . n 
A 1 21 PRO 21 21 21 PRO PRO A . n 
A 1 22 GLU 22 22 22 GLU GLU A . n 
A 1 23 GLY 23 23 23 GLY GLY A . n 
A 1 24 GLU 24 24 24 GLU GLU A . n 
A 1 25 THR 25 25 25 THR THR A . n 
A 1 26 ILE 26 26 26 ILE ILE A . n 
A 1 27 GLN 27 27 27 GLN GLN A . n 
A 1 28 ARG 28 28 28 ARG ARG A . n 
A 1 29 TYR 29 29 29 TYR TYR A . n 
A 1 30 VAL 30 30 30 VAL VAL A . n 
A 1 31 VAL 31 31 31 VAL VAL A . n 
A 1 32 SER 32 32 32 SER SER A . n 
A 1 33 ARG 33 33 33 ARG ARG A . n 
A 1 34 PHE 34 34 34 PHE PHE A . n 
A 1 35 SER 35 35 35 SER SER A . n 
A 1 36 ASP 36 36 36 ASP ASP A . n 
A 1 37 LYS 37 37 37 LYS LYS A . n 
A 1 38 ILE 38 38 38 ILE ILE A . n 
A 1 39 ILE 39 39 39 ILE ILE A . n 
A 1 40 GLU 40 40 40 GLU GLU A . n 
A 1 41 THR 41 41 41 THR THR A . n 
A 1 42 ARG 42 42 42 ARG ARG A . n 
A 1 43 ALA 43 43 43 ALA ALA A . n 
A 1 44 GLY 44 44 44 GLY GLY A . n 
A 1 45 LYS 45 45 45 LYS LYS A . n 
A 1 46 TYR 46 46 46 TYR TYR A . n 
A 1 47 LEU 47 47 47 LEU LEU A . n 
A 1 48 VAL 48 48 48 VAL VAL A . n 
A 1 49 PHE 49 49 49 PHE PHE A . n 
A 1 50 ARG 50 50 50 ARG ARG A . n 
A 1 51 VAL 51 51 51 VAL VAL A . n 
A 1 52 ASN 52 52 52 ASN ASN A . n 
A 1 53 SER 53 53 53 SER SER A . n 
A 1 54 SER 54 54 54 SER SER A . n 
A 1 55 SER 55 55 55 SER SER A . n 
A 1 56 GLN 56 56 56 GLN GLN A . n 
A 1 57 GLN 57 57 57 GLN GLN A . n 
A 1 58 GLU 58 58 58 GLU GLU A . n 
A 1 59 ALA 59 59 59 ALA ALA A . n 
A 1 60 THR 60 60 60 THR THR A . n 
A 1 61 GLU 61 61 61 GLU GLU A . n 
A 1 62 LEU 62 62 62 LEU LEU A . n 
A 1 63 VAL 63 63 63 VAL VAL A . n 
A 1 64 LYS 64 64 64 LYS LYS A . n 
A 1 65 LYS 65 65 65 LYS LYS A . n 
A 1 66 LEU 66 66 66 LEU LEU A . n 
A 1 67 ALA 67 67 67 ALA ALA A . n 
A 1 68 ASP 68 68 68 ASP ASP A . n 
A 1 69 GLU 69 69 69 GLU GLU A . n 
A 1 70 MET 70 70 70 MET MET A . n 
A 1 71 ARG 71 71 71 ARG ARG A . n 
A 1 72 LEU 72 72 72 LEU LEU A . n 
A 1 73 TYR 73 73 73 TYR TYR A . n 
A 1 74 ASN 74 74 74 ASN ASN A . n 
A 1 75 PRO 75 75 75 PRO PRO A . n 
A 1 76 ILE 76 76 76 ILE ILE A . n 
A 1 77 VAL 77 77 77 VAL VAL A . n 
A 1 78 HIS 78 78 78 HIS HIS A . n 
A 1 79 LYS 79 79 79 LYS LYS A . n 
A 1 80 ILE 80 80 80 ILE ILE A . n 
A 1 81 GLU 81 81 81 GLU GLU A . n 
A 1 82 ILE 82 82 82 ILE ILE A . n 
A 1 83 ARG 83 83 83 ARG ARG A . n 
A 1 84 ALA 84 84 84 ALA ALA A . n 
A 1 85 ASN 85 85 85 ASN ASN A . n 
A 1 86 ARG 86 86 86 ARG ARG A . n 
A 1 87 ILE 87 87 87 ILE ILE A . n 
A 1 88 GLU 88 88 88 GLU GLU A . n 
A 1 89 ASP 89 89 ?  ?   ?   A . n 
A 1 90 SER 90 90 ?  ?   ?   A . n 
A 1 91 SER 91 91 ?  ?   ?   A . n 
A 1 92 ASN 92 92 ?  ?   ?   A . n 
B 1 1  MET 1  1  ?  ?   ?   B . n 
B 1 2  SER 2  2  ?  ?   ?   B . n 
B 1 3  LYS 3  3  ?  ?   ?   B . n 
B 1 4  MET 4  4  4  MET MET B . n 
B 1 5  LEU 5  5  5  LEU LEU B . n 
B 1 6  TYR 6  6  6  TYR TYR B . n 
B 1 7  ARG 7  7  7  ARG ARG B . n 
B 1 8  VAL 8  8  8  VAL VAL B . n 
B 1 9  GLU 9  9  9  GLU GLU B . n 
B 1 10 LEU 10 10 10 LEU LEU B . n 
B 1 11 ILE 11 11 11 ILE ILE B . n 
B 1 12 ILE 12 12 12 ILE ILE B . n 
B 1 13 THR 13 13 13 THR THR B . n 
B 1 14 ASN 14 14 14 ASN ASN B . n 
B 1 15 LYS 15 15 15 LYS LYS B . n 
B 1 16 GLU 16 16 16 GLU GLU B . n 
B 1 17 GLY 17 17 17 GLY GLY B . n 
B 1 18 VAL 18 18 18 VAL VAL B . n 
B 1 19 ARG 19 19 19 ARG ARG B . n 
B 1 20 ASP 20 20 20 ASP ASP B . n 
B 1 21 PRO 21 21 21 PRO PRO B . n 
B 1 22 GLU 22 22 22 GLU GLU B . n 
B 1 23 GLY 23 23 23 GLY GLY B . n 
B 1 24 GLU 24 24 24 GLU GLU B . n 
B 1 25 THR 25 25 25 THR THR B . n 
B 1 26 ILE 26 26 26 ILE ILE B . n 
B 1 27 GLN 27 27 27 GLN GLN B . n 
B 1 28 ARG 28 28 28 ARG ARG B . n 
B 1 29 TYR 29 29 29 TYR TYR B . n 
B 1 30 VAL 30 30 30 VAL VAL B . n 
B 1 31 VAL 31 31 31 VAL VAL B . n 
B 1 32 SER 32 32 32 SER SER B . n 
B 1 33 ARG 33 33 33 ARG ARG B . n 
B 1 34 PHE 34 34 34 PHE PHE B . n 
B 1 35 SER 35 35 35 SER SER B . n 
B 1 36 ASP 36 36 36 ASP ASP B . n 
B 1 37 LYS 37 37 37 LYS LYS B . n 
B 1 38 ILE 38 38 38 ILE ILE B . n 
B 1 39 ILE 39 39 39 ILE ILE B . n 
B 1 40 GLU 40 40 40 GLU GLU B . n 
B 1 41 THR 41 41 41 THR THR B . n 
B 1 42 ARG 42 42 42 ARG ARG B . n 
B 1 43 ALA 43 43 43 ALA ALA B . n 
B 1 44 GLY 44 44 44 GLY GLY B . n 
B 1 45 LYS 45 45 45 LYS LYS B . n 
B 1 46 TYR 46 46 46 TYR TYR B . n 
B 1 47 LEU 47 47 47 LEU LEU B . n 
B 1 48 VAL 48 48 48 VAL VAL B . n 
B 1 49 PHE 49 49 49 PHE PHE B . n 
B 1 50 ARG 50 50 50 ARG ARG B . n 
B 1 51 VAL 51 51 51 VAL VAL B . n 
B 1 52 ASN 52 52 52 ASN ASN B . n 
B 1 53 SER 53 53 53 SER SER B . n 
B 1 54 SER 54 54 54 SER SER B . n 
B 1 55 SER 55 55 55 SER SER B . n 
B 1 56 GLN 56 56 56 GLN GLN B . n 
B 1 57 GLN 57 57 57 GLN GLN B . n 
B 1 58 GLU 58 58 58 GLU GLU B . n 
B 1 59 ALA 59 59 59 ALA ALA B . n 
B 1 60 THR 60 60 60 THR THR B . n 
B 1 61 GLU 61 61 61 GLU GLU B . n 
B 1 62 LEU 62 62 62 LEU LEU B . n 
B 1 63 VAL 63 63 63 VAL VAL B . n 
B 1 64 LYS 64 64 64 LYS LYS B . n 
B 1 65 LYS 65 65 65 LYS LYS B . n 
B 1 66 LEU 66 66 66 LEU LEU B . n 
B 1 67 ALA 67 67 67 ALA ALA B . n 
B 1 68 ASP 68 68 68 ASP ASP B . n 
B 1 69 GLU 69 69 69 GLU GLU B . n 
B 1 70 MET 70 70 70 MET MET B . n 
B 1 71 ARG 71 71 71 ARG ARG B . n 
B 1 72 LEU 72 72 72 LEU LEU B . n 
B 1 73 TYR 73 73 73 TYR TYR B . n 
B 1 74 ASN 74 74 74 ASN ASN B . n 
B 1 75 PRO 75 75 75 PRO PRO B . n 
B 1 76 ILE 76 76 76 ILE ILE B . n 
B 1 77 VAL 77 77 77 VAL VAL B . n 
B 1 78 HIS 78 78 78 HIS HIS B . n 
B 1 79 LYS 79 79 79 LYS LYS B . n 
B 1 80 ILE 80 80 80 ILE ILE B . n 
B 1 81 GLU 81 81 81 GLU GLU B . n 
B 1 82 ILE 82 82 82 ILE ILE B . n 
B 1 83 ARG 83 83 83 ARG ARG B . n 
B 1 84 ALA 84 84 84 ALA ALA B . n 
B 1 85 ASN 85 85 85 ASN ASN B . n 
B 1 86 ARG 86 86 86 ARG ARG B . n 
B 1 87 ILE 87 87 87 ILE ILE B . n 
B 1 88 GLU 88 88 88 GLU GLU B . n 
B 1 89 ASP 89 89 ?  ?   ?   B . n 
B 1 90 SER 90 90 ?  ?   ?   B . n 
B 1 91 SER 91 91 ?  ?   ?   B . n 
B 1 92 ASN 92 92 ?  ?   ?   B . n 
# 
loop_
_pdbx_nonpoly_scheme.asym_id 
_pdbx_nonpoly_scheme.entity_id 
_pdbx_nonpoly_scheme.mon_id 
_pdbx_nonpoly_scheme.ndb_seq_num 
_pdbx_nonpoly_scheme.pdb_seq_num 
_pdbx_nonpoly_scheme.auth_seq_num 
_pdbx_nonpoly_scheme.pdb_mon_id 
_pdbx_nonpoly_scheme.auth_mon_id 
_pdbx_nonpoly_scheme.pdb_strand_id 
_pdbx_nonpoly_scheme.pdb_ins_code 
C 2 GOL 1   93  1   GOL GOL A . 
D 2 GOL 1   93  2   GOL GOL B . 
E 3 HOH 1   94  94  HOH TIP A . 
E 3 HOH 2   95  95  HOH TIP A . 
E 3 HOH 3   96  1   HOH TIP A . 
E 3 HOH 4   97  97  HOH TIP A . 
E 3 HOH 5   98  98  HOH TIP A . 
E 3 HOH 6   99  99  HOH TIP A . 
E 3 HOH 7   100 2   HOH TIP A . 
E 3 HOH 8   101 3   HOH TIP A . 
E 3 HOH 9   102 102 HOH TIP A . 
E 3 HOH 10  103 8   HOH TIP A . 
E 3 HOH 11  104 104 HOH TIP A . 
E 3 HOH 12  105 105 HOH TIP A . 
E 3 HOH 13  106 10  HOH TIP A . 
E 3 HOH 14  107 107 HOH TIP A . 
E 3 HOH 15  108 11  HOH TIP A . 
E 3 HOH 16  109 109 HOH TIP A . 
E 3 HOH 17  110 110 HOH TIP A . 
E 3 HOH 18  111 13  HOH TIP A . 
E 3 HOH 19  112 17  HOH TIP A . 
E 3 HOH 20  113 113 HOH TIP A . 
E 3 HOH 21  114 114 HOH TIP A . 
E 3 HOH 22  115 18  HOH TIP A . 
E 3 HOH 23  116 20  HOH TIP A . 
E 3 HOH 24  117 22  HOH TIP A . 
E 3 HOH 25  118 24  HOH TIP A . 
E 3 HOH 26  119 26  HOH TIP A . 
E 3 HOH 27  120 28  HOH TIP A . 
E 3 HOH 28  121 121 HOH TIP A . 
E 3 HOH 29  122 122 HOH TIP A . 
E 3 HOH 30  123 123 HOH TIP A . 
E 3 HOH 31  124 124 HOH TIP A . 
E 3 HOH 32  125 31  HOH TIP A . 
E 3 HOH 33  126 126 HOH TIP A . 
E 3 HOH 34  127 127 HOH TIP A . 
E 3 HOH 35  128 128 HOH TIP A . 
E 3 HOH 36  129 129 HOH TIP A . 
E 3 HOH 37  130 33  HOH TIP A . 
E 3 HOH 38  131 40  HOH TIP A . 
E 3 HOH 39  132 132 HOH TIP A . 
E 3 HOH 40  133 42  HOH TIP A . 
E 3 HOH 41  134 134 HOH TIP A . 
E 3 HOH 42  135 135 HOH TIP A . 
E 3 HOH 43  136 44  HOH TIP A . 
E 3 HOH 44  137 137 HOH TIP A . 
E 3 HOH 45  138 138 HOH TIP A . 
E 3 HOH 46  139 139 HOH TIP A . 
E 3 HOH 47  140 140 HOH TIP A . 
E 3 HOH 48  141 45  HOH TIP A . 
E 3 HOH 49  142 142 HOH TIP A . 
E 3 HOH 50  143 143 HOH TIP A . 
E 3 HOH 51  144 46  HOH TIP A . 
E 3 HOH 52  145 47  HOH TIP A . 
E 3 HOH 53  146 146 HOH TIP A . 
E 3 HOH 54  147 147 HOH TIP A . 
E 3 HOH 55  148 50  HOH TIP A . 
E 3 HOH 56  149 51  HOH TIP A . 
E 3 HOH 57  150 150 HOH TIP A . 
E 3 HOH 58  151 53  HOH TIP A . 
E 3 HOH 59  152 152 HOH TIP A . 
E 3 HOH 60  153 153 HOH TIP A . 
E 3 HOH 61  154 154 HOH TIP A . 
E 3 HOH 62  155 155 HOH TIP A . 
E 3 HOH 63  156 58  HOH TIP A . 
E 3 HOH 64  157 61  HOH TIP A . 
E 3 HOH 65  158 158 HOH TIP A . 
E 3 HOH 66  159 66  HOH TIP A . 
E 3 HOH 67  160 160 HOH TIP A . 
E 3 HOH 68  161 67  HOH TIP A . 
E 3 HOH 69  162 162 HOH TIP A . 
E 3 HOH 70  163 163 HOH TIP A . 
E 3 HOH 71  164 69  HOH TIP A . 
E 3 HOH 72  165 70  HOH TIP A . 
E 3 HOH 73  166 72  HOH TIP A . 
E 3 HOH 74  167 74  HOH TIP A . 
E 3 HOH 75  168 78  HOH TIP A . 
E 3 HOH 76  169 79  HOH TIP A . 
E 3 HOH 77  170 84  HOH TIP A . 
E 3 HOH 78  171 171 HOH TIP A . 
E 3 HOH 79  172 92  HOH TIP A . 
E 3 HOH 80  173 93  HOH TIP A . 
E 3 HOH 81  174 108 HOH TIP A . 
E 3 HOH 82  175 175 HOH TIP A . 
E 3 HOH 83  179 179 HOH TIP A . 
E 3 HOH 84  183 183 HOH TIP A . 
E 3 HOH 85  184 184 HOH TIP A . 
E 3 HOH 86  185 185 HOH TIP A . 
E 3 HOH 87  192 192 HOH TIP A . 
E 3 HOH 88  193 193 HOH TIP A . 
E 3 HOH 89  195 195 HOH TIP A . 
E 3 HOH 90  199 199 HOH TIP A . 
E 3 HOH 91  202 202 HOH TIP A . 
E 3 HOH 92  203 203 HOH TIP A . 
E 3 HOH 93  204 204 HOH TIP A . 
E 3 HOH 94  205 205 HOH TIP A . 
E 3 HOH 95  209 209 HOH TIP A . 
E 3 HOH 96  214 214 HOH TIP A . 
E 3 HOH 97  215 215 HOH TIP A . 
E 3 HOH 98  216 216 HOH TIP A . 
E 3 HOH 99  219 219 HOH TIP A . 
E 3 HOH 100 220 220 HOH TIP A . 
E 3 HOH 101 223 223 HOH TIP A . 
E 3 HOH 102 225 225 HOH TIP A . 
E 3 HOH 103 226 226 HOH TIP A . 
E 3 HOH 104 231 231 HOH TIP A . 
E 3 HOH 105 233 233 HOH TIP A . 
F 3 HOH 1   94  4   HOH TIP B . 
F 3 HOH 2   95  5   HOH TIP B . 
F 3 HOH 3   96  96  HOH TIP B . 
F 3 HOH 4   97  6   HOH TIP B . 
F 3 HOH 5   98  7   HOH TIP B . 
F 3 HOH 6   99  9   HOH TIP B . 
F 3 HOH 7   100 100 HOH TIP B . 
F 3 HOH 8   101 101 HOH TIP B . 
F 3 HOH 9   102 12  HOH TIP B . 
F 3 HOH 10  103 103 HOH TIP B . 
F 3 HOH 11  104 14  HOH TIP B . 
F 3 HOH 12  105 15  HOH TIP B . 
F 3 HOH 13  106 106 HOH TIP B . 
F 3 HOH 14  107 16  HOH TIP B . 
F 3 HOH 15  109 19  HOH TIP B . 
F 3 HOH 16  110 21  HOH TIP B . 
F 3 HOH 17  111 111 HOH TIP B . 
F 3 HOH 18  112 112 HOH TIP B . 
F 3 HOH 19  113 23  HOH TIP B . 
F 3 HOH 20  114 25  HOH TIP B . 
F 3 HOH 21  115 115 HOH TIP B . 
F 3 HOH 22  116 27  HOH TIP B . 
F 3 HOH 23  117 30  HOH TIP B . 
F 3 HOH 24  118 118 HOH TIP B . 
F 3 HOH 25  119 119 HOH TIP B . 
F 3 HOH 26  120 120 HOH TIP B . 
F 3 HOH 27  121 32  HOH TIP B . 
F 3 HOH 28  122 35  HOH TIP B . 
F 3 HOH 29  123 36  HOH TIP B . 
F 3 HOH 30  124 37  HOH TIP B . 
F 3 HOH 31  125 125 HOH TIP B . 
F 3 HOH 32  126 38  HOH TIP B . 
F 3 HOH 33  127 39  HOH TIP B . 
F 3 HOH 34  128 41  HOH TIP B . 
F 3 HOH 35  129 48  HOH TIP B . 
F 3 HOH 36  130 130 HOH TIP B . 
F 3 HOH 37  131 131 HOH TIP B . 
F 3 HOH 38  132 49  HOH TIP B . 
F 3 HOH 39  133 133 HOH TIP B . 
F 3 HOH 40  134 52  HOH TIP B . 
F 3 HOH 41  135 54  HOH TIP B . 
F 3 HOH 42  136 136 HOH TIP B . 
F 3 HOH 43  137 57  HOH TIP B . 
F 3 HOH 44  138 59  HOH TIP B . 
F 3 HOH 45  139 60  HOH TIP B . 
F 3 HOH 46  140 63  HOH TIP B . 
F 3 HOH 47  141 141 HOH TIP B . 
F 3 HOH 48  142 64  HOH TIP B . 
F 3 HOH 49  143 65  HOH TIP B . 
F 3 HOH 50  144 68  HOH TIP B . 
F 3 HOH 51  145 145 HOH TIP B . 
F 3 HOH 52  146 71  HOH TIP B . 
F 3 HOH 53  147 73  HOH TIP B . 
F 3 HOH 54  148 148 HOH TIP B . 
F 3 HOH 55  149 149 HOH TIP B . 
F 3 HOH 56  150 75  HOH TIP B . 
F 3 HOH 57  151 151 HOH TIP B . 
F 3 HOH 58  152 76  HOH TIP B . 
F 3 HOH 59  153 77  HOH TIP B . 
F 3 HOH 60  154 80  HOH TIP B . 
F 3 HOH 61  155 81  HOH TIP B . 
F 3 HOH 62  156 156 HOH TIP B . 
F 3 HOH 63  157 157 HOH TIP B . 
F 3 HOH 64  158 82  HOH TIP B . 
F 3 HOH 65  159 159 HOH TIP B . 
F 3 HOH 66  160 83  HOH TIP B . 
F 3 HOH 67  161 161 HOH TIP B . 
F 3 HOH 68  162 85  HOH TIP B . 
F 3 HOH 69  163 87  HOH TIP B . 
F 3 HOH 70  164 90  HOH TIP B . 
F 3 HOH 71  165 165 HOH TIP B . 
F 3 HOH 72  166 166 HOH TIP B . 
F 3 HOH 73  168 168 HOH TIP B . 
F 3 HOH 74  169 169 HOH TIP B . 
F 3 HOH 75  172 172 HOH TIP B . 
F 3 HOH 76  173 173 HOH TIP B . 
F 3 HOH 77  174 174 HOH TIP B . 
F 3 HOH 78  178 178 HOH TIP B . 
F 3 HOH 79  180 180 HOH TIP B . 
F 3 HOH 80  181 181 HOH TIP B . 
F 3 HOH 81  187 187 HOH TIP B . 
F 3 HOH 82  188 188 HOH TIP B . 
F 3 HOH 83  190 190 HOH TIP B . 
F 3 HOH 84  191 191 HOH TIP B . 
F 3 HOH 85  200 200 HOH TIP B . 
F 3 HOH 86  201 201 HOH TIP B . 
F 3 HOH 87  206 206 HOH TIP B . 
F 3 HOH 88  207 207 HOH TIP B . 
F 3 HOH 89  208 208 HOH TIP B . 
F 3 HOH 90  213 213 HOH TIP B . 
F 3 HOH 91  217 217 HOH TIP B . 
F 3 HOH 92  218 218 HOH TIP B . 
F 3 HOH 93  232 232 HOH TIP B . 
F 3 HOH 94  234 234 HOH TIP B . 
F 3 HOH 95  238 238 HOH TIP B . 
# 
_pdbx_struct_assembly.id                   1 
_pdbx_struct_assembly.details              author_and_software_defined_assembly 
_pdbx_struct_assembly.method_details       PISA 
_pdbx_struct_assembly.oligomeric_details   dimeric 
_pdbx_struct_assembly.oligomeric_count     2 
# 
_pdbx_struct_assembly_gen.assembly_id       1 
_pdbx_struct_assembly_gen.oper_expression   1 
_pdbx_struct_assembly_gen.asym_id_list      A,B,C,D,E,F 
# 
loop_
_pdbx_struct_assembly_prop.biol_id 
_pdbx_struct_assembly_prop.type 
_pdbx_struct_assembly_prop.value 
_pdbx_struct_assembly_prop.details 
1 'ABSA (A^2)' 3640 ? 
1 MORE         -23  ? 
1 'SSA (A^2)'  9750 ? 
# 
_pdbx_struct_oper_list.id                   1 
_pdbx_struct_oper_list.type                 'identity operation' 
_pdbx_struct_oper_list.name                 1_555 
_pdbx_struct_oper_list.symmetry_operation   x,y,z 
_pdbx_struct_oper_list.matrix[1][1]         1.0000000000 
_pdbx_struct_oper_list.matrix[1][2]         0.0000000000 
_pdbx_struct_oper_list.matrix[1][3]         0.0000000000 
_pdbx_struct_oper_list.vector[1]            0.0000000000 
_pdbx_struct_oper_list.matrix[2][1]         0.0000000000 
_pdbx_struct_oper_list.matrix[2][2]         1.0000000000 
_pdbx_struct_oper_list.matrix[2][3]         0.0000000000 
_pdbx_struct_oper_list.vector[2]            0.0000000000 
_pdbx_struct_oper_list.matrix[3][1]         0.0000000000 
_pdbx_struct_oper_list.matrix[3][2]         0.0000000000 
_pdbx_struct_oper_list.matrix[3][3]         1.0000000000 
_pdbx_struct_oper_list.vector[3]            0.0000000000 
# 
loop_
_pdbx_audit_revision_history.ordinal 
_pdbx_audit_revision_history.data_content_type 
_pdbx_audit_revision_history.major_revision 
_pdbx_audit_revision_history.minor_revision 
_pdbx_audit_revision_history.revision_date 
1 'Structure model' 1 0 2009-11-17 
2 'Structure model' 1 1 2011-07-13 
3 'Structure model' 1 2 2023-11-01 
# 
_pdbx_audit_revision_details.ordinal             1 
_pdbx_audit_revision_details.revision_ordinal    1 
_pdbx_audit_revision_details.data_content_type   'Structure model' 
_pdbx_audit_revision_details.provider            repository 
_pdbx_audit_revision_details.type                'Initial release' 
_pdbx_audit_revision_details.description         ? 
_pdbx_audit_revision_details.details             ? 
# 
loop_
_pdbx_audit_revision_group.ordinal 
_pdbx_audit_revision_group.revision_ordinal 
_pdbx_audit_revision_group.data_content_type 
_pdbx_audit_revision_group.group 
1 2 'Structure model' 'Non-polymer description'   
2 2 'Structure model' 'Version format compliance' 
3 3 'Structure model' 'Data collection'           
4 3 'Structure model' 'Database references'       
5 3 'Structure model' 'Derived calculations'      
6 3 'Structure model' 'Refinement description'    
# 
loop_
_pdbx_audit_revision_category.ordinal 
_pdbx_audit_revision_category.revision_ordinal 
_pdbx_audit_revision_category.data_content_type 
_pdbx_audit_revision_category.category 
1 3 'Structure model' chem_comp_atom                
2 3 'Structure model' chem_comp_bond                
3 3 'Structure model' database_2                    
4 3 'Structure model' pdbx_initial_refinement_model 
5 3 'Structure model' struct_site                   
# 
loop_
_pdbx_audit_revision_item.ordinal 
_pdbx_audit_revision_item.revision_ordinal 
_pdbx_audit_revision_item.data_content_type 
_pdbx_audit_revision_item.item 
1 3 'Structure model' '_database_2.pdbx_DOI'                
2 3 'Structure model' '_database_2.pdbx_database_accession' 
3 3 'Structure model' '_struct_site.pdbx_auth_asym_id'      
4 3 'Structure model' '_struct_site.pdbx_auth_comp_id'      
5 3 'Structure model' '_struct_site.pdbx_auth_seq_id'       
# 
loop_
_software.name 
_software.classification 
_software.version 
_software.citation_id 
_software.pdbx_ordinal 
CNS      refinement        1.1 ? 1 
BSS      'data collection' .   ? 2 
HKL-2000 'data reduction'  .   ? 3 
HKL-2000 'data scaling'    .   ? 4 
AMoRE    phasing           .   ? 5 
# 
loop_
_pdbx_unobs_or_zero_occ_residues.id 
_pdbx_unobs_or_zero_occ_residues.PDB_model_num 
_pdbx_unobs_or_zero_occ_residues.polymer_flag 
_pdbx_unobs_or_zero_occ_residues.occupancy_flag 
_pdbx_unobs_or_zero_occ_residues.auth_asym_id 
_pdbx_unobs_or_zero_occ_residues.auth_comp_id 
_pdbx_unobs_or_zero_occ_residues.auth_seq_id 
_pdbx_unobs_or_zero_occ_residues.PDB_ins_code 
_pdbx_unobs_or_zero_occ_residues.label_asym_id 
_pdbx_unobs_or_zero_occ_residues.label_comp_id 
_pdbx_unobs_or_zero_occ_residues.label_seq_id 
1  1 Y 1 A MET 1  ? A MET 1  
2  1 Y 1 A SER 2  ? A SER 2  
3  1 Y 1 A LYS 3  ? A LYS 3  
4  1 Y 1 A ASP 89 ? A ASP 89 
5  1 Y 1 A SER 90 ? A SER 90 
6  1 Y 1 A SER 91 ? A SER 91 
7  1 Y 1 A ASN 92 ? A ASN 92 
8  1 Y 1 B MET 1  ? B MET 1  
9  1 Y 1 B SER 2  ? B SER 2  
10 1 Y 1 B LYS 3  ? B LYS 3  
11 1 Y 1 B ASP 89 ? B ASP 89 
12 1 Y 1 B SER 90 ? B SER 90 
13 1 Y 1 B SER 91 ? B SER 91 
14 1 Y 1 B ASN 92 ? B ASN 92 
# 
loop_
_chem_comp_atom.comp_id 
_chem_comp_atom.atom_id 
_chem_comp_atom.type_symbol 
_chem_comp_atom.pdbx_aromatic_flag 
_chem_comp_atom.pdbx_stereo_config 
_chem_comp_atom.pdbx_ordinal 
ALA N    N N N 1   
ALA CA   C N S 2   
ALA C    C N N 3   
ALA O    O N N 4   
ALA CB   C N N 5   
ALA OXT  O N N 6   
ALA H    H N N 7   
ALA H2   H N N 8   
ALA HA   H N N 9   
ALA HB1  H N N 10  
ALA HB2  H N N 11  
ALA HB3  H N N 12  
ALA HXT  H N N 13  
ARG N    N N N 14  
ARG CA   C N S 15  
ARG C    C N N 16  
ARG O    O N N 17  
ARG CB   C N N 18  
ARG CG   C N N 19  
ARG CD   C N N 20  
ARG NE   N N N 21  
ARG CZ   C N N 22  
ARG NH1  N N N 23  
ARG NH2  N N N 24  
ARG OXT  O N N 25  
ARG H    H N N 26  
ARG H2   H N N 27  
ARG HA   H N N 28  
ARG HB2  H N N 29  
ARG HB3  H N N 30  
ARG HG2  H N N 31  
ARG HG3  H N N 32  
ARG HD2  H N N 33  
ARG HD3  H N N 34  
ARG HE   H N N 35  
ARG HH11 H N N 36  
ARG HH12 H N N 37  
ARG HH21 H N N 38  
ARG HH22 H N N 39  
ARG HXT  H N N 40  
ASN N    N N N 41  
ASN CA   C N S 42  
ASN C    C N N 43  
ASN O    O N N 44  
ASN CB   C N N 45  
ASN CG   C N N 46  
ASN OD1  O N N 47  
ASN ND2  N N N 48  
ASN OXT  O N N 49  
ASN H    H N N 50  
ASN H2   H N N 51  
ASN HA   H N N 52  
ASN HB2  H N N 53  
ASN HB3  H N N 54  
ASN HD21 H N N 55  
ASN HD22 H N N 56  
ASN HXT  H N N 57  
ASP N    N N N 58  
ASP CA   C N S 59  
ASP C    C N N 60  
ASP O    O N N 61  
ASP CB   C N N 62  
ASP CG   C N N 63  
ASP OD1  O N N 64  
ASP OD2  O N N 65  
ASP OXT  O N N 66  
ASP H    H N N 67  
ASP H2   H N N 68  
ASP HA   H N N 69  
ASP HB2  H N N 70  
ASP HB3  H N N 71  
ASP HD2  H N N 72  
ASP HXT  H N N 73  
GLN N    N N N 74  
GLN CA   C N S 75  
GLN C    C N N 76  
GLN O    O N N 77  
GLN CB   C N N 78  
GLN CG   C N N 79  
GLN CD   C N N 80  
GLN OE1  O N N 81  
GLN NE2  N N N 82  
GLN OXT  O N N 83  
GLN H    H N N 84  
GLN H2   H N N 85  
GLN HA   H N N 86  
GLN HB2  H N N 87  
GLN HB3  H N N 88  
GLN HG2  H N N 89  
GLN HG3  H N N 90  
GLN HE21 H N N 91  
GLN HE22 H N N 92  
GLN HXT  H N N 93  
GLU N    N N N 94  
GLU CA   C N S 95  
GLU C    C N N 96  
GLU O    O N N 97  
GLU CB   C N N 98  
GLU CG   C N N 99  
GLU CD   C N N 100 
GLU OE1  O N N 101 
GLU OE2  O N N 102 
GLU OXT  O N N 103 
GLU H    H N N 104 
GLU H2   H N N 105 
GLU HA   H N N 106 
GLU HB2  H N N 107 
GLU HB3  H N N 108 
GLU HG2  H N N 109 
GLU HG3  H N N 110 
GLU HE2  H N N 111 
GLU HXT  H N N 112 
GLY N    N N N 113 
GLY CA   C N N 114 
GLY C    C N N 115 
GLY O    O N N 116 
GLY OXT  O N N 117 
GLY H    H N N 118 
GLY H2   H N N 119 
GLY HA2  H N N 120 
GLY HA3  H N N 121 
GLY HXT  H N N 122 
GOL C1   C N N 123 
GOL O1   O N N 124 
GOL C2   C N N 125 
GOL O2   O N N 126 
GOL C3   C N N 127 
GOL O3   O N N 128 
GOL H11  H N N 129 
GOL H12  H N N 130 
GOL HO1  H N N 131 
GOL H2   H N N 132 
GOL HO2  H N N 133 
GOL H31  H N N 134 
GOL H32  H N N 135 
GOL HO3  H N N 136 
HIS N    N N N 137 
HIS CA   C N S 138 
HIS C    C N N 139 
HIS O    O N N 140 
HIS CB   C N N 141 
HIS CG   C Y N 142 
HIS ND1  N Y N 143 
HIS CD2  C Y N 144 
HIS CE1  C Y N 145 
HIS NE2  N Y N 146 
HIS OXT  O N N 147 
HIS H    H N N 148 
HIS H2   H N N 149 
HIS HA   H N N 150 
HIS HB2  H N N 151 
HIS HB3  H N N 152 
HIS HD1  H N N 153 
HIS HD2  H N N 154 
HIS HE1  H N N 155 
HIS HE2  H N N 156 
HIS HXT  H N N 157 
HOH O    O N N 158 
HOH H1   H N N 159 
HOH H2   H N N 160 
ILE N    N N N 161 
ILE CA   C N S 162 
ILE C    C N N 163 
ILE O    O N N 164 
ILE CB   C N S 165 
ILE CG1  C N N 166 
ILE CG2  C N N 167 
ILE CD1  C N N 168 
ILE OXT  O N N 169 
ILE H    H N N 170 
ILE H2   H N N 171 
ILE HA   H N N 172 
ILE HB   H N N 173 
ILE HG12 H N N 174 
ILE HG13 H N N 175 
ILE HG21 H N N 176 
ILE HG22 H N N 177 
ILE HG23 H N N 178 
ILE HD11 H N N 179 
ILE HD12 H N N 180 
ILE HD13 H N N 181 
ILE HXT  H N N 182 
LEU N    N N N 183 
LEU CA   C N S 184 
LEU C    C N N 185 
LEU O    O N N 186 
LEU CB   C N N 187 
LEU CG   C N N 188 
LEU CD1  C N N 189 
LEU CD2  C N N 190 
LEU OXT  O N N 191 
LEU H    H N N 192 
LEU H2   H N N 193 
LEU HA   H N N 194 
LEU HB2  H N N 195 
LEU HB3  H N N 196 
LEU HG   H N N 197 
LEU HD11 H N N 198 
LEU HD12 H N N 199 
LEU HD13 H N N 200 
LEU HD21 H N N 201 
LEU HD22 H N N 202 
LEU HD23 H N N 203 
LEU HXT  H N N 204 
LYS N    N N N 205 
LYS CA   C N S 206 
LYS C    C N N 207 
LYS O    O N N 208 
LYS CB   C N N 209 
LYS CG   C N N 210 
LYS CD   C N N 211 
LYS CE   C N N 212 
LYS NZ   N N N 213 
LYS OXT  O N N 214 
LYS H    H N N 215 
LYS H2   H N N 216 
LYS HA   H N N 217 
LYS HB2  H N N 218 
LYS HB3  H N N 219 
LYS HG2  H N N 220 
LYS HG3  H N N 221 
LYS HD2  H N N 222 
LYS HD3  H N N 223 
LYS HE2  H N N 224 
LYS HE3  H N N 225 
LYS HZ1  H N N 226 
LYS HZ2  H N N 227 
LYS HZ3  H N N 228 
LYS HXT  H N N 229 
MET N    N N N 230 
MET CA   C N S 231 
MET C    C N N 232 
MET O    O N N 233 
MET CB   C N N 234 
MET CG   C N N 235 
MET SD   S N N 236 
MET CE   C N N 237 
MET OXT  O N N 238 
MET H    H N N 239 
MET H2   H N N 240 
MET HA   H N N 241 
MET HB2  H N N 242 
MET HB3  H N N 243 
MET HG2  H N N 244 
MET HG3  H N N 245 
MET HE1  H N N 246 
MET HE2  H N N 247 
MET HE3  H N N 248 
MET HXT  H N N 249 
PHE N    N N N 250 
PHE CA   C N S 251 
PHE C    C N N 252 
PHE O    O N N 253 
PHE CB   C N N 254 
PHE CG   C Y N 255 
PHE CD1  C Y N 256 
PHE CD2  C Y N 257 
PHE CE1  C Y N 258 
PHE CE2  C Y N 259 
PHE CZ   C Y N 260 
PHE OXT  O N N 261 
PHE H    H N N 262 
PHE H2   H N N 263 
PHE HA   H N N 264 
PHE HB2  H N N 265 
PHE HB3  H N N 266 
PHE HD1  H N N 267 
PHE HD2  H N N 268 
PHE HE1  H N N 269 
PHE HE2  H N N 270 
PHE HZ   H N N 271 
PHE HXT  H N N 272 
PRO N    N N N 273 
PRO CA   C N S 274 
PRO C    C N N 275 
PRO O    O N N 276 
PRO CB   C N N 277 
PRO CG   C N N 278 
PRO CD   C N N 279 
PRO OXT  O N N 280 
PRO H    H N N 281 
PRO HA   H N N 282 
PRO HB2  H N N 283 
PRO HB3  H N N 284 
PRO HG2  H N N 285 
PRO HG3  H N N 286 
PRO HD2  H N N 287 
PRO HD3  H N N 288 
PRO HXT  H N N 289 
SER N    N N N 290 
SER CA   C N S 291 
SER C    C N N 292 
SER O    O N N 293 
SER CB   C N N 294 
SER OG   O N N 295 
SER OXT  O N N 296 
SER H    H N N 297 
SER H2   H N N 298 
SER HA   H N N 299 
SER HB2  H N N 300 
SER HB3  H N N 301 
SER HG   H N N 302 
SER HXT  H N N 303 
THR N    N N N 304 
THR CA   C N S 305 
THR C    C N N 306 
THR O    O N N 307 
THR CB   C N R 308 
THR OG1  O N N 309 
THR CG2  C N N 310 
THR OXT  O N N 311 
THR H    H N N 312 
THR H2   H N N 313 
THR HA   H N N 314 
THR HB   H N N 315 
THR HG1  H N N 316 
THR HG21 H N N 317 
THR HG22 H N N 318 
THR HG23 H N N 319 
THR HXT  H N N 320 
TYR N    N N N 321 
TYR CA   C N S 322 
TYR C    C N N 323 
TYR O    O N N 324 
TYR CB   C N N 325 
TYR CG   C Y N 326 
TYR CD1  C Y N 327 
TYR CD2  C Y N 328 
TYR CE1  C Y N 329 
TYR CE2  C Y N 330 
TYR CZ   C Y N 331 
TYR OH   O N N 332 
TYR OXT  O N N 333 
TYR H    H N N 334 
TYR H2   H N N 335 
TYR HA   H N N 336 
TYR HB2  H N N 337 
TYR HB3  H N N 338 
TYR HD1  H N N 339 
TYR HD2  H N N 340 
TYR HE1  H N N 341 
TYR HE2  H N N 342 
TYR HH   H N N 343 
TYR HXT  H N N 344 
VAL N    N N N 345 
VAL CA   C N S 346 
VAL C    C N N 347 
VAL O    O N N 348 
VAL CB   C N N 349 
VAL CG1  C N N 350 
VAL CG2  C N N 351 
VAL OXT  O N N 352 
VAL H    H N N 353 
VAL H2   H N N 354 
VAL HA   H N N 355 
VAL HB   H N N 356 
VAL HG11 H N N 357 
VAL HG12 H N N 358 
VAL HG13 H N N 359 
VAL HG21 H N N 360 
VAL HG22 H N N 361 
VAL HG23 H N N 362 
VAL HXT  H N N 363 
# 
loop_
_chem_comp_bond.comp_id 
_chem_comp_bond.atom_id_1 
_chem_comp_bond.atom_id_2 
_chem_comp_bond.value_order 
_chem_comp_bond.pdbx_aromatic_flag 
_chem_comp_bond.pdbx_stereo_config 
_chem_comp_bond.pdbx_ordinal 
ALA N   CA   sing N N 1   
ALA N   H    sing N N 2   
ALA N   H2   sing N N 3   
ALA CA  C    sing N N 4   
ALA CA  CB   sing N N 5   
ALA CA  HA   sing N N 6   
ALA C   O    doub N N 7   
ALA C   OXT  sing N N 8   
ALA CB  HB1  sing N N 9   
ALA CB  HB2  sing N N 10  
ALA CB  HB3  sing N N 11  
ALA OXT HXT  sing N N 12  
ARG N   CA   sing N N 13  
ARG N   H    sing N N 14  
ARG N   H2   sing N N 15  
ARG CA  C    sing N N 16  
ARG CA  CB   sing N N 17  
ARG CA  HA   sing N N 18  
ARG C   O    doub N N 19  
ARG C   OXT  sing N N 20  
ARG CB  CG   sing N N 21  
ARG CB  HB2  sing N N 22  
ARG CB  HB3  sing N N 23  
ARG CG  CD   sing N N 24  
ARG CG  HG2  sing N N 25  
ARG CG  HG3  sing N N 26  
ARG CD  NE   sing N N 27  
ARG CD  HD2  sing N N 28  
ARG CD  HD3  sing N N 29  
ARG NE  CZ   sing N N 30  
ARG NE  HE   sing N N 31  
ARG CZ  NH1  sing N N 32  
ARG CZ  NH2  doub N N 33  
ARG NH1 HH11 sing N N 34  
ARG NH1 HH12 sing N N 35  
ARG NH2 HH21 sing N N 36  
ARG NH2 HH22 sing N N 37  
ARG OXT HXT  sing N N 38  
ASN N   CA   sing N N 39  
ASN N   H    sing N N 40  
ASN N   H2   sing N N 41  
ASN CA  C    sing N N 42  
ASN CA  CB   sing N N 43  
ASN CA  HA   sing N N 44  
ASN C   O    doub N N 45  
ASN C   OXT  sing N N 46  
ASN CB  CG   sing N N 47  
ASN CB  HB2  sing N N 48  
ASN CB  HB3  sing N N 49  
ASN CG  OD1  doub N N 50  
ASN CG  ND2  sing N N 51  
ASN ND2 HD21 sing N N 52  
ASN ND2 HD22 sing N N 53  
ASN OXT HXT  sing N N 54  
ASP N   CA   sing N N 55  
ASP N   H    sing N N 56  
ASP N   H2   sing N N 57  
ASP CA  C    sing N N 58  
ASP CA  CB   sing N N 59  
ASP CA  HA   sing N N 60  
ASP C   O    doub N N 61  
ASP C   OXT  sing N N 62  
ASP CB  CG   sing N N 63  
ASP CB  HB2  sing N N 64  
ASP CB  HB3  sing N N 65  
ASP CG  OD1  doub N N 66  
ASP CG  OD2  sing N N 67  
ASP OD2 HD2  sing N N 68  
ASP OXT HXT  sing N N 69  
GLN N   CA   sing N N 70  
GLN N   H    sing N N 71  
GLN N   H2   sing N N 72  
GLN CA  C    sing N N 73  
GLN CA  CB   sing N N 74  
GLN CA  HA   sing N N 75  
GLN C   O    doub N N 76  
GLN C   OXT  sing N N 77  
GLN CB  CG   sing N N 78  
GLN CB  HB2  sing N N 79  
GLN CB  HB3  sing N N 80  
GLN CG  CD   sing N N 81  
GLN CG  HG2  sing N N 82  
GLN CG  HG3  sing N N 83  
GLN CD  OE1  doub N N 84  
GLN CD  NE2  sing N N 85  
GLN NE2 HE21 sing N N 86  
GLN NE2 HE22 sing N N 87  
GLN OXT HXT  sing N N 88  
GLU N   CA   sing N N 89  
GLU N   H    sing N N 90  
GLU N   H2   sing N N 91  
GLU CA  C    sing N N 92  
GLU CA  CB   sing N N 93  
GLU CA  HA   sing N N 94  
GLU C   O    doub N N 95  
GLU C   OXT  sing N N 96  
GLU CB  CG   sing N N 97  
GLU CB  HB2  sing N N 98  
GLU CB  HB3  sing N N 99  
GLU CG  CD   sing N N 100 
GLU CG  HG2  sing N N 101 
GLU CG  HG3  sing N N 102 
GLU CD  OE1  doub N N 103 
GLU CD  OE2  sing N N 104 
GLU OE2 HE2  sing N N 105 
GLU OXT HXT  sing N N 106 
GLY N   CA   sing N N 107 
GLY N   H    sing N N 108 
GLY N   H2   sing N N 109 
GLY CA  C    sing N N 110 
GLY CA  HA2  sing N N 111 
GLY CA  HA3  sing N N 112 
GLY C   O    doub N N 113 
GLY C   OXT  sing N N 114 
GLY OXT HXT  sing N N 115 
GOL C1  O1   sing N N 116 
GOL C1  C2   sing N N 117 
GOL C1  H11  sing N N 118 
GOL C1  H12  sing N N 119 
GOL O1  HO1  sing N N 120 
GOL C2  O2   sing N N 121 
GOL C2  C3   sing N N 122 
GOL C2  H2   sing N N 123 
GOL O2  HO2  sing N N 124 
GOL C3  O3   sing N N 125 
GOL C3  H31  sing N N 126 
GOL C3  H32  sing N N 127 
GOL O3  HO3  sing N N 128 
HIS N   CA   sing N N 129 
HIS N   H    sing N N 130 
HIS N   H2   sing N N 131 
HIS CA  C    sing N N 132 
HIS CA  CB   sing N N 133 
HIS CA  HA   sing N N 134 
HIS C   O    doub N N 135 
HIS C   OXT  sing N N 136 
HIS CB  CG   sing N N 137 
HIS CB  HB2  sing N N 138 
HIS CB  HB3  sing N N 139 
HIS CG  ND1  sing Y N 140 
HIS CG  CD2  doub Y N 141 
HIS ND1 CE1  doub Y N 142 
HIS ND1 HD1  sing N N 143 
HIS CD2 NE2  sing Y N 144 
HIS CD2 HD2  sing N N 145 
HIS CE1 NE2  sing Y N 146 
HIS CE1 HE1  sing N N 147 
HIS NE2 HE2  sing N N 148 
HIS OXT HXT  sing N N 149 
HOH O   H1   sing N N 150 
HOH O   H2   sing N N 151 
ILE N   CA   sing N N 152 
ILE N   H    sing N N 153 
ILE N   H2   sing N N 154 
ILE CA  C    sing N N 155 
ILE CA  CB   sing N N 156 
ILE CA  HA   sing N N 157 
ILE C   O    doub N N 158 
ILE C   OXT  sing N N 159 
ILE CB  CG1  sing N N 160 
ILE CB  CG2  sing N N 161 
ILE CB  HB   sing N N 162 
ILE CG1 CD1  sing N N 163 
ILE CG1 HG12 sing N N 164 
ILE CG1 HG13 sing N N 165 
ILE CG2 HG21 sing N N 166 
ILE CG2 HG22 sing N N 167 
ILE CG2 HG23 sing N N 168 
ILE CD1 HD11 sing N N 169 
ILE CD1 HD12 sing N N 170 
ILE CD1 HD13 sing N N 171 
ILE OXT HXT  sing N N 172 
LEU N   CA   sing N N 173 
LEU N   H    sing N N 174 
LEU N   H2   sing N N 175 
LEU CA  C    sing N N 176 
LEU CA  CB   sing N N 177 
LEU CA  HA   sing N N 178 
LEU C   O    doub N N 179 
LEU C   OXT  sing N N 180 
LEU CB  CG   sing N N 181 
LEU CB  HB2  sing N N 182 
LEU CB  HB3  sing N N 183 
LEU CG  CD1  sing N N 184 
LEU CG  CD2  sing N N 185 
LEU CG  HG   sing N N 186 
LEU CD1 HD11 sing N N 187 
LEU CD1 HD12 sing N N 188 
LEU CD1 HD13 sing N N 189 
LEU CD2 HD21 sing N N 190 
LEU CD2 HD22 sing N N 191 
LEU CD2 HD23 sing N N 192 
LEU OXT HXT  sing N N 193 
LYS N   CA   sing N N 194 
LYS N   H    sing N N 195 
LYS N   H2   sing N N 196 
LYS CA  C    sing N N 197 
LYS CA  CB   sing N N 198 
LYS CA  HA   sing N N 199 
LYS C   O    doub N N 200 
LYS C   OXT  sing N N 201 
LYS CB  CG   sing N N 202 
LYS CB  HB2  sing N N 203 
LYS CB  HB3  sing N N 204 
LYS CG  CD   sing N N 205 
LYS CG  HG2  sing N N 206 
LYS CG  HG3  sing N N 207 
LYS CD  CE   sing N N 208 
LYS CD  HD2  sing N N 209 
LYS CD  HD3  sing N N 210 
LYS CE  NZ   sing N N 211 
LYS CE  HE2  sing N N 212 
LYS CE  HE3  sing N N 213 
LYS NZ  HZ1  sing N N 214 
LYS NZ  HZ2  sing N N 215 
LYS NZ  HZ3  sing N N 216 
LYS OXT HXT  sing N N 217 
MET N   CA   sing N N 218 
MET N   H    sing N N 219 
MET N   H2   sing N N 220 
MET CA  C    sing N N 221 
MET CA  CB   sing N N 222 
MET CA  HA   sing N N 223 
MET C   O    doub N N 224 
MET C   OXT  sing N N 225 
MET CB  CG   sing N N 226 
MET CB  HB2  sing N N 227 
MET CB  HB3  sing N N 228 
MET CG  SD   sing N N 229 
MET CG  HG2  sing N N 230 
MET CG  HG3  sing N N 231 
MET SD  CE   sing N N 232 
MET CE  HE1  sing N N 233 
MET CE  HE2  sing N N 234 
MET CE  HE3  sing N N 235 
MET OXT HXT  sing N N 236 
PHE N   CA   sing N N 237 
PHE N   H    sing N N 238 
PHE N   H2   sing N N 239 
PHE CA  C    sing N N 240 
PHE CA  CB   sing N N 241 
PHE CA  HA   sing N N 242 
PHE C   O    doub N N 243 
PHE C   OXT  sing N N 244 
PHE CB  CG   sing N N 245 
PHE CB  HB2  sing N N 246 
PHE CB  HB3  sing N N 247 
PHE CG  CD1  doub Y N 248 
PHE CG  CD2  sing Y N 249 
PHE CD1 CE1  sing Y N 250 
PHE CD1 HD1  sing N N 251 
PHE CD2 CE2  doub Y N 252 
PHE CD2 HD2  sing N N 253 
PHE CE1 CZ   doub Y N 254 
PHE CE1 HE1  sing N N 255 
PHE CE2 CZ   sing Y N 256 
PHE CE2 HE2  sing N N 257 
PHE CZ  HZ   sing N N 258 
PHE OXT HXT  sing N N 259 
PRO N   CA   sing N N 260 
PRO N   CD   sing N N 261 
PRO N   H    sing N N 262 
PRO CA  C    sing N N 263 
PRO CA  CB   sing N N 264 
PRO CA  HA   sing N N 265 
PRO C   O    doub N N 266 
PRO C   OXT  sing N N 267 
PRO CB  CG   sing N N 268 
PRO CB  HB2  sing N N 269 
PRO CB  HB3  sing N N 270 
PRO CG  CD   sing N N 271 
PRO CG  HG2  sing N N 272 
PRO CG  HG3  sing N N 273 
PRO CD  HD2  sing N N 274 
PRO CD  HD3  sing N N 275 
PRO OXT HXT  sing N N 276 
SER N   CA   sing N N 277 
SER N   H    sing N N 278 
SER N   H2   sing N N 279 
SER CA  C    sing N N 280 
SER CA  CB   sing N N 281 
SER CA  HA   sing N N 282 
SER C   O    doub N N 283 
SER C   OXT  sing N N 284 
SER CB  OG   sing N N 285 
SER CB  HB2  sing N N 286 
SER CB  HB3  sing N N 287 
SER OG  HG   sing N N 288 
SER OXT HXT  sing N N 289 
THR N   CA   sing N N 290 
THR N   H    sing N N 291 
THR N   H2   sing N N 292 
THR CA  C    sing N N 293 
THR CA  CB   sing N N 294 
THR CA  HA   sing N N 295 
THR C   O    doub N N 296 
THR C   OXT  sing N N 297 
THR CB  OG1  sing N N 298 
THR CB  CG2  sing N N 299 
THR CB  HB   sing N N 300 
THR OG1 HG1  sing N N 301 
THR CG2 HG21 sing N N 302 
THR CG2 HG22 sing N N 303 
THR CG2 HG23 sing N N 304 
THR OXT HXT  sing N N 305 
TYR N   CA   sing N N 306 
TYR N   H    sing N N 307 
TYR N   H2   sing N N 308 
TYR CA  C    sing N N 309 
TYR CA  CB   sing N N 310 
TYR CA  HA   sing N N 311 
TYR C   O    doub N N 312 
TYR C   OXT  sing N N 313 
TYR CB  CG   sing N N 314 
TYR CB  HB2  sing N N 315 
TYR CB  HB3  sing N N 316 
TYR CG  CD1  doub Y N 317 
TYR CG  CD2  sing Y N 318 
TYR CD1 CE1  sing Y N 319 
TYR CD1 HD1  sing N N 320 
TYR CD2 CE2  doub Y N 321 
TYR CD2 HD2  sing N N 322 
TYR CE1 CZ   doub Y N 323 
TYR CE1 HE1  sing N N 324 
TYR CE2 CZ   sing Y N 325 
TYR CE2 HE2  sing N N 326 
TYR CZ  OH   sing N N 327 
TYR OH  HH   sing N N 328 
TYR OXT HXT  sing N N 329 
VAL N   CA   sing N N 330 
VAL N   H    sing N N 331 
VAL N   H2   sing N N 332 
VAL CA  C    sing N N 333 
VAL CA  CB   sing N N 334 
VAL CA  HA   sing N N 335 
VAL C   O    doub N N 336 
VAL C   OXT  sing N N 337 
VAL CB  CG1  sing N N 338 
VAL CB  CG2  sing N N 339 
VAL CB  HB   sing N N 340 
VAL CG1 HG11 sing N N 341 
VAL CG1 HG12 sing N N 342 
VAL CG1 HG13 sing N N 343 
VAL CG2 HG21 sing N N 344 
VAL CG2 HG22 sing N N 345 
VAL CG2 HG23 sing N N 346 
VAL OXT HXT  sing N N 347 
# 
loop_
_pdbx_entity_nonpoly.entity_id 
_pdbx_entity_nonpoly.name 
_pdbx_entity_nonpoly.comp_id 
2 GLYCEROL GOL 
3 water    HOH 
# 
_pdbx_initial_refinement_model.id               1 
_pdbx_initial_refinement_model.entity_id_list   ? 
_pdbx_initial_refinement_model.type             'experimental model' 
_pdbx_initial_refinement_model.source_name      PDB 
_pdbx_initial_refinement_model.accession_code   1VQ3 
_pdbx_initial_refinement_model.details          'PDB ENTRY 1VQ3' 
# 
